data_6HJY
#
_entry.id   6HJY
#
_cell.length_a   95.675
_cell.length_b   155.093
_cell.length_c   101.618
_cell.angle_alpha   90.000
_cell.angle_beta   103.080
_cell.angle_gamma   90.000
#
_symmetry.space_group_name_H-M   'P 1 21 1'
#
loop_
_entity.id
_entity.type
_entity.pdbx_description
1 polymer 'Cys-loop ligand-gated ion channel'
2 polymer 'Cys-loop ligand-gated ion channel'
3 polymer 'Cys-loop ligand-gated ion channel'
4 polymer 'Cys-loop ligand-gated ion channel'
5 polymer 'nanobody 72'
6 polymer 'nanobody 72'
#
loop_
_entity_poly.entity_id
_entity_poly.type
_entity_poly.pdbx_seq_one_letter_code
_entity_poly.pdbx_strand_id
1 'polypeptide(L)'
;ARPVDVSVSIFINKIYGVNTLEQTYKVDGYIVAQWTGKPRKTPGDKPLIVENTQIERWINNGLWVPALEFINVVGSPDTG
NKRLMLFPDGRVIYNARFLGSFSNDMDFRLFPFDRQQFVLELEPFSYNNQQLRFSDIQVYTENIDNEEIDEWWIRGKAST
HISDIRYDHLSSVQPNQNEFSRITVRIDAVRNPSYYLWSFILPLGLIIAASWSVFWLESFSERLQTSFTCMLTVVAYAFY
TSNILPRLPYTTVIDQMIIAGYGSIFAAILLIIFAHH
;
A
2 'polypeptide(L)'
;PVDARPVDVSVSIFINKIYGVNTLEQTYKVDGYIVAQWTGKPRKTPGDKPLIVENTQIERWINNGLWVPALEFINVVGSP
DTGNKRLMLFPDGRVIYNARFLGSFSNDMDFRLFPFDRQQFVLELEPFSYNNQQLRFSDIQVYTENIDNEEIDEWWIRGK
ASTHISDIRYDHLSSVQPNQNEFSRITVRIDAVRNPSYYLWSFILPLGLIIAASWSVFWLESFSERLQTSFTCMLTVVAY
AFYTSNILPRLPYTTVIDQMIIAGYGSIFAAILLIIFAHH
;
B,C
3 'polypeptide(L)'
;RPVDVSVSIFINKIYGVNTLEQTYKVDGYIVAQWTGKPRKTPGDKPLIVENTQIERWINNGLWVPALEFINVVGSPDTGN
KRLMLFPDGRVIYNARFLGSFSNDMDFRLFPFDRQQFVLELEPFSYNNQQLRFSDIQVYTENIDNEEIDEWWIRGKASTH
ISDIRYDHLSSVQPNQNEFSRITVRIDAVRNPSYYLWSFILPLGLIIAASWSVFWLESFSERLQTSFTCMLTVVAYAFYT
SNILPRLPYTTVIDQMIIAGYGSIFAAILLIIFAHH
;
D
4 'polypeptide(L)'
;DARPVDVSVSIFINKIYGVNTLEQTYKVDGYIVAQWTGKPRKTPGDKPLIVENTQIERWINNGLWVPALEFINVVGSPDT
GNKRLMLFPDGRVIYNARFLGSFSNDMDFRLFPFDRQQFVLELEPFSYNNQQLRFSDIQVYTENIDNEEIDEWWIRGKAS
THISDIRYDHLSSVQPNQNEFSRITVRIDAVRNPSYYLWSFILPLGLIIAASWSVFWLESFSERLQTSFTCMLTVVAYAF
YTSNILPRLPYTTVIDQMIIAGYGSIFAAILLIIFAHH
;
E
5 'polypeptide(L)'
;QVQLQESGGGLVQAGGSLRLSCAASGRIFSTNVMGWFRQAPGKEREFVATVGRIGGSTVYADFVKGRFTLSRDNAKNMVY
LQMNSLKPEDTAVYYCGARIGGSDRLAPENYGYWGQGTQVTVSS
;
F,J
6 'polypeptide(L)'
;VQLQESGGGLVQAGGSLRLSCAASGRIFSTNVMGWFRQAPGKEREFVATVGRIGGSTVYADFVKGRFTLSRDNAKNMVYL
QMNSLKPEDTAVYYCGARIGGSDRLAPENYGYWGQGTQVTVSS
;
G,H,I
#
# COMPACT_ATOMS: atom_id res chain seq x y z
N ALA A 1 1.21 -47.98 -7.02
CA ALA A 1 0.66 -47.29 -8.18
C ALA A 1 1.61 -46.21 -8.70
N ARG A 2 1.72 -46.09 -10.04
CA ARG A 2 2.56 -45.14 -10.78
C ARG A 2 2.29 -43.68 -10.35
N PRO A 3 3.31 -42.77 -10.33
CA PRO A 3 3.03 -41.37 -9.99
C PRO A 3 2.08 -40.73 -10.99
N VAL A 4 1.35 -39.69 -10.58
CA VAL A 4 0.43 -39.01 -11.47
C VAL A 4 1.22 -38.02 -12.32
N ASP A 5 1.20 -38.18 -13.66
CA ASP A 5 1.88 -37.28 -14.58
C ASP A 5 1.03 -36.04 -14.76
N VAL A 6 1.62 -34.87 -14.45
CA VAL A 6 0.95 -33.58 -14.58
C VAL A 6 1.64 -32.79 -15.70
N SER A 7 0.84 -32.33 -16.68
CA SER A 7 1.28 -31.52 -17.80
C SER A 7 0.94 -30.06 -17.49
N VAL A 8 1.93 -29.16 -17.59
CA VAL A 8 1.73 -27.74 -17.24
C VAL A 8 2.00 -26.78 -18.43
N SER A 9 1.15 -25.75 -18.53
CA SER A 9 1.26 -24.66 -19.49
C SER A 9 1.19 -23.34 -18.72
N ILE A 10 2.18 -22.46 -18.93
CA ILE A 10 2.21 -21.16 -18.26
C ILE A 10 2.14 -20.08 -19.32
N PHE A 11 1.23 -19.12 -19.11
CA PHE A 11 1.01 -17.98 -20.00
C PHE A 11 1.47 -16.73 -19.29
N ILE A 12 2.51 -16.06 -19.84
CA ILE A 12 3.03 -14.87 -19.20
C ILE A 12 2.52 -13.61 -19.95
N ASN A 13 1.56 -12.94 -19.33
CA ASN A 13 0.95 -11.73 -19.88
C ASN A 13 1.83 -10.51 -19.66
N LYS A 14 2.43 -10.39 -18.47
CA LYS A 14 3.21 -9.23 -18.10
C LYS A 14 4.28 -9.57 -17.06
N ILE A 15 5.45 -8.92 -17.17
CA ILE A 15 6.56 -8.94 -16.22
C ILE A 15 6.84 -7.45 -16.02
N TYR A 16 6.61 -6.96 -14.80
CA TYR A 16 6.74 -5.54 -14.47
C TYR A 16 6.98 -5.38 -12.97
N GLY A 17 6.99 -4.13 -12.50
CA GLY A 17 7.15 -3.75 -11.10
C GLY A 17 8.37 -4.30 -10.39
N VAL A 18 9.54 -4.21 -11.05
CA VAL A 18 10.82 -4.66 -10.49
C VAL A 18 11.15 -3.80 -9.26
N ASN A 19 11.50 -4.46 -8.16
CA ASN A 19 11.94 -3.82 -6.92
C ASN A 19 13.37 -4.28 -6.73
N THR A 20 14.31 -3.39 -7.09
CA THR A 20 15.76 -3.63 -7.02
C THR A 20 16.27 -4.05 -5.64
N LEU A 21 15.87 -3.33 -4.58
CA LEU A 21 16.32 -3.63 -3.23
C LEU A 21 15.76 -4.93 -2.66
N GLU A 22 14.50 -5.27 -3.00
CA GLU A 22 13.86 -6.49 -2.53
C GLU A 22 14.18 -7.69 -3.43
N GLN A 23 14.71 -7.42 -4.65
CA GLN A 23 15.03 -8.41 -5.68
C GLN A 23 13.78 -9.21 -6.09
N THR A 24 12.68 -8.48 -6.33
CA THR A 24 11.38 -9.00 -6.73
C THR A 24 10.87 -8.33 -8.01
N TYR A 25 9.89 -8.96 -8.66
CA TYR A 25 9.22 -8.53 -9.89
C TYR A 25 7.82 -9.14 -9.89
N LYS A 26 6.88 -8.45 -10.54
CA LYS A 26 5.49 -8.86 -10.63
C LYS A 26 5.23 -9.59 -11.94
N VAL A 27 4.52 -10.73 -11.87
CA VAL A 27 4.16 -11.54 -13.04
C VAL A 27 2.65 -11.75 -13.09
N ASP A 28 2.01 -11.37 -14.21
CA ASP A 28 0.60 -11.63 -14.46
C ASP A 28 0.54 -12.70 -15.54
N GLY A 29 -0.32 -13.68 -15.32
CA GLY A 29 -0.47 -14.77 -16.27
C GLY A 29 -1.51 -15.81 -15.90
N TYR A 30 -1.42 -16.96 -16.59
CA TYR A 30 -2.30 -18.10 -16.40
C TYR A 30 -1.46 -19.33 -16.15
N ILE A 31 -2.04 -20.25 -15.37
CA ILE A 31 -1.43 -21.54 -15.09
C ILE A 31 -2.43 -22.60 -15.49
N VAL A 32 -2.00 -23.51 -16.37
CA VAL A 32 -2.85 -24.61 -16.84
C VAL A 32 -2.18 -25.91 -16.37
N ALA A 33 -2.91 -26.70 -15.59
CA ALA A 33 -2.43 -27.99 -15.08
C ALA A 33 -3.36 -29.09 -15.56
N GLN A 34 -2.79 -30.14 -16.16
CA GLN A 34 -3.58 -31.24 -16.71
C GLN A 34 -3.05 -32.58 -16.25
N TRP A 35 -3.95 -33.42 -15.73
CA TRP A 35 -3.66 -34.79 -15.28
C TRP A 35 -4.91 -35.67 -15.47
N THR A 36 -4.73 -36.99 -15.36
CA THR A 36 -5.82 -37.96 -15.45
C THR A 36 -6.11 -38.50 -14.06
N GLY A 37 -7.30 -38.17 -13.56
CA GLY A 37 -7.80 -38.64 -12.27
C GLY A 37 -8.63 -39.90 -12.45
N LYS A 38 -9.52 -40.16 -11.49
CA LYS A 38 -10.39 -41.33 -11.50
C LYS A 38 -11.59 -41.11 -12.41
N PRO A 39 -12.04 -42.14 -13.20
CA PRO A 39 -13.24 -41.92 -14.05
C PRO A 39 -14.45 -41.56 -13.21
N ARG A 40 -15.33 -40.72 -13.74
CA ARG A 40 -16.50 -40.23 -13.01
C ARG A 40 -17.71 -40.01 -13.91
N LYS A 41 -18.87 -39.75 -13.28
CA LYS A 41 -20.09 -39.45 -14.01
C LYS A 41 -20.30 -37.94 -14.03
N THR A 42 -20.51 -37.38 -15.22
CA THR A 42 -20.73 -35.95 -15.41
C THR A 42 -22.09 -35.76 -16.12
N PRO A 43 -22.78 -34.60 -15.95
CA PRO A 43 -24.09 -34.41 -16.62
C PRO A 43 -24.03 -34.54 -18.15
N GLY A 44 -24.85 -35.47 -18.67
CA GLY A 44 -24.95 -35.81 -20.08
C GLY A 44 -23.75 -36.59 -20.60
N ASP A 45 -22.87 -37.04 -19.67
CA ASP A 45 -21.61 -37.73 -19.88
C ASP A 45 -20.75 -37.03 -20.95
N LYS A 46 -20.62 -35.70 -20.74
CA LYS A 46 -19.90 -34.70 -21.54
C LYS A 46 -18.92 -33.98 -20.59
N PRO A 47 -17.84 -33.29 -21.09
CA PRO A 47 -16.98 -32.54 -20.15
C PRO A 47 -17.77 -31.57 -19.28
N LEU A 48 -17.35 -31.41 -18.03
CA LEU A 48 -18.00 -30.55 -17.06
C LEU A 48 -17.11 -29.38 -16.64
N ILE A 49 -17.66 -28.15 -16.77
CA ILE A 49 -16.99 -26.92 -16.38
C ILE A 49 -17.44 -26.54 -14.96
N VAL A 50 -16.50 -26.56 -14.01
CA VAL A 50 -16.70 -26.23 -12.59
C VAL A 50 -15.87 -24.95 -12.32
N GLU A 51 -16.53 -23.84 -11.90
CA GLU A 51 -15.83 -22.58 -11.69
C GLU A 51 -15.79 -22.10 -10.26
N ASN A 52 -14.73 -21.34 -9.98
CA ASN A 52 -14.34 -20.60 -8.79
C ASN A 52 -14.71 -21.26 -7.44
N THR A 53 -15.84 -20.89 -6.84
CA THR A 53 -16.31 -21.38 -5.54
C THR A 53 -16.90 -22.80 -5.59
N GLN A 54 -17.29 -23.28 -6.80
CA GLN A 54 -17.86 -24.62 -7.02
C GLN A 54 -16.80 -25.70 -6.92
N ILE A 55 -15.52 -25.34 -7.21
CA ILE A 55 -14.33 -26.21 -7.13
C ILE A 55 -14.25 -26.80 -5.73
N GLU A 56 -14.43 -25.93 -4.72
CA GLU A 56 -14.43 -26.27 -3.31
C GLU A 56 -15.47 -27.33 -2.95
N ARG A 57 -16.66 -27.26 -3.59
CA ARG A 57 -17.75 -28.21 -3.39
C ARG A 57 -17.38 -29.61 -3.93
N TRP A 58 -16.61 -29.63 -5.03
CA TRP A 58 -16.13 -30.88 -5.64
C TRP A 58 -15.03 -31.52 -4.83
N ILE A 59 -14.15 -30.70 -4.21
CA ILE A 59 -13.04 -31.18 -3.38
C ILE A 59 -13.59 -31.83 -2.11
N ASN A 60 -14.56 -31.16 -1.43
CA ASN A 60 -15.26 -31.66 -0.23
C ASN A 60 -15.91 -33.02 -0.54
N ASN A 61 -16.44 -33.16 -1.77
CA ASN A 61 -17.10 -34.37 -2.25
C ASN A 61 -16.11 -35.47 -2.72
N GLY A 62 -14.80 -35.24 -2.56
CA GLY A 62 -13.77 -36.23 -2.87
C GLY A 62 -12.86 -36.03 -4.07
N LEU A 63 -13.05 -34.96 -4.87
CA LEU A 63 -12.19 -34.71 -6.05
C LEU A 63 -10.78 -34.29 -5.64
N TRP A 64 -9.77 -34.96 -6.21
CA TRP A 64 -8.36 -34.72 -5.95
C TRP A 64 -7.83 -33.58 -6.83
N VAL A 65 -7.52 -32.43 -6.21
CA VAL A 65 -6.96 -31.25 -6.87
C VAL A 65 -5.69 -30.90 -6.06
N PRO A 66 -4.50 -31.39 -6.49
CA PRO A 66 -3.27 -31.11 -5.72
C PRO A 66 -2.85 -29.64 -5.76
N ALA A 67 -2.32 -29.12 -4.64
CA ALA A 67 -1.87 -27.74 -4.56
C ALA A 67 -0.46 -27.63 -5.11
N LEU A 68 -0.32 -26.80 -6.14
CA LEU A 68 0.95 -26.54 -6.80
C LEU A 68 1.42 -25.17 -6.34
N GLU A 69 2.56 -25.14 -5.66
CA GLU A 69 3.13 -23.93 -5.09
C GLU A 69 4.18 -23.30 -5.99
N PHE A 70 4.12 -21.96 -6.10
CA PHE A 70 5.16 -21.18 -6.76
C PHE A 70 6.21 -21.03 -5.67
N ILE A 71 7.36 -21.70 -5.84
CA ILE A 71 8.46 -21.72 -4.87
C ILE A 71 9.02 -20.32 -4.58
N ASN A 72 9.20 -19.50 -5.62
CA ASN A 72 9.78 -18.17 -5.49
C ASN A 72 8.76 -17.02 -5.43
N VAL A 73 7.49 -17.33 -5.13
CA VAL A 73 6.47 -16.30 -4.96
C VAL A 73 6.68 -15.68 -3.56
N VAL A 74 6.46 -14.37 -3.45
CA VAL A 74 6.63 -13.60 -2.22
C VAL A 74 5.21 -13.24 -1.79
N GLY A 75 4.71 -13.95 -0.79
CA GLY A 75 3.33 -13.79 -0.31
C GLY A 75 2.38 -14.56 -1.21
N SER A 76 1.12 -14.73 -0.78
CA SER A 76 0.11 -15.45 -1.56
C SER A 76 -0.21 -14.71 -2.86
N PRO A 77 -0.09 -15.36 -4.04
CA PRO A 77 -0.44 -14.66 -5.28
C PRO A 77 -1.93 -14.33 -5.33
N ASP A 78 -2.28 -13.23 -6.01
CA ASP A 78 -3.65 -12.82 -6.21
C ASP A 78 -4.19 -13.72 -7.32
N THR A 79 -4.99 -14.73 -6.93
CA THR A 79 -5.60 -15.66 -7.88
C THR A 79 -6.95 -15.09 -8.33
N GLY A 80 -7.10 -14.93 -9.63
CA GLY A 80 -8.35 -14.44 -10.21
C GLY A 80 -9.31 -15.59 -10.38
N ASN A 81 -9.92 -15.71 -11.57
CA ASN A 81 -10.84 -16.81 -11.84
C ASN A 81 -10.08 -18.13 -11.92
N LYS A 82 -10.66 -19.17 -11.34
CA LYS A 82 -10.14 -20.52 -11.39
C LYS A 82 -11.22 -21.45 -11.91
N ARG A 83 -10.79 -22.49 -12.64
CA ARG A 83 -11.68 -23.41 -13.33
C ARG A 83 -11.12 -24.81 -13.37
N LEU A 84 -12.03 -25.79 -13.33
CA LEU A 84 -11.74 -27.21 -13.49
C LEU A 84 -12.57 -27.70 -14.65
N MET A 85 -11.96 -28.51 -15.51
CA MET A 85 -12.68 -29.16 -16.59
C MET A 85 -12.57 -30.64 -16.32
N LEU A 86 -13.71 -31.23 -15.97
CA LEU A 86 -13.81 -32.63 -15.60
C LEU A 86 -14.35 -33.48 -16.72
N PHE A 87 -13.68 -34.58 -16.99
CA PHE A 87 -14.08 -35.49 -18.06
C PHE A 87 -14.52 -36.81 -17.47
N PRO A 88 -15.54 -37.49 -18.06
CA PRO A 88 -15.92 -38.81 -17.53
C PRO A 88 -14.77 -39.83 -17.48
N ASP A 89 -13.80 -39.74 -18.42
CA ASP A 89 -12.65 -40.66 -18.53
C ASP A 89 -11.52 -40.37 -17.52
N GLY A 90 -11.83 -39.56 -16.51
CA GLY A 90 -10.93 -39.20 -15.42
C GLY A 90 -10.14 -37.91 -15.59
N ARG A 91 -9.87 -37.50 -16.84
CA ARG A 91 -9.10 -36.28 -17.12
C ARG A 91 -9.61 -35.06 -16.39
N VAL A 92 -8.67 -34.22 -15.91
CA VAL A 92 -8.94 -32.98 -15.21
C VAL A 92 -8.03 -31.88 -15.79
N ILE A 93 -8.63 -30.75 -16.18
CA ILE A 93 -7.88 -29.60 -16.67
C ILE A 93 -8.16 -28.40 -15.75
N TYR A 94 -7.16 -28.03 -14.96
CA TYR A 94 -7.24 -26.89 -14.05
C TYR A 94 -6.63 -25.66 -14.71
N ASN A 95 -7.41 -24.57 -14.77
CA ASN A 95 -6.93 -23.30 -15.32
C ASN A 95 -7.21 -22.19 -14.33
N ALA A 96 -6.21 -21.33 -14.10
CA ALA A 96 -6.37 -20.19 -13.18
C ALA A 96 -5.52 -19.01 -13.57
N ARG A 97 -6.06 -17.81 -13.31
CA ARG A 97 -5.40 -16.52 -13.54
C ARG A 97 -4.64 -16.18 -12.25
N PHE A 98 -3.42 -15.67 -12.39
CA PHE A 98 -2.63 -15.30 -11.22
C PHE A 98 -1.86 -14.01 -11.46
N LEU A 99 -1.54 -13.33 -10.37
CA LEU A 99 -0.69 -12.16 -10.29
C LEU A 99 0.11 -12.33 -9.02
N GLY A 100 1.43 -12.39 -9.15
CA GLY A 100 2.27 -12.58 -7.97
C GLY A 100 3.57 -11.82 -8.01
N SER A 101 4.14 -11.59 -6.82
CA SER A 101 5.44 -10.95 -6.68
C SER A 101 6.43 -12.09 -6.56
N PHE A 102 7.36 -12.19 -7.51
CA PHE A 102 8.35 -13.27 -7.55
C PHE A 102 9.74 -12.78 -7.24
N SER A 103 10.47 -13.51 -6.40
CA SER A 103 11.84 -13.20 -6.01
C SER A 103 12.81 -14.00 -6.84
N ASN A 104 13.98 -13.39 -7.08
CA ASN A 104 15.04 -13.95 -7.90
C ASN A 104 16.35 -13.24 -7.61
N ASP A 105 17.50 -13.87 -7.90
CA ASP A 105 18.79 -13.20 -7.70
C ASP A 105 18.98 -12.21 -8.80
N MET A 106 19.01 -10.93 -8.42
CA MET A 106 19.13 -9.86 -9.40
C MET A 106 20.34 -9.01 -9.09
N ASP A 107 21.27 -8.98 -10.04
CA ASP A 107 22.51 -8.21 -9.98
C ASP A 107 22.39 -6.97 -10.87
N PHE A 108 22.26 -5.80 -10.24
CA PHE A 108 22.09 -4.52 -10.92
C PHE A 108 23.38 -3.69 -10.98
N ARG A 109 24.56 -4.31 -10.75
CA ARG A 109 25.85 -3.62 -10.78
C ARG A 109 26.19 -2.98 -12.13
N LEU A 110 25.63 -3.53 -13.24
CA LEU A 110 25.85 -3.02 -14.59
C LEU A 110 24.78 -2.05 -15.08
N PHE A 111 23.85 -1.66 -14.18
CA PHE A 111 22.75 -0.71 -14.47
C PHE A 111 23.31 0.56 -15.11
N PRO A 112 22.67 1.12 -16.17
CA PRO A 112 21.42 0.71 -16.84
C PRO A 112 21.56 -0.38 -17.92
N PHE A 113 22.75 -0.99 -18.04
CA PHE A 113 23.06 -2.00 -19.06
C PHE A 113 22.99 -3.44 -18.53
N ASP A 114 22.24 -3.64 -17.44
CA ASP A 114 22.05 -4.93 -16.79
C ASP A 114 21.06 -5.84 -17.50
N ARG A 115 21.36 -7.15 -17.46
CA ARG A 115 20.53 -8.24 -18.01
C ARG A 115 19.92 -9.02 -16.85
N GLN A 116 18.66 -9.43 -16.97
CA GLN A 116 17.98 -10.18 -15.93
C GLN A 116 17.34 -11.46 -16.46
N GLN A 117 17.22 -12.44 -15.57
CA GLN A 117 16.58 -13.72 -15.83
C GLN A 117 15.40 -13.75 -14.88
N PHE A 118 14.18 -13.64 -15.40
CA PHE A 118 12.97 -13.66 -14.58
C PHE A 118 12.51 -15.09 -14.53
N VAL A 119 12.53 -15.70 -13.33
CA VAL A 119 12.17 -17.11 -13.19
C VAL A 119 10.85 -17.34 -12.43
N LEU A 120 10.21 -18.46 -12.76
CA LEU A 120 9.01 -18.96 -12.09
C LEU A 120 9.32 -20.41 -11.75
N GLU A 121 9.24 -20.75 -10.47
CA GLU A 121 9.48 -22.11 -10.02
C GLU A 121 8.20 -22.68 -9.45
N LEU A 122 7.77 -23.83 -10.00
CA LEU A 122 6.54 -24.51 -9.61
C LEU A 122 6.84 -25.89 -9.06
N GLU A 123 6.21 -26.23 -7.92
CA GLU A 123 6.42 -27.52 -7.25
C GLU A 123 5.16 -27.94 -6.47
N PRO A 124 4.75 -29.24 -6.48
CA PRO A 124 3.59 -29.66 -5.67
C PRO A 124 3.91 -29.41 -4.19
N PHE A 125 2.94 -28.90 -3.44
CA PHE A 125 3.18 -28.55 -2.04
C PHE A 125 3.35 -29.74 -1.10
N SER A 126 2.60 -30.83 -1.34
CA SER A 126 2.55 -31.97 -0.43
C SER A 126 2.92 -33.33 -1.05
N TYR A 127 2.77 -33.46 -2.38
CA TYR A 127 3.02 -34.71 -3.08
C TYR A 127 4.40 -34.81 -3.69
N ASN A 128 5.17 -35.81 -3.24
CA ASN A 128 6.50 -36.13 -3.76
C ASN A 128 6.37 -36.76 -5.18
N ASN A 129 7.50 -36.90 -5.92
CA ASN A 129 7.56 -37.41 -7.30
C ASN A 129 7.14 -38.90 -7.49
N GLN A 130 6.90 -39.64 -6.38
CA GLN A 130 6.46 -41.03 -6.42
C GLN A 130 4.94 -41.00 -6.52
N GLN A 131 4.33 -39.87 -6.11
CA GLN A 131 2.90 -39.60 -6.09
C GLN A 131 2.50 -38.66 -7.23
N LEU A 132 3.30 -37.60 -7.46
CA LEU A 132 3.05 -36.59 -8.47
C LEU A 132 4.32 -36.06 -9.11
N ARG A 133 4.40 -36.22 -10.43
CA ARG A 133 5.53 -35.74 -11.22
C ARG A 133 5.08 -34.88 -12.40
N PHE A 134 5.89 -33.89 -12.77
CA PHE A 134 5.60 -33.05 -13.93
C PHE A 134 6.15 -33.75 -15.17
N SER A 135 5.27 -34.05 -16.14
CA SER A 135 5.66 -34.75 -17.35
C SER A 135 6.23 -33.82 -18.43
N ASP A 136 5.74 -32.56 -18.48
CA ASP A 136 6.18 -31.53 -19.42
C ASP A 136 5.76 -30.12 -19.01
N ILE A 137 6.39 -29.11 -19.63
CA ILE A 137 6.10 -27.70 -19.43
C ILE A 137 6.16 -26.92 -20.76
N GLN A 138 5.09 -26.16 -21.04
CA GLN A 138 4.98 -25.29 -22.20
C GLN A 138 4.84 -23.86 -21.71
N VAL A 139 5.53 -22.91 -22.36
CA VAL A 139 5.47 -21.49 -21.99
C VAL A 139 5.07 -20.65 -23.17
N TYR A 140 4.07 -19.80 -22.96
CA TYR A 140 3.56 -18.88 -23.97
C TYR A 140 3.73 -17.49 -23.42
N THR A 141 4.44 -16.64 -24.15
CA THR A 141 4.73 -15.28 -23.76
C THR A 141 4.08 -14.28 -24.72
N GLU A 142 4.00 -13.02 -24.30
CA GLU A 142 3.40 -11.92 -25.05
C GLU A 142 4.11 -11.66 -26.38
N ASN A 143 3.31 -11.39 -27.43
CA ASN A 143 3.72 -11.00 -28.78
C ASN A 143 3.89 -9.49 -28.72
N ILE A 144 5.13 -9.01 -28.83
CA ILE A 144 5.43 -7.59 -28.74
C ILE A 144 5.50 -6.95 -30.12
N ASP A 145 4.86 -5.77 -30.26
CA ASP A 145 4.87 -4.99 -31.49
C ASP A 145 6.14 -4.14 -31.50
N ASN A 146 6.27 -3.23 -30.50
CA ASN A 146 7.41 -2.31 -30.36
C ASN A 146 7.91 -2.27 -28.91
N GLU A 147 9.17 -2.66 -28.72
CA GLU A 147 9.86 -2.71 -27.43
C GLU A 147 10.43 -1.35 -26.99
N GLU A 148 10.46 -0.35 -27.91
CA GLU A 148 10.93 1.02 -27.68
C GLU A 148 10.19 1.65 -26.50
N ILE A 149 8.87 1.41 -26.41
CA ILE A 149 7.97 1.93 -25.38
C ILE A 149 8.02 1.10 -24.07
N ASP A 150 8.77 -0.02 -24.07
CA ASP A 150 8.92 -0.92 -22.93
C ASP A 150 10.23 -0.72 -22.14
N GLU A 151 10.15 -0.91 -20.81
CA GLU A 151 11.25 -0.79 -19.87
C GLU A 151 12.28 -1.92 -20.04
N TRP A 152 11.79 -3.14 -20.32
CA TRP A 152 12.60 -4.33 -20.51
C TRP A 152 12.47 -4.87 -21.93
N TRP A 153 13.56 -5.48 -22.43
CA TRP A 153 13.60 -6.06 -23.77
C TRP A 153 13.87 -7.56 -23.69
N ILE A 154 12.83 -8.38 -23.93
CA ILE A 154 12.88 -9.83 -23.85
C ILE A 154 13.81 -10.37 -24.96
N ARG A 155 14.78 -11.19 -24.54
CA ARG A 155 15.76 -11.79 -25.44
C ARG A 155 15.65 -13.32 -25.47
N GLY A 156 15.26 -13.83 -26.63
CA GLY A 156 15.11 -15.25 -26.88
C GLY A 156 13.78 -15.81 -26.40
N LYS A 157 13.60 -17.13 -26.57
CA LYS A 157 12.41 -17.82 -26.11
C LYS A 157 12.55 -18.18 -24.64
N ALA A 158 11.44 -18.55 -23.98
CA ALA A 158 11.44 -18.97 -22.58
C ALA A 158 12.19 -20.28 -22.44
N SER A 159 13.06 -20.36 -21.41
CA SER A 159 13.83 -21.57 -21.12
C SER A 159 13.09 -22.32 -20.02
N THR A 160 12.91 -23.64 -20.19
CA THR A 160 12.20 -24.45 -19.21
C THR A 160 13.08 -25.60 -18.73
N HIS A 161 12.83 -26.08 -17.50
CA HIS A 161 13.51 -27.24 -16.92
C HIS A 161 12.56 -28.03 -16.05
N ILE A 162 12.78 -29.35 -15.96
CA ILE A 162 12.07 -30.25 -15.06
C ILE A 162 13.15 -30.99 -14.28
N SER A 163 13.24 -30.73 -12.98
CA SER A 163 14.24 -31.30 -12.09
C SER A 163 13.57 -31.94 -10.88
N ASP A 164 14.37 -32.64 -10.05
CA ASP A 164 13.90 -33.25 -8.82
C ASP A 164 14.68 -32.61 -7.66
N ILE A 165 13.95 -32.14 -6.64
CA ILE A 165 14.53 -31.50 -5.47
C ILE A 165 14.50 -32.49 -4.31
N ARG A 166 15.68 -32.85 -3.77
CA ARG A 166 15.78 -33.79 -2.66
C ARG A 166 15.93 -33.03 -1.35
N TYR A 167 14.99 -33.27 -0.41
CA TYR A 167 15.00 -32.59 0.90
C TYR A 167 15.53 -33.52 1.99
N ASP A 168 16.62 -33.09 2.66
CA ASP A 168 17.26 -33.83 3.74
C ASP A 168 16.38 -33.96 4.98
N HIS A 169 15.58 -32.92 5.31
CA HIS A 169 14.65 -32.94 6.45
C HIS A 169 13.52 -34.01 6.25
N LEU A 170 13.40 -34.55 5.03
CA LEU A 170 12.42 -35.58 4.70
C LEU A 170 13.01 -37.00 4.76
N SER A 171 14.34 -37.13 4.88
CA SER A 171 14.98 -38.42 5.10
C SER A 171 14.83 -38.65 6.61
N SER A 172 14.71 -39.93 7.05
CA SER A 172 14.45 -40.34 8.44
C SER A 172 12.99 -39.99 8.86
N VAL A 173 12.13 -39.75 7.86
CA VAL A 173 10.68 -39.52 7.97
C VAL A 173 10.03 -40.66 7.15
N GLN A 174 10.59 -40.97 5.95
CA GLN A 174 10.21 -42.06 5.00
C GLN A 174 11.34 -42.34 3.95
N PRO A 175 11.61 -43.62 3.54
CA PRO A 175 12.66 -43.86 2.53
C PRO A 175 12.20 -43.69 1.07
N ASN A 176 12.98 -42.90 0.28
CA ASN A 176 12.77 -42.58 -1.15
C ASN A 176 11.47 -41.79 -1.41
N GLN A 177 11.00 -41.04 -0.39
CA GLN A 177 9.79 -40.22 -0.44
C GLN A 177 10.14 -38.73 -0.18
N ASN A 178 11.43 -38.36 -0.30
CA ASN A 178 11.94 -37.01 -0.03
C ASN A 178 12.26 -36.15 -1.27
N GLU A 179 11.91 -36.65 -2.47
CA GLU A 179 12.16 -35.93 -3.71
C GLU A 179 10.88 -35.32 -4.28
N PHE A 180 10.95 -34.07 -4.78
CA PHE A 180 9.81 -33.34 -5.35
C PHE A 180 10.10 -32.87 -6.77
N SER A 181 9.09 -33.01 -7.65
CA SER A 181 9.17 -32.61 -9.07
C SER A 181 9.08 -31.09 -9.20
N ARG A 182 10.02 -30.46 -9.93
CA ARG A 182 9.98 -29.02 -10.06
C ARG A 182 10.08 -28.51 -11.48
N ILE A 183 9.16 -27.60 -11.84
CA ILE A 183 9.16 -26.89 -13.11
C ILE A 183 9.87 -25.55 -12.86
N THR A 184 10.79 -25.18 -13.77
CA THR A 184 11.51 -23.91 -13.76
C THR A 184 11.26 -23.27 -15.12
N VAL A 185 10.85 -22.00 -15.12
CA VAL A 185 10.57 -21.22 -16.33
C VAL A 185 11.46 -19.98 -16.20
N ARG A 186 12.18 -19.63 -17.27
CA ARG A 186 13.08 -18.49 -17.28
C ARG A 186 12.89 -17.59 -18.50
N ILE A 187 12.73 -16.30 -18.25
CA ILE A 187 12.57 -15.25 -19.27
C ILE A 187 13.81 -14.35 -19.18
N ASP A 188 14.60 -14.29 -20.26
CA ASP A 188 15.78 -13.41 -20.26
C ASP A 188 15.41 -12.04 -20.84
N ALA A 189 15.86 -10.96 -20.17
CA ALA A 189 15.60 -9.60 -20.62
C ALA A 189 16.77 -8.67 -20.38
N VAL A 190 16.90 -7.64 -21.23
CA VAL A 190 17.94 -6.60 -21.19
C VAL A 190 17.19 -5.29 -20.92
N ARG A 191 17.74 -4.42 -20.04
CA ARG A 191 17.10 -3.14 -19.75
C ARG A 191 17.20 -2.17 -20.92
N ASN A 192 16.16 -1.33 -21.10
CA ASN A 192 16.12 -0.28 -22.11
C ASN A 192 16.93 0.89 -21.49
N PRO A 193 18.16 1.17 -21.98
CA PRO A 193 18.97 2.22 -21.35
C PRO A 193 18.79 3.64 -21.91
N SER A 194 17.88 3.83 -22.91
CA SER A 194 17.61 5.10 -23.58
C SER A 194 17.44 6.30 -22.66
N TYR A 195 16.63 6.18 -21.59
CA TYR A 195 16.44 7.29 -20.65
C TYR A 195 17.71 7.66 -19.89
N TYR A 196 18.48 6.65 -19.45
CA TYR A 196 19.70 6.86 -18.69
C TYR A 196 20.89 7.30 -19.53
N LEU A 197 20.87 7.00 -20.84
CA LEU A 197 21.94 7.41 -21.76
C LEU A 197 21.90 8.90 -22.00
N TRP A 198 20.75 9.40 -22.46
CA TRP A 198 20.47 10.79 -22.78
C TRP A 198 20.28 11.71 -21.58
N SER A 199 19.76 11.20 -20.45
CA SER A 199 19.48 12.04 -19.28
C SER A 199 20.49 11.89 -18.11
N PHE A 200 21.39 10.88 -18.14
CA PHE A 200 22.34 10.72 -17.05
C PHE A 200 23.80 10.67 -17.48
N ILE A 201 24.15 9.77 -18.42
CA ILE A 201 25.53 9.58 -18.89
C ILE A 201 25.98 10.79 -19.74
N LEU A 202 25.15 11.23 -20.70
CA LEU A 202 25.43 12.38 -21.56
C LEU A 202 25.58 13.71 -20.77
N PRO A 203 24.60 14.17 -19.92
CA PRO A 203 24.82 15.43 -19.19
C PRO A 203 26.00 15.38 -18.21
N LEU A 204 26.22 14.22 -17.55
CA LEU A 204 27.34 14.01 -16.62
C LEU A 204 28.67 14.09 -17.35
N GLY A 205 28.69 13.60 -18.58
CA GLY A 205 29.85 13.63 -19.48
C GLY A 205 30.22 15.06 -19.85
N LEU A 206 29.19 15.88 -20.17
CA LEU A 206 29.31 17.30 -20.51
C LEU A 206 29.80 18.12 -19.31
N ILE A 207 29.51 17.65 -18.08
CA ILE A 207 29.93 18.28 -16.83
C ILE A 207 31.39 17.92 -16.53
N ILE A 208 31.75 16.61 -16.62
CA ILE A 208 33.12 16.11 -16.40
C ILE A 208 34.07 16.70 -17.48
N ALA A 209 33.55 16.92 -18.71
CA ALA A 209 34.29 17.56 -19.81
C ALA A 209 34.53 19.04 -19.51
N ALA A 210 33.48 19.75 -19.03
CA ALA A 210 33.54 21.17 -18.66
C ALA A 210 34.35 21.43 -17.38
N SER A 211 34.56 20.37 -16.56
CA SER A 211 35.33 20.47 -15.31
C SER A 211 36.80 20.75 -15.54
N TRP A 212 37.37 20.28 -16.68
CA TRP A 212 38.78 20.49 -17.03
C TRP A 212 39.04 21.84 -17.70
N SER A 213 37.97 22.53 -18.15
CA SER A 213 38.03 23.85 -18.79
C SER A 213 38.43 24.97 -17.81
N VAL A 214 38.51 24.65 -16.50
CA VAL A 214 38.88 25.57 -15.42
C VAL A 214 40.36 26.01 -15.52
N PHE A 215 41.23 25.15 -16.10
CA PHE A 215 42.66 25.38 -16.29
C PHE A 215 42.95 26.49 -17.29
N TRP A 216 41.95 26.84 -18.12
CA TRP A 216 42.03 27.90 -19.13
C TRP A 216 41.77 29.29 -18.52
N LEU A 217 41.47 29.36 -17.20
CA LEU A 217 41.28 30.61 -16.47
C LEU A 217 42.65 31.22 -16.17
N GLU A 218 42.71 32.56 -16.22
CA GLU A 218 43.95 33.34 -16.06
C GLU A 218 44.59 33.26 -14.67
N SER A 219 43.86 33.69 -13.61
CA SER A 219 44.39 33.72 -12.25
C SER A 219 44.03 32.50 -11.40
N PHE A 220 44.80 32.30 -10.31
CA PHE A 220 44.64 31.23 -9.31
C PHE A 220 43.32 31.39 -8.55
N SER A 221 42.91 32.66 -8.31
CA SER A 221 41.67 33.05 -7.62
C SER A 221 40.44 32.61 -8.43
N GLU A 222 40.52 32.71 -9.78
CA GLU A 222 39.46 32.33 -10.71
C GLU A 222 39.38 30.80 -10.83
N ARG A 223 40.54 30.11 -11.01
CA ARG A 223 40.66 28.65 -11.16
C ARG A 223 40.10 27.88 -9.98
N LEU A 224 40.39 28.35 -8.74
CA LEU A 224 39.95 27.70 -7.52
C LEU A 224 38.44 27.88 -7.24
N GLN A 225 37.95 29.14 -7.24
CA GLN A 225 36.54 29.48 -6.99
C GLN A 225 35.56 28.79 -7.95
N THR A 226 36.01 28.50 -9.18
CA THR A 226 35.23 27.83 -10.21
C THR A 226 35.23 26.30 -9.98
N SER A 227 36.32 25.77 -9.39
CA SER A 227 36.46 24.33 -9.07
C SER A 227 35.50 23.93 -7.95
N PHE A 228 35.24 24.86 -7.00
CA PHE A 228 34.32 24.65 -5.88
C PHE A 228 32.87 24.71 -6.38
N THR A 229 32.63 25.49 -7.45
CA THR A 229 31.33 25.65 -8.11
C THR A 229 30.97 24.34 -8.84
N CYS A 230 31.98 23.71 -9.49
CA CYS A 230 31.85 22.44 -10.20
C CYS A 230 31.63 21.31 -9.20
N MET A 231 32.27 21.41 -8.01
CA MET A 231 32.15 20.46 -6.89
C MET A 231 30.69 20.46 -6.42
N LEU A 232 30.10 21.67 -6.27
CA LEU A 232 28.70 21.91 -5.88
C LEU A 232 27.74 21.34 -6.95
N THR A 233 28.13 21.43 -8.24
CA THR A 233 27.37 20.92 -9.39
C THR A 233 27.34 19.38 -9.39
N VAL A 234 28.48 18.72 -9.07
CA VAL A 234 28.59 17.25 -9.00
C VAL A 234 27.75 16.73 -7.83
N VAL A 235 27.72 17.47 -6.70
CA VAL A 235 26.88 17.14 -5.53
C VAL A 235 25.43 17.33 -5.98
N ALA A 236 25.12 18.43 -6.73
CA ALA A 236 23.79 18.77 -7.28
C ALA A 236 23.28 17.73 -8.24
N TYR A 237 24.20 17.15 -9.03
CA TYR A 237 23.90 16.11 -9.99
C TYR A 237 23.73 14.79 -9.27
N ALA A 238 24.53 14.55 -8.20
CA ALA A 238 24.44 13.35 -7.37
C ALA A 238 23.10 13.33 -6.64
N PHE A 239 22.57 14.52 -6.20
CA PHE A 239 21.26 14.57 -5.55
C PHE A 239 20.11 14.53 -6.57
N TYR A 240 20.38 14.86 -7.84
CA TYR A 240 19.40 14.78 -8.92
C TYR A 240 19.21 13.30 -9.29
N THR A 241 20.34 12.59 -9.41
CA THR A 241 20.50 11.17 -9.71
C THR A 241 19.81 10.30 -8.65
N SER A 242 20.19 10.49 -7.37
CA SER A 242 19.67 9.79 -6.19
C SER A 242 18.14 9.76 -6.11
N ASN A 243 17.49 10.90 -6.47
CA ASN A 243 16.05 11.12 -6.50
C ASN A 243 15.33 10.24 -7.56
N ILE A 244 16.07 9.78 -8.60
CA ILE A 244 15.53 8.98 -9.70
C ILE A 244 15.98 7.51 -9.61
N LEU A 245 17.30 7.27 -9.53
CA LEU A 245 17.96 5.97 -9.50
C LEU A 245 17.44 4.99 -8.43
N PRO A 246 17.40 3.68 -8.74
CA PRO A 246 16.86 2.71 -7.76
C PRO A 246 17.75 2.50 -6.55
N ARG A 247 17.13 2.14 -5.40
CA ARG A 247 17.83 1.88 -4.13
C ARG A 247 18.59 0.57 -4.23
N LEU A 248 19.93 0.63 -4.01
CA LEU A 248 20.80 -0.55 -4.09
C LEU A 248 21.86 -0.61 -2.99
N PRO A 249 22.30 -1.83 -2.56
CA PRO A 249 23.33 -1.91 -1.51
C PRO A 249 24.78 -1.80 -2.05
N TYR A 250 24.91 -1.53 -3.36
CA TYR A 250 26.16 -1.40 -4.08
C TYR A 250 26.11 -0.23 -5.08
N THR A 251 27.21 -0.01 -5.82
CA THR A 251 27.32 1.07 -6.80
C THR A 251 27.10 0.58 -8.24
N THR A 252 26.40 1.40 -9.04
CA THR A 252 26.12 1.14 -10.46
C THR A 252 27.14 1.88 -11.33
N VAL A 253 27.02 1.75 -12.67
CA VAL A 253 27.87 2.42 -13.66
C VAL A 253 27.74 3.95 -13.46
N ILE A 254 26.49 4.43 -13.26
CA ILE A 254 26.16 5.83 -13.02
C ILE A 254 26.79 6.31 -11.71
N ASP A 255 26.70 5.50 -10.63
CA ASP A 255 27.29 5.82 -9.32
C ASP A 255 28.81 5.97 -9.42
N GLN A 256 29.46 5.08 -10.21
CA GLN A 256 30.91 5.09 -10.46
C GLN A 256 31.33 6.35 -11.22
N MET A 257 30.47 6.82 -12.14
CA MET A 257 30.67 8.03 -12.95
C MET A 257 30.62 9.30 -12.08
N ILE A 258 29.77 9.28 -11.03
CA ILE A 258 29.63 10.38 -10.07
C ILE A 258 30.89 10.45 -9.20
N ILE A 259 31.40 9.27 -8.74
CA ILE A 259 32.63 9.15 -7.96
C ILE A 259 33.81 9.62 -8.83
N ALA A 260 33.76 9.31 -10.15
CA ALA A 260 34.75 9.75 -11.13
C ALA A 260 34.72 11.28 -11.25
N GLY A 261 33.52 11.86 -11.19
CA GLY A 261 33.28 13.30 -11.23
C GLY A 261 33.84 14.01 -10.00
N TYR A 262 33.76 13.35 -8.82
CA TYR A 262 34.30 13.84 -7.56
C TYR A 262 35.82 13.74 -7.59
N GLY A 263 36.32 12.63 -8.14
CA GLY A 263 37.73 12.33 -8.28
C GLY A 263 38.42 13.28 -9.23
N SER A 264 37.79 13.58 -10.37
CA SER A 264 38.26 14.50 -11.43
C SER A 264 38.43 15.92 -10.89
N ILE A 265 37.48 16.39 -10.05
CA ILE A 265 37.51 17.71 -9.44
C ILE A 265 38.60 17.78 -8.37
N PHE A 266 38.68 16.76 -7.49
CA PHE A 266 39.70 16.68 -6.45
C PHE A 266 41.09 16.57 -7.06
N ALA A 267 41.23 15.90 -8.23
CA ALA A 267 42.49 15.79 -8.96
C ALA A 267 42.83 17.17 -9.51
N ALA A 268 41.88 17.83 -10.22
CA ALA A 268 42.03 19.18 -10.78
C ALA A 268 42.42 20.21 -9.70
N ILE A 269 41.83 20.09 -8.49
CA ILE A 269 42.12 20.96 -7.34
C ILE A 269 43.57 20.75 -6.88
N LEU A 270 44.04 19.48 -6.80
CA LEU A 270 45.41 19.14 -6.41
C LEU A 270 46.42 19.68 -7.45
N LEU A 271 46.00 19.76 -8.72
CA LEU A 271 46.79 20.25 -9.85
C LEU A 271 46.95 21.77 -9.80
N ILE A 272 45.88 22.51 -9.43
CA ILE A 272 45.86 23.97 -9.30
C ILE A 272 46.83 24.39 -8.17
N ILE A 273 46.76 23.71 -6.99
CA ILE A 273 47.61 23.95 -5.82
C ILE A 273 49.10 23.66 -6.15
N PHE A 274 49.36 22.60 -6.97
CA PHE A 274 50.69 22.19 -7.40
C PHE A 274 51.32 23.12 -8.47
N ALA A 275 50.83 24.36 -8.56
CA ALA A 275 51.34 25.36 -9.51
C ALA A 275 51.63 26.68 -8.78
N HIS A 276 50.72 27.11 -7.88
CA HIS A 276 50.83 28.36 -7.13
C HIS A 276 51.82 28.26 -5.96
N HIS A 277 51.45 27.52 -4.90
CA HIS A 277 52.28 27.33 -3.71
C HIS A 277 53.12 26.04 -3.80
N VAL B 2 -29.64 -33.40 -31.67
CA VAL B 2 -29.53 -31.99 -32.06
C VAL B 2 -28.78 -31.18 -30.99
N ASP B 3 -27.69 -30.49 -31.42
CA ASP B 3 -26.84 -29.67 -30.57
C ASP B 3 -27.54 -28.41 -30.09
N ALA B 4 -27.33 -28.05 -28.82
CA ALA B 4 -27.90 -26.85 -28.20
C ALA B 4 -27.11 -25.63 -28.68
N ARG B 5 -27.85 -24.57 -29.09
CA ARG B 5 -27.31 -23.31 -29.61
C ARG B 5 -26.48 -22.56 -28.55
N PRO B 6 -25.48 -21.71 -28.93
CA PRO B 6 -24.75 -20.95 -27.90
C PRO B 6 -25.67 -19.94 -27.23
N VAL B 7 -25.38 -19.61 -25.96
CA VAL B 7 -26.16 -18.66 -25.18
C VAL B 7 -25.73 -17.24 -25.55
N ASP B 8 -26.67 -16.42 -26.05
CA ASP B 8 -26.40 -15.03 -26.43
C ASP B 8 -26.38 -14.18 -25.17
N VAL B 9 -25.26 -13.49 -24.93
CA VAL B 9 -25.11 -12.63 -23.76
C VAL B 9 -25.03 -11.18 -24.25
N SER B 10 -25.88 -10.31 -23.69
CA SER B 10 -25.93 -8.88 -23.99
C SER B 10 -25.24 -8.12 -22.84
N VAL B 11 -24.21 -7.34 -23.16
CA VAL B 11 -23.44 -6.65 -22.12
C VAL B 11 -23.52 -5.12 -22.23
N SER B 12 -23.63 -4.45 -21.08
CA SER B 12 -23.62 -3.00 -20.92
C SER B 12 -22.51 -2.64 -19.91
N ILE B 13 -21.65 -1.69 -20.26
CA ILE B 13 -20.56 -1.24 -19.40
C ILE B 13 -20.72 0.26 -19.13
N PHE B 14 -20.71 0.62 -17.84
CA PHE B 14 -20.83 1.99 -17.37
C PHE B 14 -19.49 2.41 -16.81
N ILE B 15 -18.86 3.42 -17.42
CA ILE B 15 -17.55 3.88 -16.98
C ILE B 15 -17.71 5.17 -16.18
N ASN B 16 -17.63 5.04 -14.84
CA ASN B 16 -17.75 6.17 -13.92
C ASN B 16 -16.48 7.01 -13.87
N LYS B 17 -15.30 6.37 -13.91
CA LYS B 17 -14.01 7.05 -13.75
C LYS B 17 -12.85 6.28 -14.42
N ILE B 18 -11.92 7.02 -15.03
CA ILE B 18 -10.66 6.54 -15.59
C ILE B 18 -9.65 7.47 -14.95
N TYR B 19 -8.79 6.93 -14.08
CA TYR B 19 -7.84 7.70 -13.31
C TYR B 19 -6.65 6.82 -12.89
N GLY B 20 -5.78 7.38 -12.06
CA GLY B 20 -4.61 6.71 -11.50
C GLY B 20 -3.68 6.06 -12.49
N VAL B 21 -3.38 6.76 -13.61
CA VAL B 21 -2.47 6.28 -14.66
C VAL B 21 -1.07 6.12 -14.08
N ASN B 22 -0.49 4.92 -14.22
CA ASN B 22 0.88 4.61 -13.80
C ASN B 22 1.64 4.38 -15.09
N THR B 23 2.41 5.41 -15.49
CA THR B 23 3.20 5.47 -16.71
C THR B 23 4.18 4.31 -16.90
N LEU B 24 4.97 4.00 -15.85
CA LEU B 24 5.98 2.93 -15.90
C LEU B 24 5.37 1.53 -15.98
N GLU B 25 4.28 1.29 -15.23
CA GLU B 25 3.58 0.01 -15.23
C GLU B 25 2.63 -0.14 -16.41
N GLN B 26 2.31 0.99 -17.11
CA GLN B 26 1.38 1.06 -18.25
C GLN B 26 -0.01 0.56 -17.84
N THR B 27 -0.49 1.06 -16.69
CA THR B 27 -1.79 0.72 -16.08
C THR B 27 -2.60 1.99 -15.78
N TYR B 28 -3.92 1.82 -15.60
CA TYR B 28 -4.91 2.86 -15.28
C TYR B 28 -6.07 2.22 -14.51
N LYS B 29 -6.68 2.98 -13.59
CA LYS B 29 -7.80 2.49 -12.77
C LYS B 29 -9.12 2.86 -13.39
N VAL B 30 -10.04 1.89 -13.44
CA VAL B 30 -11.38 2.10 -13.99
C VAL B 30 -12.42 1.72 -12.94
N ASP B 31 -13.35 2.64 -12.64
CA ASP B 31 -14.47 2.38 -11.75
C ASP B 31 -15.71 2.39 -12.63
N GLY B 32 -16.54 1.36 -12.47
CA GLY B 32 -17.76 1.24 -13.26
C GLY B 32 -18.69 0.12 -12.85
N TYR B 33 -19.67 -0.15 -13.73
CA TYR B 33 -20.65 -1.22 -13.58
C TYR B 33 -20.68 -2.07 -14.84
N ILE B 34 -20.87 -3.36 -14.65
CA ILE B 34 -20.98 -4.34 -15.71
C ILE B 34 -22.37 -4.95 -15.61
N VAL B 35 -23.10 -4.95 -16.73
CA VAL B 35 -24.44 -5.52 -16.85
C VAL B 35 -24.36 -6.64 -17.90
N ALA B 36 -24.79 -7.85 -17.56
CA ALA B 36 -24.80 -9.00 -18.46
C ALA B 36 -26.20 -9.59 -18.49
N GLN B 37 -26.73 -9.86 -19.70
CA GLN B 37 -28.07 -10.41 -19.83
C GLN B 37 -28.14 -11.59 -20.78
N TRP B 38 -28.82 -12.65 -20.33
CA TRP B 38 -29.03 -13.85 -21.13
C TRP B 38 -30.34 -14.53 -20.77
N THR B 39 -30.83 -15.43 -21.64
CA THR B 39 -32.04 -16.19 -21.37
C THR B 39 -31.59 -17.57 -20.90
N GLY B 40 -31.86 -17.88 -19.64
CA GLY B 40 -31.55 -19.18 -19.07
C GLY B 40 -32.75 -20.09 -19.20
N LYS B 41 -32.87 -21.04 -18.28
CA LYS B 41 -34.00 -21.96 -18.26
C LYS B 41 -35.15 -21.33 -17.46
N PRO B 42 -36.42 -21.39 -17.94
CA PRO B 42 -37.54 -20.80 -17.18
C PRO B 42 -37.67 -21.38 -15.77
N ARG B 43 -38.14 -20.55 -14.82
CA ARG B 43 -38.25 -20.93 -13.41
C ARG B 43 -39.46 -20.32 -12.73
N LYS B 44 -39.79 -20.81 -11.53
CA LYS B 44 -40.87 -20.23 -10.75
C LYS B 44 -40.30 -19.15 -9.82
N THR B 45 -40.90 -17.96 -9.88
CA THR B 45 -40.52 -16.82 -9.05
C THR B 45 -41.74 -16.47 -8.19
N PRO B 46 -41.55 -15.94 -6.95
CA PRO B 46 -42.72 -15.56 -6.13
C PRO B 46 -43.60 -14.48 -6.79
N GLY B 47 -44.87 -14.82 -6.97
CA GLY B 47 -45.89 -13.97 -7.59
C GLY B 47 -45.76 -13.77 -9.08
N ASP B 48 -44.85 -14.55 -9.73
CA ASP B 48 -44.49 -14.51 -11.16
C ASP B 48 -43.90 -13.14 -11.58
N LYS B 49 -43.28 -12.47 -10.61
CA LYS B 49 -42.63 -11.16 -10.74
C LYS B 49 -41.12 -11.41 -10.74
N PRO B 50 -40.30 -10.55 -11.38
CA PRO B 50 -38.84 -10.79 -11.36
C PRO B 50 -38.29 -10.78 -9.94
N LEU B 51 -37.45 -11.77 -9.62
CA LEU B 51 -36.85 -11.90 -8.30
C LEU B 51 -35.44 -11.30 -8.24
N ILE B 52 -35.18 -10.49 -7.20
CA ILE B 52 -33.88 -9.86 -6.94
C ILE B 52 -33.09 -10.70 -5.92
N VAL B 53 -31.87 -11.12 -6.31
CA VAL B 53 -30.93 -11.92 -5.50
C VAL B 53 -29.64 -11.07 -5.39
N GLU B 54 -29.27 -10.64 -4.17
CA GLU B 54 -28.10 -9.80 -3.97
C GLU B 54 -26.95 -10.52 -3.28
N ASN B 55 -25.74 -10.06 -3.58
CA ASN B 55 -24.41 -10.40 -3.07
C ASN B 55 -24.20 -11.87 -2.67
N THR B 56 -24.22 -12.18 -1.35
CA THR B 56 -23.99 -13.51 -0.76
C THR B 56 -25.09 -14.52 -1.10
N GLN B 57 -26.32 -14.05 -1.42
CA GLN B 57 -27.44 -14.92 -1.80
C GLN B 57 -27.26 -15.51 -3.21
N ILE B 58 -26.48 -14.81 -4.11
CA ILE B 58 -26.18 -15.21 -5.49
C ILE B 58 -25.53 -16.60 -5.48
N GLU B 59 -24.55 -16.81 -4.56
CA GLU B 59 -23.84 -18.06 -4.37
C GLU B 59 -24.76 -19.22 -4.07
N ARG B 60 -25.71 -19.02 -3.12
CA ARG B 60 -26.71 -20.01 -2.72
C ARG B 60 -27.49 -20.56 -3.93
N TRP B 61 -27.74 -19.69 -4.95
CA TRP B 61 -28.42 -20.04 -6.20
C TRP B 61 -27.52 -20.86 -7.13
N ILE B 62 -26.20 -20.55 -7.15
CA ILE B 62 -25.20 -21.24 -7.97
C ILE B 62 -25.02 -22.67 -7.44
N ASN B 63 -24.86 -22.82 -6.10
CA ASN B 63 -24.73 -24.14 -5.44
C ASN B 63 -25.95 -25.01 -5.77
N ASN B 64 -27.13 -24.38 -5.85
CA ASN B 64 -28.41 -25.01 -6.16
C ASN B 64 -28.62 -25.25 -7.68
N GLY B 65 -27.63 -24.92 -8.50
CA GLY B 65 -27.67 -25.23 -9.93
C GLY B 65 -27.89 -24.10 -10.92
N LEU B 66 -27.94 -22.84 -10.47
CA LEU B 66 -28.13 -21.72 -11.38
C LEU B 66 -26.84 -21.44 -12.15
N TRP B 67 -26.96 -21.28 -13.47
CA TRP B 67 -25.83 -21.03 -14.36
C TRP B 67 -25.48 -19.55 -14.43
N VAL B 68 -24.35 -19.17 -13.81
CA VAL B 68 -23.84 -17.80 -13.81
C VAL B 68 -22.38 -17.87 -14.33
N PRO B 69 -22.18 -17.70 -15.66
CA PRO B 69 -20.81 -17.83 -16.20
C PRO B 69 -19.86 -16.74 -15.75
N ALA B 70 -18.60 -17.11 -15.51
CA ALA B 70 -17.58 -16.16 -15.10
C ALA B 70 -17.05 -15.42 -16.33
N LEU B 71 -17.18 -14.10 -16.32
CA LEU B 71 -16.71 -13.23 -17.38
C LEU B 71 -15.47 -12.53 -16.86
N GLU B 72 -14.36 -12.72 -17.57
CA GLU B 72 -13.08 -12.19 -17.14
C GLU B 72 -12.69 -10.96 -17.90
N PHE B 73 -12.14 -9.96 -17.17
CA PHE B 73 -11.54 -8.79 -17.76
C PHE B 73 -10.13 -9.28 -18.12
N ILE B 74 -9.86 -9.42 -19.43
CA ILE B 74 -8.62 -9.94 -19.99
C ILE B 74 -7.42 -9.08 -19.61
N ASN B 75 -7.55 -7.75 -19.70
CA ASN B 75 -6.49 -6.80 -19.40
C ASN B 75 -6.51 -6.22 -17.97
N VAL B 76 -7.20 -6.90 -17.02
CA VAL B 76 -7.19 -6.48 -15.62
C VAL B 76 -5.85 -6.94 -14.99
N VAL B 77 -5.31 -6.16 -14.05
CA VAL B 77 -4.04 -6.46 -13.38
C VAL B 77 -4.40 -6.77 -11.92
N GLY B 78 -4.48 -8.06 -11.62
CA GLY B 78 -4.94 -8.54 -10.31
C GLY B 78 -6.45 -8.56 -10.26
N SER B 79 -7.03 -9.20 -9.22
CA SER B 79 -8.48 -9.30 -9.08
C SER B 79 -9.13 -7.94 -8.90
N PRO B 80 -10.13 -7.59 -9.72
CA PRO B 80 -10.80 -6.30 -9.53
C PRO B 80 -11.62 -6.31 -8.24
N ASP B 81 -11.67 -5.16 -7.56
CA ASP B 81 -12.44 -4.94 -6.35
C ASP B 81 -13.92 -4.86 -6.77
N THR B 82 -14.65 -5.93 -6.49
CA THR B 82 -16.08 -6.00 -6.81
C THR B 82 -16.88 -5.52 -5.61
N GLY B 83 -17.76 -4.55 -5.84
CA GLY B 83 -18.63 -4.01 -4.82
C GLY B 83 -19.86 -4.89 -4.72
N ASN B 84 -21.06 -4.26 -4.76
CA ASN B 84 -22.33 -4.99 -4.73
C ASN B 84 -22.56 -5.70 -6.04
N LYS B 85 -23.20 -6.87 -5.99
CA LYS B 85 -23.58 -7.63 -7.16
C LYS B 85 -25.02 -8.13 -7.00
N ARG B 86 -25.76 -8.21 -8.13
CA ARG B 86 -27.16 -8.57 -8.15
C ARG B 86 -27.56 -9.40 -9.35
N LEU B 87 -28.46 -10.36 -9.13
CA LEU B 87 -29.08 -11.17 -10.17
C LEU B 87 -30.55 -10.82 -10.22
N MET B 88 -31.09 -10.59 -11.41
CA MET B 88 -32.52 -10.39 -11.57
C MET B 88 -33.03 -11.57 -12.37
N LEU B 89 -33.78 -12.43 -11.68
CA LEU B 89 -34.30 -13.66 -12.25
C LEU B 89 -35.76 -13.54 -12.68
N PHE B 90 -35.98 -13.70 -13.99
CA PHE B 90 -37.29 -13.64 -14.61
C PHE B 90 -37.89 -15.04 -14.72
N PRO B 91 -39.23 -15.20 -14.59
CA PRO B 91 -39.81 -16.55 -14.68
C PRO B 91 -39.72 -17.18 -16.07
N ASP B 92 -39.63 -16.34 -17.12
CA ASP B 92 -39.51 -16.72 -18.53
C ASP B 92 -38.10 -17.22 -18.90
N GLY B 93 -37.20 -17.30 -17.92
CA GLY B 93 -35.83 -17.79 -18.10
C GLY B 93 -34.77 -16.71 -18.00
N ARG B 94 -35.10 -15.47 -18.43
CA ARG B 94 -34.21 -14.30 -18.45
C ARG B 94 -33.45 -14.09 -17.14
N VAL B 95 -32.16 -13.74 -17.28
CA VAL B 95 -31.22 -13.47 -16.20
C VAL B 95 -30.49 -12.16 -16.50
N ILE B 96 -30.43 -11.25 -15.50
CA ILE B 96 -29.71 -9.98 -15.59
C ILE B 96 -28.71 -9.92 -14.43
N TYR B 97 -27.41 -9.94 -14.77
CA TYR B 97 -26.35 -9.84 -13.79
C TYR B 97 -25.82 -8.42 -13.80
N ASN B 98 -25.66 -7.84 -12.61
CA ASN B 98 -25.17 -6.47 -12.46
C ASN B 98 -24.23 -6.37 -11.26
N ALA B 99 -23.00 -5.89 -11.51
CA ALA B 99 -22.00 -5.75 -10.45
C ALA B 99 -21.19 -4.48 -10.60
N ARG B 100 -20.77 -3.89 -9.47
CA ARG B 100 -19.92 -2.71 -9.42
C ARG B 100 -18.48 -3.22 -9.39
N PHE B 101 -17.57 -2.56 -10.12
CA PHE B 101 -16.16 -2.93 -10.13
C PHE B 101 -15.22 -1.72 -10.10
N LEU B 102 -14.00 -1.96 -9.62
CA LEU B 102 -12.87 -1.07 -9.61
C LEU B 102 -11.67 -1.96 -9.84
N GLY B 103 -10.96 -1.73 -10.94
CA GLY B 103 -9.80 -2.53 -11.28
C GLY B 103 -8.71 -1.72 -11.94
N SER B 104 -7.47 -2.24 -11.88
CA SER B 104 -6.31 -1.67 -12.56
C SER B 104 -6.22 -2.40 -13.89
N PHE B 105 -6.29 -1.66 -14.99
CA PHE B 105 -6.25 -2.22 -16.33
C PHE B 105 -4.98 -1.82 -17.03
N SER B 106 -4.43 -2.74 -17.80
CA SER B 106 -3.21 -2.52 -18.57
C SER B 106 -3.52 -2.40 -20.04
N ASN B 107 -2.68 -1.66 -20.76
CA ASN B 107 -2.75 -1.44 -22.20
C ASN B 107 -1.46 -0.79 -22.65
N ASP B 108 -1.20 -0.79 -23.97
CA ASP B 108 0.00 -0.18 -24.54
C ASP B 108 -0.10 1.32 -24.44
N MET B 109 0.81 1.90 -23.67
CA MET B 109 0.81 3.33 -23.45
C MET B 109 2.16 3.93 -23.81
N ASP B 110 2.15 4.78 -24.85
CA ASP B 110 3.32 5.47 -25.37
C ASP B 110 3.24 6.93 -24.90
N PHE B 111 4.15 7.31 -24.00
CA PHE B 111 4.21 8.66 -23.42
C PHE B 111 5.35 9.51 -23.98
N ARG B 112 5.92 9.13 -25.14
CA ARG B 112 7.03 9.85 -25.78
C ARG B 112 6.69 11.30 -26.15
N LEU B 113 5.39 11.59 -26.38
CA LEU B 113 4.92 12.93 -26.75
C LEU B 113 4.39 13.76 -25.57
N PHE B 114 4.57 13.25 -24.34
CA PHE B 114 4.17 13.91 -23.10
C PHE B 114 4.71 15.36 -23.05
N PRO B 115 3.92 16.37 -22.59
CA PRO B 115 2.54 16.30 -22.07
C PRO B 115 1.43 16.33 -23.13
N PHE B 116 1.81 16.22 -24.41
CA PHE B 116 0.86 16.29 -25.53
C PHE B 116 0.48 14.91 -26.09
N ASP B 117 0.56 13.87 -25.23
CA ASP B 117 0.26 12.49 -25.59
C ASP B 117 -1.23 12.15 -25.56
N ARG B 118 -1.63 11.26 -26.48
CA ARG B 118 -2.99 10.75 -26.61
C ARG B 118 -3.00 9.28 -26.17
N GLN B 119 -4.06 8.86 -25.45
CA GLN B 119 -4.17 7.49 -24.97
C GLN B 119 -5.49 6.85 -25.33
N GLN B 120 -5.46 5.52 -25.48
CA GLN B 120 -6.65 4.73 -25.74
C GLN B 120 -6.81 3.81 -24.52
N PHE B 121 -7.84 4.07 -23.67
CA PHE B 121 -8.11 3.27 -22.48
C PHE B 121 -9.07 2.16 -22.86
N VAL B 122 -8.59 0.90 -22.80
CA VAL B 122 -9.40 -0.23 -23.21
C VAL B 122 -9.82 -1.14 -22.05
N LEU B 123 -10.94 -1.85 -22.28
CA LEU B 123 -11.49 -2.87 -21.40
C LEU B 123 -11.77 -4.07 -22.30
N GLU B 124 -11.25 -5.24 -21.92
CA GLU B 124 -11.44 -6.46 -22.70
C GLU B 124 -12.15 -7.51 -21.86
N LEU B 125 -13.33 -7.94 -22.32
CA LEU B 125 -14.15 -8.91 -21.60
C LEU B 125 -14.31 -10.19 -22.38
N GLU B 126 -14.12 -11.34 -21.70
CA GLU B 126 -14.20 -12.65 -22.33
C GLU B 126 -14.65 -13.71 -21.32
N PRO B 127 -15.53 -14.67 -21.70
CA PRO B 127 -15.89 -15.74 -20.76
C PRO B 127 -14.64 -16.53 -20.37
N PHE B 128 -14.49 -16.84 -19.09
CA PHE B 128 -13.29 -17.54 -18.61
C PHE B 128 -13.20 -19.00 -19.07
N SER B 129 -14.35 -19.70 -19.20
CA SER B 129 -14.40 -21.13 -19.50
C SER B 129 -15.25 -21.54 -20.69
N TYR B 130 -16.22 -20.70 -21.09
CA TYR B 130 -17.13 -21.06 -22.17
C TYR B 130 -16.75 -20.49 -23.53
N ASN B 131 -16.54 -21.40 -24.51
CA ASN B 131 -16.21 -21.03 -25.90
C ASN B 131 -17.45 -20.43 -26.59
N ASN B 132 -17.31 -19.91 -27.83
CA ASN B 132 -18.42 -19.29 -28.56
C ASN B 132 -19.46 -20.30 -29.11
N GLN B 133 -19.29 -21.59 -28.83
CA GLN B 133 -20.24 -22.62 -29.24
C GLN B 133 -21.21 -22.81 -28.07
N GLN B 134 -20.78 -22.34 -26.88
CA GLN B 134 -21.51 -22.40 -25.62
C GLN B 134 -22.02 -21.04 -25.19
N LEU B 135 -21.18 -19.98 -25.33
CA LEU B 135 -21.49 -18.61 -24.93
C LEU B 135 -20.85 -17.61 -25.87
N ARG B 136 -21.70 -16.79 -26.49
CA ARG B 136 -21.27 -15.73 -27.41
C ARG B 136 -21.88 -14.38 -27.02
N PHE B 137 -21.13 -13.30 -27.20
CA PHE B 137 -21.61 -11.96 -26.90
C PHE B 137 -22.40 -11.46 -28.11
N SER B 138 -23.71 -11.19 -27.91
CA SER B 138 -24.59 -10.73 -28.98
C SER B 138 -24.43 -9.25 -29.29
N ASP B 139 -24.19 -8.43 -28.25
CA ASP B 139 -23.99 -6.98 -28.35
C ASP B 139 -23.30 -6.38 -27.11
N ILE B 140 -22.83 -5.12 -27.25
CA ILE B 140 -22.19 -4.34 -26.18
C ILE B 140 -22.60 -2.85 -26.26
N GLN B 141 -23.00 -2.27 -25.12
CA GLN B 141 -23.30 -0.83 -25.02
C GLN B 141 -22.46 -0.25 -23.96
N VAL B 142 -21.93 0.94 -24.23
CA VAL B 142 -21.09 1.64 -23.28
C VAL B 142 -21.66 3.00 -22.96
N TYR B 143 -21.75 3.28 -21.67
CA TYR B 143 -22.22 4.55 -21.13
C TYR B 143 -21.08 5.13 -20.34
N THR B 144 -20.69 6.36 -20.66
CA THR B 144 -19.59 7.05 -20.00
C THR B 144 -20.11 8.26 -19.23
N GLU B 145 -19.26 8.83 -18.36
CA GLU B 145 -19.58 10.00 -17.53
C GLU B 145 -19.88 11.26 -18.34
N ASN B 146 -20.88 12.04 -17.88
CA ASN B 146 -21.30 13.33 -18.44
C ASN B 146 -20.43 14.40 -17.74
N ILE B 147 -19.51 15.01 -18.49
CA ILE B 147 -18.58 16.00 -17.96
C ILE B 147 -19.09 17.42 -18.17
N ASP B 148 -19.02 18.24 -17.11
CA ASP B 148 -19.41 19.64 -17.14
C ASP B 148 -18.22 20.46 -17.62
N ASN B 149 -17.09 20.38 -16.89
CA ASN B 149 -15.87 21.11 -17.20
C ASN B 149 -14.63 20.23 -17.10
N GLU B 150 -13.93 20.07 -18.23
CA GLU B 150 -12.71 19.27 -18.36
C GLU B 150 -11.44 20.00 -17.93
N GLU B 151 -11.54 21.35 -17.70
CA GLU B 151 -10.45 22.23 -17.26
C GLU B 151 -9.81 21.70 -15.98
N ILE B 152 -10.65 21.22 -15.04
CA ILE B 152 -10.26 20.68 -13.72
C ILE B 152 -9.82 19.21 -13.81
N ASP B 153 -9.94 18.57 -15.00
CA ASP B 153 -9.58 17.17 -15.23
C ASP B 153 -8.21 16.98 -15.88
N GLU B 154 -7.53 15.87 -15.51
CA GLU B 154 -6.21 15.47 -16.00
C GLU B 154 -6.27 15.01 -17.46
N TRP B 155 -7.35 14.28 -17.81
CA TRP B 155 -7.57 13.75 -19.15
C TRP B 155 -8.80 14.33 -19.81
N TRP B 156 -8.72 14.51 -21.14
CA TRP B 156 -9.81 15.06 -21.95
C TRP B 156 -10.30 14.01 -22.93
N ILE B 157 -11.47 13.41 -22.64
CA ILE B 157 -12.10 12.37 -23.44
C ILE B 157 -12.51 12.94 -24.82
N ARG B 158 -12.08 12.26 -25.89
CA ARG B 158 -12.33 12.67 -27.26
C ARG B 158 -13.14 11.63 -28.03
N GLY B 159 -14.38 12.00 -28.34
CA GLY B 159 -15.33 11.17 -29.06
C GLY B 159 -16.09 10.21 -28.16
N LYS B 160 -16.91 9.36 -28.78
CA LYS B 160 -17.70 8.35 -28.07
C LYS B 160 -16.85 7.10 -27.90
N ALA B 161 -17.32 6.17 -27.05
CA ALA B 161 -16.65 4.89 -26.82
C ALA B 161 -16.74 4.01 -28.05
N SER B 162 -15.61 3.41 -28.44
CA SER B 162 -15.53 2.49 -29.59
C SER B 162 -15.66 1.08 -29.03
N THR B 163 -16.45 0.23 -29.69
CA THR B 163 -16.67 -1.14 -29.24
C THR B 163 -16.42 -2.13 -30.36
N HIS B 164 -16.03 -3.36 -30.01
CA HIS B 164 -15.80 -4.46 -30.93
C HIS B 164 -16.27 -5.76 -30.31
N ILE B 165 -16.70 -6.71 -31.16
CA ILE B 165 -17.03 -8.08 -30.78
C ILE B 165 -16.27 -8.95 -31.76
N SER B 166 -15.28 -9.64 -31.23
CA SER B 166 -14.41 -10.51 -32.00
C SER B 166 -14.43 -11.94 -31.45
N ASP B 167 -13.69 -12.83 -32.13
CA ASP B 167 -13.49 -14.21 -31.72
C ASP B 167 -11.99 -14.45 -31.59
N ILE B 168 -11.58 -15.03 -30.45
CA ILE B 168 -10.18 -15.32 -30.15
C ILE B 168 -9.96 -16.82 -30.30
N ARG B 169 -9.10 -17.22 -31.25
CA ARG B 169 -8.78 -18.62 -31.49
C ARG B 169 -7.47 -18.95 -30.77
N TYR B 170 -7.53 -19.92 -29.87
CA TYR B 170 -6.36 -20.34 -29.10
C TYR B 170 -5.83 -21.67 -29.69
N ASP B 171 -4.54 -21.63 -30.13
CA ASP B 171 -3.75 -22.76 -30.71
C ASP B 171 -3.52 -23.82 -29.68
N HIS B 172 -3.16 -23.45 -28.42
CA HIS B 172 -3.11 -24.36 -27.29
C HIS B 172 -4.60 -24.63 -27.11
N LEU B 173 -5.07 -25.80 -26.64
CA LEU B 173 -6.52 -26.15 -26.59
C LEU B 173 -7.21 -26.18 -28.03
N SER B 174 -6.43 -26.34 -29.14
CA SER B 174 -6.97 -26.52 -30.52
C SER B 174 -7.07 -28.03 -30.64
N SER B 175 -6.13 -28.67 -29.96
CA SER B 175 -6.05 -30.10 -29.83
C SER B 175 -7.07 -30.56 -28.79
N VAL B 176 -7.33 -29.78 -27.70
CA VAL B 176 -8.26 -30.20 -26.63
C VAL B 176 -9.61 -30.74 -27.24
N GLN B 177 -10.14 -30.08 -28.32
CA GLN B 177 -11.36 -30.41 -29.09
C GLN B 177 -11.51 -29.58 -30.45
N PRO B 178 -12.02 -30.19 -31.57
CA PRO B 178 -12.09 -29.46 -32.84
C PRO B 178 -13.36 -28.53 -33.08
N ASN B 179 -13.06 -27.26 -33.16
CA ASN B 179 -14.00 -26.11 -33.34
C ASN B 179 -14.47 -25.51 -31.98
N GLN B 180 -13.76 -25.94 -30.90
CA GLN B 180 -14.07 -25.62 -29.51
C GLN B 180 -12.98 -24.75 -28.90
N ASN B 181 -12.13 -24.14 -29.75
CA ASN B 181 -10.99 -23.33 -29.31
C ASN B 181 -11.16 -21.80 -29.47
N GLU B 182 -12.35 -21.36 -29.92
CA GLU B 182 -12.67 -19.94 -30.14
C GLU B 182 -13.51 -19.35 -29.01
N PHE B 183 -13.14 -18.15 -28.55
CA PHE B 183 -13.83 -17.47 -27.45
C PHE B 183 -14.37 -16.11 -27.89
N SER B 184 -15.57 -15.77 -27.41
CA SER B 184 -16.20 -14.49 -27.75
C SER B 184 -15.54 -13.35 -26.93
N ARG B 185 -15.16 -12.23 -27.57
CA ARG B 185 -14.53 -11.13 -26.83
C ARG B 185 -15.09 -9.74 -27.15
N ILE B 186 -15.44 -9.01 -26.07
CA ILE B 186 -15.88 -7.62 -26.13
C ILE B 186 -14.67 -6.74 -25.84
N THR B 187 -14.49 -5.68 -26.66
CA THR B 187 -13.44 -4.69 -26.51
C THR B 187 -14.13 -3.32 -26.43
N VAL B 188 -13.76 -2.51 -25.44
CA VAL B 188 -14.30 -1.17 -25.24
C VAL B 188 -13.10 -0.22 -25.24
N ARG B 189 -13.16 0.88 -26.00
CA ARG B 189 -12.05 1.82 -26.08
C ARG B 189 -12.50 3.27 -25.85
N ILE B 190 -11.79 3.98 -24.95
CA ILE B 190 -12.01 5.37 -24.60
C ILE B 190 -10.78 6.16 -25.01
N ASP B 191 -10.93 7.09 -25.97
CA ASP B 191 -9.81 7.92 -26.42
C ASP B 191 -9.74 9.22 -25.61
N ALA B 192 -8.54 9.56 -25.14
CA ALA B 192 -8.32 10.77 -24.35
C ALA B 192 -7.00 11.47 -24.68
N VAL B 193 -6.98 12.80 -24.52
CA VAL B 193 -5.83 13.68 -24.75
C VAL B 193 -5.46 14.27 -23.38
N ARG B 194 -4.15 14.33 -23.04
CA ARG B 194 -3.74 14.89 -21.75
C ARG B 194 -3.95 16.40 -21.71
N ASN B 195 -4.28 16.92 -20.51
CA ASN B 195 -4.45 18.34 -20.22
C ASN B 195 -3.02 18.88 -20.03
N PRO B 196 -2.46 19.65 -21.00
CA PRO B 196 -1.07 20.09 -20.86
C PRO B 196 -0.87 21.46 -20.17
N SER B 197 -1.96 22.07 -19.65
CA SER B 197 -1.95 23.38 -18.99
C SER B 197 -0.90 23.52 -17.88
N TYR B 198 -0.79 22.53 -16.99
CA TYR B 198 0.20 22.59 -15.91
C TYR B 198 1.63 22.56 -16.42
N TYR B 199 1.91 21.72 -17.44
CA TYR B 199 3.25 21.57 -18.00
C TYR B 199 3.64 22.70 -18.95
N LEU B 200 2.67 23.40 -19.56
CA LEU B 200 2.94 24.53 -20.44
C LEU B 200 3.44 25.73 -19.65
N TRP B 201 2.66 26.14 -18.62
CA TRP B 201 2.93 27.28 -17.76
C TRP B 201 4.02 27.04 -16.70
N SER B 202 4.18 25.81 -16.20
CA SER B 202 5.16 25.51 -15.14
C SER B 202 6.45 24.81 -15.60
N PHE B 203 6.48 24.22 -16.82
CA PHE B 203 7.69 23.52 -17.28
C PHE B 203 8.28 24.06 -18.57
N ILE B 204 7.46 24.29 -19.61
CA ILE B 204 7.94 24.75 -20.92
C ILE B 204 8.26 26.25 -20.89
N LEU B 205 7.33 27.08 -20.38
CA LEU B 205 7.51 28.53 -20.28
C LEU B 205 8.71 28.95 -19.40
N PRO B 206 8.87 28.49 -18.12
CA PRO B 206 10.05 28.92 -17.34
C PRO B 206 11.37 28.44 -17.92
N LEU B 207 11.41 27.21 -18.49
CA LEU B 207 12.58 26.63 -19.13
C LEU B 207 13.00 27.45 -20.35
N GLY B 208 12.00 27.97 -21.05
CA GLY B 208 12.17 28.84 -22.21
C GLY B 208 12.83 30.15 -21.83
N LEU B 209 12.37 30.75 -20.70
CA LEU B 209 12.88 32.01 -20.13
C LEU B 209 14.32 31.85 -19.62
N ILE B 210 14.71 30.62 -19.22
CA ILE B 210 16.05 30.28 -18.75
C ILE B 210 16.98 30.09 -19.97
N ILE B 211 16.55 29.30 -20.99
CA ILE B 211 17.31 29.05 -22.23
C ILE B 211 17.50 30.39 -22.99
N ALA B 212 16.51 31.31 -22.90
CA ALA B 212 16.58 32.66 -23.50
C ALA B 212 17.60 33.50 -22.75
N ALA B 213 17.57 33.47 -21.39
CA ALA B 213 18.50 34.21 -20.51
C ALA B 213 19.92 33.64 -20.53
N SER B 214 20.10 32.38 -20.98
CA SER B 214 21.41 31.71 -21.05
C SER B 214 22.34 32.33 -22.09
N TRP B 215 21.77 32.90 -23.18
CA TRP B 215 22.54 33.54 -24.25
C TRP B 215 22.97 34.98 -23.92
N SER B 216 22.35 35.59 -22.88
CA SER B 216 22.64 36.95 -22.42
C SER B 216 24.01 37.10 -21.75
N VAL B 217 24.72 35.98 -21.51
CA VAL B 217 26.06 35.94 -20.89
C VAL B 217 27.15 36.53 -21.81
N PHE B 218 26.90 36.53 -23.14
CA PHE B 218 27.82 37.05 -24.17
C PHE B 218 27.94 38.57 -24.12
N TRP B 219 26.96 39.24 -23.46
CA TRP B 219 26.92 40.68 -23.29
C TRP B 219 27.80 41.16 -22.11
N LEU B 220 28.50 40.21 -21.44
CA LEU B 220 29.44 40.51 -20.35
C LEU B 220 30.77 40.96 -20.93
N GLU B 221 31.41 41.94 -20.27
CA GLU B 221 32.65 42.59 -20.70
C GLU B 221 33.89 41.68 -20.75
N SER B 222 34.27 41.06 -19.62
CA SER B 222 35.47 40.21 -19.55
C SER B 222 35.20 38.71 -19.68
N PHE B 223 36.27 37.93 -19.96
CA PHE B 223 36.27 36.48 -20.10
C PHE B 223 35.96 35.81 -18.74
N SER B 224 36.47 36.41 -17.65
CA SER B 224 36.29 35.98 -16.25
C SER B 224 34.82 36.05 -15.84
N GLU B 225 34.11 37.10 -16.31
CA GLU B 225 32.68 37.33 -16.05
C GLU B 225 31.80 36.37 -16.86
N ARG B 226 32.07 36.24 -18.18
CA ARG B 226 31.36 35.38 -19.14
C ARG B 226 31.32 33.91 -18.68
N LEU B 227 32.49 33.37 -18.31
CA LEU B 227 32.67 31.99 -17.87
C LEU B 227 31.98 31.67 -16.55
N GLN B 228 32.27 32.44 -15.48
CA GLN B 228 31.69 32.24 -14.14
C GLN B 228 30.16 32.31 -14.10
N THR B 229 29.56 33.06 -15.04
CA THR B 229 28.10 33.20 -15.18
C THR B 229 27.52 31.99 -15.93
N SER B 230 28.30 31.40 -16.86
CA SER B 230 27.90 30.22 -17.64
C SER B 230 27.79 28.98 -16.75
N PHE B 231 28.66 28.88 -15.72
CA PHE B 231 28.67 27.79 -14.74
C PHE B 231 27.47 27.93 -13.79
N THR B 232 27.03 29.19 -13.55
CA THR B 232 25.89 29.53 -12.70
C THR B 232 24.60 29.10 -13.41
N CYS B 233 24.53 29.31 -14.74
CA CYS B 233 23.41 28.91 -15.60
C CYS B 233 23.35 27.39 -15.72
N MET B 234 24.55 26.74 -15.73
CA MET B 234 24.73 25.28 -15.78
C MET B 234 24.11 24.67 -14.52
N LEU B 235 24.40 25.28 -13.35
CA LEU B 235 23.88 24.91 -12.03
C LEU B 235 22.35 25.08 -11.99
N THR B 236 21.82 26.13 -12.67
CA THR B 236 20.38 26.43 -12.76
C THR B 236 19.66 25.35 -13.58
N VAL B 237 20.26 24.89 -14.70
CA VAL B 237 19.70 23.85 -15.57
C VAL B 237 19.68 22.51 -14.83
N VAL B 238 20.69 22.23 -13.98
CA VAL B 238 20.77 21.03 -13.13
C VAL B 238 19.67 21.13 -12.06
N ALA B 239 19.50 22.34 -11.46
CA ALA B 239 18.48 22.63 -10.44
C ALA B 239 17.07 22.51 -11.03
N TYR B 240 16.92 22.90 -12.30
CA TYR B 240 15.65 22.80 -13.01
C TYR B 240 15.38 21.35 -13.39
N ALA B 241 16.44 20.60 -13.79
CA ALA B 241 16.36 19.17 -14.15
C ALA B 241 15.93 18.35 -12.94
N PHE B 242 16.42 18.73 -11.74
CA PHE B 242 16.09 18.09 -10.48
C PHE B 242 14.66 18.49 -10.04
N TYR B 243 14.20 19.70 -10.44
CA TYR B 243 12.85 20.18 -10.16
C TYR B 243 11.84 19.41 -11.00
N THR B 244 12.16 19.17 -12.29
CA THR B 244 11.31 18.43 -13.23
C THR B 244 11.21 16.96 -12.82
N SER B 245 12.36 16.30 -12.53
CA SER B 245 12.47 14.89 -12.11
C SER B 245 11.54 14.54 -10.94
N ASN B 246 11.45 15.47 -9.96
CA ASN B 246 10.62 15.40 -8.75
C ASN B 246 9.11 15.40 -9.05
N ILE B 247 8.69 15.90 -10.24
CA ILE B 247 7.29 15.99 -10.68
C ILE B 247 6.96 15.00 -11.80
N LEU B 248 7.72 15.06 -12.91
CA LEU B 248 7.56 14.24 -14.12
C LEU B 248 7.44 12.74 -13.85
N PRO B 249 6.59 12.02 -14.63
CA PRO B 249 6.42 10.59 -14.40
C PRO B 249 7.63 9.75 -14.79
N ARG B 250 7.80 8.57 -14.12
CA ARG B 250 8.90 7.66 -14.41
C ARG B 250 8.69 6.92 -15.71
N LEU B 251 9.67 7.06 -16.63
CA LEU B 251 9.62 6.47 -17.97
C LEU B 251 10.96 5.88 -18.45
N PRO B 252 10.94 4.81 -19.29
CA PRO B 252 12.20 4.23 -19.77
C PRO B 252 12.79 4.96 -20.99
N TYR B 253 12.13 6.05 -21.43
CA TYR B 253 12.51 6.88 -22.57
C TYR B 253 12.40 8.37 -22.22
N THR B 254 12.74 9.25 -23.20
CA THR B 254 12.69 10.70 -23.02
C THR B 254 11.44 11.33 -23.63
N THR B 255 10.87 12.32 -22.91
CA THR B 255 9.68 13.06 -23.33
C THR B 255 10.12 14.37 -23.99
N VAL B 256 9.15 15.21 -24.41
CA VAL B 256 9.36 16.53 -25.03
C VAL B 256 10.11 17.43 -24.02
N ILE B 257 9.70 17.36 -22.73
CA ILE B 257 10.28 18.11 -21.62
C ILE B 257 11.73 17.66 -21.36
N ASP B 258 11.98 16.33 -21.39
CA ASP B 258 13.33 15.76 -21.19
C ASP B 258 14.30 16.23 -22.26
N GLN B 259 13.82 16.33 -23.53
CA GLN B 259 14.56 16.79 -24.70
C GLN B 259 14.91 18.28 -24.58
N MET B 260 14.01 19.07 -23.95
CA MET B 260 14.17 20.51 -23.70
C MET B 260 15.26 20.76 -22.65
N ILE B 261 15.38 19.86 -21.65
CA ILE B 261 16.39 19.94 -20.59
C ILE B 261 17.77 19.63 -21.20
N ILE B 262 17.86 18.60 -22.07
CA ILE B 262 19.08 18.21 -22.78
C ILE B 262 19.48 19.37 -23.72
N ALA B 263 18.47 20.06 -24.32
CA ALA B 263 18.67 21.25 -25.17
C ALA B 263 19.25 22.40 -24.35
N GLY B 264 18.81 22.51 -23.10
CA GLY B 264 19.29 23.50 -22.12
C GLY B 264 20.75 23.25 -21.74
N TYR B 265 21.14 21.97 -21.63
CA TYR B 265 22.51 21.52 -21.32
C TYR B 265 23.39 21.77 -22.56
N GLY B 266 22.84 21.47 -23.73
CA GLY B 266 23.48 21.65 -25.03
C GLY B 266 23.78 23.09 -25.34
N SER B 267 22.79 23.99 -25.07
CA SER B 267 22.86 25.44 -25.27
C SER B 267 23.97 26.07 -24.43
N ILE B 268 24.12 25.63 -23.16
CA ILE B 268 25.15 26.12 -22.24
C ILE B 268 26.52 25.58 -22.65
N PHE B 269 26.62 24.28 -22.98
CA PHE B 269 27.87 23.66 -23.42
C PHE B 269 28.34 24.26 -24.75
N ALA B 270 27.39 24.66 -25.62
CA ALA B 270 27.70 25.33 -26.90
C ALA B 270 28.21 26.73 -26.62
N ALA B 271 27.53 27.48 -25.70
CA ALA B 271 27.90 28.84 -25.27
C ALA B 271 29.29 28.85 -24.62
N ILE B 272 29.61 27.81 -23.83
CA ILE B 272 30.91 27.63 -23.15
C ILE B 272 32.01 27.41 -24.20
N LEU B 273 31.75 26.56 -25.22
CA LEU B 273 32.69 26.30 -26.32
C LEU B 273 32.93 27.57 -27.14
N LEU B 274 31.92 28.46 -27.24
CA LEU B 274 31.99 29.73 -27.96
C LEU B 274 32.87 30.76 -27.23
N ILE B 275 32.76 30.82 -25.88
CA ILE B 275 33.55 31.72 -25.01
C ILE B 275 35.05 31.34 -25.05
N ILE B 276 35.36 30.02 -25.01
CA ILE B 276 36.72 29.49 -25.09
C ILE B 276 37.33 29.77 -26.48
N PHE B 277 36.51 29.64 -27.54
CA PHE B 277 36.92 29.87 -28.94
C PHE B 277 37.09 31.36 -29.30
N ALA B 278 37.30 32.22 -28.30
CA ALA B 278 37.53 33.66 -28.47
C ALA B 278 38.79 34.09 -27.72
N HIS B 279 38.96 33.61 -26.47
CA HIS B 279 40.11 33.94 -25.61
C HIS B 279 41.40 33.27 -26.07
N HIS B 280 41.49 31.92 -25.94
CA HIS B 280 42.68 31.16 -26.36
C HIS B 280 42.63 30.81 -27.85
N VAL C 2 -52.20 -8.11 -0.20
CA VAL C 2 -50.88 -7.79 0.43
C VAL C 2 -50.58 -6.25 0.36
N ASP C 3 -49.57 -5.76 1.10
CA ASP C 3 -49.09 -4.37 1.00
C ASP C 3 -47.99 -4.31 -0.11
N ALA C 4 -48.34 -3.71 -1.27
CA ALA C 4 -47.48 -3.55 -2.44
C ALA C 4 -46.86 -2.14 -2.57
N ARG C 5 -47.08 -1.28 -1.55
CA ARG C 5 -46.52 0.08 -1.51
C ARG C 5 -45.00 0.03 -1.35
N PRO C 6 -44.23 1.09 -1.74
CA PRO C 6 -42.78 1.07 -1.51
C PRO C 6 -42.47 1.12 -0.01
N VAL C 7 -41.33 0.52 0.39
CA VAL C 7 -40.86 0.51 1.77
C VAL C 7 -40.13 1.84 2.03
N ASP C 8 -40.60 2.61 3.02
CA ASP C 8 -39.97 3.88 3.40
C ASP C 8 -38.78 3.57 4.30
N VAL C 9 -37.59 3.96 3.85
CA VAL C 9 -36.35 3.76 4.59
C VAL C 9 -35.86 5.12 5.10
N SER C 10 -35.68 5.21 6.44
CA SER C 10 -35.19 6.39 7.16
C SER C 10 -33.69 6.20 7.43
N VAL C 11 -32.86 7.18 7.01
CA VAL C 11 -31.41 7.07 7.14
C VAL C 11 -30.80 8.17 8.02
N SER C 12 -29.79 7.77 8.81
CA SER C 12 -28.95 8.63 9.64
C SER C 12 -27.49 8.31 9.30
N ILE C 13 -26.69 9.35 9.08
CA ILE C 13 -25.26 9.22 8.78
C ILE C 13 -24.50 10.03 9.83
N PHE C 14 -23.51 9.38 10.45
CA PHE C 14 -22.65 9.96 11.48
C PHE C 14 -21.27 10.10 10.87
N ILE C 15 -20.79 11.33 10.72
CA ILE C 15 -19.48 11.56 10.11
C ILE C 15 -18.46 11.81 11.21
N ASN C 16 -17.60 10.81 11.44
CA ASN C 16 -16.56 10.88 12.47
C ASN C 16 -15.35 11.66 11.99
N LYS C 17 -14.96 11.46 10.72
CA LYS C 17 -13.77 12.03 10.14
C LYS C 17 -13.89 12.16 8.61
N ILE C 18 -13.32 13.25 8.07
CA ILE C 18 -13.14 13.53 6.65
C ILE C 18 -11.66 13.88 6.60
N TYR C 19 -10.87 13.07 5.90
CA TYR C 19 -9.42 13.21 5.84
C TYR C 19 -8.85 12.55 4.58
N GLY C 20 -7.52 12.50 4.48
CA GLY C 20 -6.79 11.86 3.39
C GLY C 20 -7.19 12.27 2.00
N VAL C 21 -7.34 13.59 1.76
CA VAL C 21 -7.70 14.14 0.44
C VAL C 21 -6.56 13.84 -0.55
N ASN C 22 -6.91 13.28 -1.70
CA ASN C 22 -5.96 13.00 -2.78
C ASN C 22 -6.41 13.88 -3.92
N THR C 23 -5.70 15.03 -4.07
CA THR C 23 -5.96 16.09 -5.06
C THR C 23 -6.00 15.60 -6.50
N LEU C 24 -5.02 14.76 -6.89
CA LEU C 24 -4.94 14.25 -8.27
C LEU C 24 -6.03 13.23 -8.59
N GLU C 25 -6.40 12.37 -7.62
CA GLU C 25 -7.46 11.38 -7.78
C GLU C 25 -8.85 11.94 -7.51
N GLN C 26 -8.93 13.14 -6.90
CA GLN C 26 -10.17 13.84 -6.50
C GLN C 26 -11.01 12.95 -5.56
N THR C 27 -10.34 12.39 -4.54
CA THR C 27 -10.91 11.50 -3.52
C THR C 27 -10.56 12.02 -2.13
N TYR C 28 -11.32 11.55 -1.13
CA TYR C 28 -11.20 11.86 0.30
C TYR C 28 -11.74 10.68 1.06
N LYS C 29 -11.22 10.46 2.26
CA LYS C 29 -11.61 9.34 3.12
C LYS C 29 -12.65 9.78 4.14
N VAL C 30 -13.71 8.98 4.31
CA VAL C 30 -14.77 9.28 5.28
C VAL C 30 -14.92 8.08 6.24
N ASP C 31 -14.85 8.34 7.55
CA ASP C 31 -15.10 7.34 8.59
C ASP C 31 -16.40 7.75 9.27
N GLY C 32 -17.30 6.79 9.45
CA GLY C 32 -18.57 7.08 10.11
C GLY C 32 -19.47 5.88 10.31
N TYR C 33 -20.75 6.16 10.61
CA TYR C 33 -21.78 5.16 10.81
C TYR C 33 -22.97 5.44 9.94
N ILE C 34 -23.56 4.37 9.37
CA ILE C 34 -24.77 4.43 8.58
C ILE C 34 -25.89 3.71 9.34
N VAL C 35 -27.04 4.37 9.53
CA VAL C 35 -28.20 3.80 10.23
C VAL C 35 -29.38 3.85 9.26
N ALA C 36 -29.96 2.66 8.97
CA ALA C 36 -31.11 2.52 8.06
C ALA C 36 -32.27 1.87 8.79
N GLN C 37 -33.46 2.47 8.66
CA GLN C 37 -34.65 1.98 9.33
C GLN C 37 -35.89 1.90 8.46
N TRP C 38 -36.65 0.81 8.61
CA TRP C 38 -37.90 0.57 7.92
C TRP C 38 -38.82 -0.31 8.76
N THR C 39 -40.08 -0.50 8.32
CA THR C 39 -41.04 -1.36 9.00
C THR C 39 -41.39 -2.53 8.09
N GLY C 40 -41.00 -3.72 8.53
CA GLY C 40 -41.28 -4.96 7.82
C GLY C 40 -42.49 -5.64 8.44
N LYS C 41 -42.59 -6.97 8.25
CA LYS C 41 -43.69 -7.78 8.80
C LYS C 41 -43.49 -8.01 10.32
N PRO C 42 -44.53 -7.79 11.19
CA PRO C 42 -44.35 -8.03 12.63
C PRO C 42 -43.87 -9.44 12.97
N ARG C 43 -43.16 -9.59 14.09
CA ARG C 43 -42.59 -10.88 14.47
C ARG C 43 -42.54 -11.15 15.97
N LYS C 44 -42.30 -12.42 16.32
CA LYS C 44 -42.12 -12.84 17.71
C LYS C 44 -40.62 -12.92 17.93
N THR C 45 -40.14 -12.11 18.88
CA THR C 45 -38.74 -12.03 19.25
C THR C 45 -38.61 -12.55 20.69
N PRO C 46 -37.46 -13.12 21.11
CA PRO C 46 -37.35 -13.62 22.50
C PRO C 46 -37.77 -12.61 23.56
N GLY C 47 -38.83 -12.95 24.29
CA GLY C 47 -39.41 -12.14 25.36
C GLY C 47 -40.18 -10.91 24.91
N ASP C 48 -40.48 -10.84 23.59
CA ASP C 48 -41.18 -9.74 22.90
C ASP C 48 -40.47 -8.38 23.10
N LYS C 49 -39.14 -8.45 23.19
CA LYS C 49 -38.23 -7.32 23.33
C LYS C 49 -37.45 -7.20 22.01
N PRO C 50 -36.92 -6.01 21.64
CA PRO C 50 -36.15 -5.93 20.38
C PRO C 50 -34.97 -6.91 20.39
N LEU C 51 -34.68 -7.49 19.23
CA LEU C 51 -33.64 -8.49 19.10
C LEU C 51 -32.42 -7.97 18.37
N ILE C 52 -31.25 -8.12 19.00
CA ILE C 52 -29.97 -7.71 18.42
C ILE C 52 -29.36 -8.89 17.67
N VAL C 53 -29.10 -8.70 16.36
CA VAL C 53 -28.48 -9.67 15.44
C VAL C 53 -27.20 -8.99 14.92
N GLU C 54 -26.03 -9.58 15.22
CA GLU C 54 -24.76 -8.98 14.83
C GLU C 54 -23.94 -9.78 13.84
N ASN C 55 -23.24 -9.01 13.00
CA ASN C 55 -22.26 -9.37 11.99
C ASN C 55 -22.63 -10.59 11.11
N THR C 56 -22.06 -11.78 11.40
CA THR C 56 -22.22 -13.03 10.65
C THR C 56 -23.61 -13.65 10.79
N GLN C 57 -24.32 -13.35 11.91
CA GLN C 57 -25.67 -13.83 12.17
C GLN C 57 -26.65 -13.14 11.21
N ILE C 58 -26.34 -11.88 10.79
CA ILE C 58 -27.06 -11.07 9.80
C ILE C 58 -27.28 -11.92 8.54
N GLU C 59 -26.24 -12.68 8.15
CA GLU C 59 -26.29 -13.56 6.99
C GLU C 59 -27.25 -14.73 7.18
N ARG C 60 -27.21 -15.39 8.35
CA ARG C 60 -28.07 -16.52 8.73
C ARG C 60 -29.56 -16.13 8.66
N TRP C 61 -29.89 -14.88 9.04
CA TRP C 61 -31.26 -14.35 8.96
C TRP C 61 -31.70 -14.11 7.52
N ILE C 62 -30.79 -13.60 6.65
CA ILE C 62 -31.05 -13.33 5.23
C ILE C 62 -31.32 -14.65 4.47
N ASN C 63 -30.48 -15.69 4.72
CA ASN C 63 -30.62 -17.03 4.15
C ASN C 63 -32.00 -17.59 4.52
N ASN C 64 -32.45 -17.29 5.76
CA ASN C 64 -33.73 -17.72 6.32
C ASN C 64 -34.93 -16.85 5.89
N GLY C 65 -34.72 -15.90 4.97
CA GLY C 65 -35.80 -15.08 4.41
C GLY C 65 -35.90 -13.62 4.79
N LEU C 66 -35.08 -13.12 5.75
CA LEU C 66 -35.11 -11.70 6.17
C LEU C 66 -34.60 -10.76 5.06
N TRP C 67 -35.40 -9.71 4.76
CA TRP C 67 -35.12 -8.72 3.74
C TRP C 67 -34.24 -7.56 4.26
N VAL C 68 -32.96 -7.56 3.84
CA VAL C 68 -31.98 -6.55 4.21
C VAL C 68 -31.43 -6.01 2.88
N PRO C 69 -32.01 -4.92 2.31
CA PRO C 69 -31.53 -4.43 1.02
C PRO C 69 -30.11 -3.86 1.08
N ALA C 70 -29.39 -4.00 -0.02
CA ALA C 70 -28.05 -3.46 -0.15
C ALA C 70 -28.16 -2.04 -0.63
N LEU C 71 -27.60 -1.12 0.15
CA LEU C 71 -27.56 0.30 -0.18
C LEU C 71 -26.16 0.61 -0.62
N GLU C 72 -26.03 1.28 -1.74
CA GLU C 72 -24.74 1.56 -2.32
C GLU C 72 -24.34 3.01 -2.17
N PHE C 73 -23.04 3.22 -1.86
CA PHE C 73 -22.46 4.55 -1.86
C PHE C 73 -22.08 4.76 -3.32
N ILE C 74 -22.87 5.56 -4.04
CA ILE C 74 -22.68 5.85 -5.46
C ILE C 74 -21.29 6.37 -5.75
N ASN C 75 -20.77 7.29 -4.92
CA ASN C 75 -19.46 7.90 -5.15
C ASN C 75 -18.30 7.26 -4.37
N VAL C 76 -18.45 5.99 -3.92
CA VAL C 76 -17.37 5.30 -3.23
C VAL C 76 -16.37 4.79 -4.27
N VAL C 77 -15.08 4.77 -3.92
CA VAL C 77 -13.99 4.31 -4.79
C VAL C 77 -13.52 3.00 -4.19
N GLY C 78 -14.03 1.91 -4.75
CA GLY C 78 -13.78 0.56 -4.27
C GLY C 78 -14.66 0.25 -3.07
N SER C 79 -14.75 -1.04 -2.70
CA SER C 79 -15.58 -1.49 -1.57
C SER C 79 -15.19 -0.81 -0.25
N PRO C 80 -16.14 -0.11 0.43
CA PRO C 80 -15.79 0.50 1.72
C PRO C 80 -15.48 -0.56 2.76
N ASP C 81 -14.53 -0.28 3.67
CA ASP C 81 -14.16 -1.15 4.75
C ASP C 81 -15.27 -1.04 5.80
N THR C 82 -16.16 -2.04 5.82
CA THR C 82 -17.27 -2.09 6.76
C THR C 82 -16.79 -2.81 8.02
N GLY C 83 -16.90 -2.15 9.17
CA GLY C 83 -16.53 -2.75 10.45
C GLY C 83 -17.70 -3.56 10.96
N ASN C 84 -18.05 -3.38 12.24
CA ASN C 84 -19.17 -4.06 12.86
C ASN C 84 -20.48 -3.62 12.22
N LYS C 85 -21.42 -4.59 12.15
CA LYS C 85 -22.80 -4.36 11.67
C LYS C 85 -23.82 -5.07 12.57
N ARG C 86 -24.96 -4.38 12.75
CA ARG C 86 -25.98 -4.94 13.63
C ARG C 86 -27.35 -4.67 12.91
N LEU C 87 -28.35 -5.47 13.37
CA LEU C 87 -29.80 -5.47 13.10
C LEU C 87 -30.57 -5.47 14.38
N MET C 88 -31.64 -4.67 14.47
CA MET C 88 -32.50 -4.67 15.65
C MET C 88 -33.87 -5.00 15.14
N LEU C 89 -34.33 -6.19 15.52
CA LEU C 89 -35.62 -6.68 15.10
C LEU C 89 -36.66 -6.49 16.18
N PHE C 90 -37.54 -5.52 15.95
CA PHE C 90 -38.62 -5.15 16.85
C PHE C 90 -39.81 -6.05 16.60
N PRO C 91 -40.61 -6.38 17.64
CA PRO C 91 -41.78 -7.23 17.40
C PRO C 91 -42.84 -6.58 16.52
N ASP C 92 -42.96 -5.23 16.55
CA ASP C 92 -43.92 -4.44 15.76
C ASP C 92 -43.64 -4.44 14.24
N GLY C 93 -42.52 -5.04 13.82
CA GLY C 93 -42.14 -5.14 12.41
C GLY C 93 -40.92 -4.34 12.03
N ARG C 94 -40.63 -3.27 12.81
CA ARG C 94 -39.49 -2.37 12.64
C ARG C 94 -38.16 -3.12 12.52
N VAL C 95 -37.28 -2.62 11.65
CA VAL C 95 -35.94 -3.16 11.41
C VAL C 95 -34.98 -1.98 11.45
N ILE C 96 -33.94 -2.10 12.27
CA ILE C 96 -32.91 -1.05 12.35
C ILE C 96 -31.55 -1.68 12.04
N TYR C 97 -30.96 -1.26 10.91
CA TYR C 97 -29.65 -1.73 10.50
C TYR C 97 -28.65 -0.63 10.84
N ASN C 98 -27.51 -1.00 11.41
CA ASN C 98 -26.44 -0.07 11.75
C ASN C 98 -25.11 -0.68 11.44
N ALA C 99 -24.21 0.10 10.83
CA ALA C 99 -22.87 -0.36 10.49
C ALA C 99 -21.84 0.76 10.47
N ARG C 100 -20.61 0.43 10.88
CA ARG C 100 -19.45 1.31 10.85
C ARG C 100 -18.87 1.20 9.45
N PHE C 101 -18.43 2.33 8.86
CA PHE C 101 -17.80 2.31 7.54
C PHE C 101 -16.62 3.26 7.46
N LEU C 102 -15.67 2.91 6.57
CA LEU C 102 -14.52 3.71 6.19
C LEU C 102 -14.38 3.53 4.69
N GLY C 103 -14.51 4.62 3.94
CA GLY C 103 -14.43 4.56 2.49
C GLY C 103 -13.78 5.76 1.85
N SER C 104 -13.20 5.54 0.66
CA SER C 104 -12.61 6.59 -0.17
C SER C 104 -13.75 7.06 -1.08
N PHE C 105 -14.10 8.34 -1.01
CA PHE C 105 -15.18 8.91 -1.79
C PHE C 105 -14.67 9.92 -2.78
N SER C 106 -15.21 9.86 -3.99
CA SER C 106 -14.85 10.77 -5.07
C SER C 106 -15.91 11.83 -5.24
N ASN C 107 -15.49 13.00 -5.76
CA ASN C 107 -16.30 14.18 -6.05
C ASN C 107 -15.47 15.16 -6.87
N ASP C 108 -16.14 16.12 -7.53
CA ASP C 108 -15.48 17.16 -8.33
C ASP C 108 -14.78 18.10 -7.38
N MET C 109 -13.45 18.11 -7.44
CA MET C 109 -12.66 18.94 -6.56
C MET C 109 -11.79 19.89 -7.37
N ASP C 110 -12.06 21.19 -7.23
CA ASP C 110 -11.36 22.27 -7.91
C ASP C 110 -10.40 22.95 -6.92
N PHE C 111 -9.10 22.70 -7.13
CA PHE C 111 -8.02 23.21 -6.29
C PHE C 111 -7.28 24.40 -6.91
N ARG C 112 -7.88 25.07 -7.91
CA ARG C 112 -7.28 26.22 -8.60
C ARG C 112 -7.00 27.41 -7.67
N LEU C 113 -7.79 27.56 -6.58
CA LEU C 113 -7.62 28.67 -5.64
C LEU C 113 -6.75 28.31 -4.41
N PHE C 114 -6.09 27.13 -4.44
CA PHE C 114 -5.19 26.64 -3.38
C PHE C 114 -4.18 27.72 -2.99
N PRO C 115 -3.92 27.98 -1.67
CA PRO C 115 -4.47 27.32 -0.47
C PRO C 115 -5.83 27.84 0.03
N PHE C 116 -6.42 28.82 -0.69
CA PHE C 116 -7.68 29.46 -0.31
C PHE C 116 -8.92 28.77 -0.94
N ASP C 117 -8.80 27.46 -1.20
CA ASP C 117 -9.85 26.67 -1.83
C ASP C 117 -10.87 26.13 -0.84
N ARG C 118 -12.14 26.11 -1.30
CA ARG C 118 -13.30 25.58 -0.57
C ARG C 118 -13.74 24.28 -1.23
N GLN C 119 -14.13 23.29 -0.43
CA GLN C 119 -14.56 21.99 -0.94
C GLN C 119 -15.88 21.54 -0.38
N GLN C 120 -16.63 20.80 -1.20
CA GLN C 120 -17.91 20.23 -0.80
C GLN C 120 -17.70 18.71 -0.81
N PHE C 121 -17.64 18.08 0.38
CA PHE C 121 -17.45 16.64 0.54
C PHE C 121 -18.81 15.98 0.54
N VAL C 122 -19.10 15.19 -0.51
CA VAL C 122 -20.43 14.58 -0.64
C VAL C 122 -20.42 13.06 -0.46
N LEU C 123 -21.58 12.55 -0.02
CA LEU C 123 -21.85 11.13 0.13
C LEU C 123 -23.17 10.89 -0.58
N GLU C 124 -23.15 10.01 -1.57
CA GLU C 124 -24.35 9.68 -2.33
C GLU C 124 -24.76 8.25 -2.01
N LEU C 125 -26.00 8.07 -1.55
CA LEU C 125 -26.51 6.76 -1.18
C LEU C 125 -27.73 6.38 -2.03
N GLU C 126 -27.76 5.13 -2.53
CA GLU C 126 -28.84 4.65 -3.39
C GLU C 126 -29.03 3.13 -3.26
N PRO C 127 -30.28 2.59 -3.22
CA PRO C 127 -30.43 1.12 -3.18
C PRO C 127 -29.83 0.53 -4.45
N PHE C 128 -29.07 -0.57 -4.30
CA PHE C 128 -28.40 -1.19 -5.43
C PHE C 128 -29.32 -1.87 -6.42
N SER C 129 -30.44 -2.45 -5.95
CA SER C 129 -31.35 -3.24 -6.79
C SER C 129 -32.80 -2.84 -6.79
N TYR C 130 -33.29 -2.21 -5.71
CA TYR C 130 -34.69 -1.84 -5.56
C TYR C 130 -35.01 -0.43 -6.00
N ASN C 131 -35.92 -0.33 -6.99
CA ASN C 131 -36.38 0.96 -7.52
C ASN C 131 -37.27 1.67 -6.49
N ASN C 132 -37.70 2.92 -6.77
CA ASN C 132 -38.53 3.67 -5.82
C ASN C 132 -40.00 3.20 -5.73
N GLN C 133 -40.37 2.13 -6.46
CA GLN C 133 -41.71 1.56 -6.37
C GLN C 133 -41.67 0.47 -5.31
N GLN C 134 -40.45 0.01 -4.98
CA GLN C 134 -40.15 -1.03 -3.99
C GLN C 134 -39.50 -0.43 -2.74
N LEU C 135 -38.56 0.52 -2.92
CA LEU C 135 -37.82 1.14 -1.82
C LEU C 135 -37.53 2.60 -2.10
N ARG C 136 -38.04 3.46 -1.21
CA ARG C 136 -37.82 4.91 -1.26
C ARG C 136 -37.30 5.45 0.07
N PHE C 137 -36.42 6.46 0.00
CA PHE C 137 -35.86 7.09 1.19
C PHE C 137 -36.84 8.14 1.70
N SER C 138 -37.34 7.96 2.93
CA SER C 138 -38.30 8.88 3.53
C SER C 138 -37.68 10.14 4.14
N ASP C 139 -36.44 10.04 4.65
CA ASP C 139 -35.69 11.14 5.28
C ASP C 139 -34.21 10.80 5.49
N ILE C 140 -33.39 11.84 5.71
CA ILE C 140 -31.96 11.75 5.96
C ILE C 140 -31.55 12.75 7.05
N GLN C 141 -30.87 12.24 8.09
CA GLN C 141 -30.36 13.02 9.21
C GLN C 141 -28.85 12.87 9.23
N VAL C 142 -28.11 13.98 9.41
CA VAL C 142 -26.64 13.96 9.43
C VAL C 142 -26.11 14.54 10.74
N TYR C 143 -25.19 13.80 11.36
CA TYR C 143 -24.55 14.19 12.61
C TYR C 143 -23.05 14.23 12.38
N THR C 144 -22.44 15.35 12.72
CA THR C 144 -21.01 15.57 12.55
C THR C 144 -20.32 15.78 13.90
N GLU C 145 -18.99 15.57 13.93
CA GLU C 145 -18.12 15.70 15.09
C GLU C 145 -18.11 17.10 15.73
N ASN C 146 -18.03 17.14 17.08
CA ASN C 146 -17.92 18.34 17.92
C ASN C 146 -16.42 18.61 18.06
N ILE C 147 -15.94 19.70 17.43
CA ILE C 147 -14.52 20.06 17.42
C ILE C 147 -14.22 21.08 18.51
N ASP C 148 -13.06 20.91 19.20
CA ASP C 148 -12.57 21.80 20.24
C ASP C 148 -11.82 22.96 19.58
N ASN C 149 -10.76 22.63 18.82
CA ASN C 149 -9.91 23.60 18.13
C ASN C 149 -9.59 23.14 16.71
N GLU C 150 -9.93 23.99 15.72
CA GLU C 150 -9.71 23.70 14.30
C GLU C 150 -8.31 24.12 13.80
N GLU C 151 -7.55 24.88 14.64
CA GLU C 151 -6.18 25.36 14.39
C GLU C 151 -5.25 24.21 14.00
N ILE C 152 -5.40 23.08 14.72
CA ILE C 152 -4.67 21.82 14.62
C ILE C 152 -5.14 20.95 13.42
N ASP C 153 -6.29 21.31 12.80
CA ASP C 153 -6.89 20.60 11.67
C ASP C 153 -6.56 21.20 10.30
N GLU C 154 -6.45 20.32 9.28
CA GLU C 154 -6.15 20.67 7.89
C GLU C 154 -7.33 21.37 7.21
N TRP C 155 -8.56 20.92 7.53
CA TRP C 155 -9.80 21.46 6.98
C TRP C 155 -10.68 22.09 8.04
N TRP C 156 -11.39 23.15 7.66
CA TRP C 156 -12.29 23.87 8.54
C TRP C 156 -13.73 23.79 8.03
N ILE C 157 -14.55 22.95 8.71
CA ILE C 157 -15.95 22.71 8.35
C ILE C 157 -16.76 23.99 8.54
N ARG C 158 -17.50 24.38 7.48
CA ARG C 158 -18.32 25.59 7.45
C ARG C 158 -19.80 25.30 7.24
N GLY C 159 -20.58 25.55 8.28
CA GLY C 159 -22.03 25.36 8.30
C GLY C 159 -22.49 23.96 8.67
N LYS C 160 -23.81 23.73 8.57
CA LYS C 160 -24.43 22.43 8.86
C LYS C 160 -24.39 21.58 7.59
N ALA C 161 -24.65 20.28 7.73
CA ALA C 161 -24.66 19.36 6.60
C ALA C 161 -25.90 19.60 5.73
N SER C 162 -25.70 19.64 4.40
CA SER C 162 -26.77 19.84 3.43
C SER C 162 -27.21 18.47 2.93
N THR C 163 -28.53 18.24 2.86
CA THR C 163 -29.07 16.95 2.43
C THR C 163 -30.11 17.09 1.33
N HIS C 164 -30.23 16.05 0.48
CA HIS C 164 -31.22 15.98 -0.60
C HIS C 164 -31.78 14.58 -0.70
N ILE C 165 -33.02 14.47 -1.20
CA ILE C 165 -33.66 13.21 -1.57
C ILE C 165 -34.27 13.43 -2.95
N SER C 166 -33.64 12.79 -3.94
CA SER C 166 -34.01 12.87 -5.35
C SER C 166 -34.33 11.49 -5.92
N ASP C 167 -34.71 11.47 -7.20
CA ASP C 167 -35.01 10.26 -7.97
C ASP C 167 -34.12 10.26 -9.21
N ILE C 168 -33.47 9.13 -9.46
CA ILE C 168 -32.58 8.95 -10.60
C ILE C 168 -33.29 8.05 -11.61
N ARG C 169 -33.55 8.60 -12.81
CA ARG C 169 -34.19 7.85 -13.88
C ARG C 169 -33.10 7.31 -14.81
N TYR C 170 -33.03 5.97 -14.96
CA TYR C 170 -32.05 5.29 -15.80
C TYR C 170 -32.65 4.85 -17.14
N ASP C 171 -32.05 5.32 -18.24
CA ASP C 171 -32.51 5.04 -19.60
C ASP C 171 -32.23 3.61 -20.04
N HIS C 172 -31.16 2.98 -19.54
CA HIS C 172 -30.80 1.59 -19.86
C HIS C 172 -31.81 0.60 -19.25
N LEU C 173 -32.65 1.08 -18.31
CA LEU C 173 -33.65 0.27 -17.62
C LEU C 173 -35.05 0.27 -18.26
N SER C 174 -35.41 1.36 -18.97
CA SER C 174 -36.73 1.54 -19.63
C SER C 174 -37.13 0.44 -20.65
N SER C 175 -36.22 -0.55 -20.86
CA SER C 175 -36.37 -1.71 -21.76
C SER C 175 -37.04 -2.93 -21.07
N VAL C 176 -37.74 -2.73 -19.92
CA VAL C 176 -38.36 -3.84 -19.20
C VAL C 176 -39.86 -3.55 -18.87
N GLN C 177 -40.15 -2.73 -17.83
CA GLN C 177 -41.52 -2.41 -17.36
C GLN C 177 -41.68 -0.93 -17.06
N PRO C 178 -42.85 -0.34 -17.39
CA PRO C 178 -43.08 1.09 -17.14
C PRO C 178 -43.05 1.50 -15.68
N ASN C 179 -42.42 2.67 -15.39
CA ASN C 179 -42.24 3.31 -14.09
C ASN C 179 -41.34 2.48 -13.10
N GLN C 180 -40.49 1.59 -13.64
CA GLN C 180 -39.60 0.73 -12.84
C GLN C 180 -38.09 1.09 -12.99
N ASN C 181 -37.80 2.21 -13.67
CA ASN C 181 -36.43 2.66 -13.96
C ASN C 181 -35.92 3.81 -13.08
N GLU C 182 -36.69 4.19 -12.04
CA GLU C 182 -36.34 5.28 -11.12
C GLU C 182 -35.85 4.77 -9.77
N PHE C 183 -34.79 5.39 -9.23
CA PHE C 183 -34.19 5.00 -7.94
C PHE C 183 -34.09 6.17 -6.97
N SER C 184 -34.39 5.91 -5.69
CA SER C 184 -34.34 6.92 -4.62
C SER C 184 -32.88 7.21 -4.26
N ARG C 185 -32.51 8.50 -4.12
CA ARG C 185 -31.12 8.83 -3.79
C ARG C 185 -30.96 9.89 -2.70
N ILE C 186 -30.13 9.58 -1.70
CA ILE C 186 -29.75 10.48 -0.63
C ILE C 186 -28.41 11.10 -1.03
N THR C 187 -28.31 12.43 -0.86
CA THR C 187 -27.12 13.24 -1.12
C THR C 187 -26.82 13.97 0.18
N VAL C 188 -25.59 13.84 0.68
CA VAL C 188 -25.13 14.50 1.91
C VAL C 188 -23.92 15.36 1.52
N ARG C 189 -23.89 16.62 1.94
CA ARG C 189 -22.81 17.55 1.60
C ARG C 189 -22.23 18.30 2.81
N ILE C 190 -20.90 18.23 2.96
CA ILE C 190 -20.14 18.90 4.01
C ILE C 190 -19.24 19.95 3.36
N ASP C 191 -19.45 21.23 3.69
CA ASP C 191 -18.64 22.31 3.14
C ASP C 191 -17.47 22.61 4.07
N ALA C 192 -16.26 22.71 3.49
CA ALA C 192 -15.04 22.99 4.24
C ALA C 192 -14.09 23.93 3.50
N VAL C 193 -13.33 24.72 4.28
CA VAL C 193 -12.34 25.68 3.79
C VAL C 193 -10.98 25.19 4.29
N ARG C 194 -9.94 25.24 3.43
CA ARG C 194 -8.60 24.79 3.81
C ARG C 194 -7.95 25.74 4.80
N ASN C 195 -7.13 25.18 5.71
CA ASN C 195 -6.35 25.91 6.72
C ASN C 195 -5.14 26.51 5.97
N PRO C 196 -5.07 27.84 5.78
CA PRO C 196 -3.94 28.41 5.01
C PRO C 196 -2.69 28.75 5.84
N SER C 197 -2.57 28.19 7.07
CA SER C 197 -1.44 28.45 7.99
C SER C 197 -0.06 28.19 7.39
N TYR C 198 0.31 26.91 7.18
CA TYR C 198 1.59 26.48 6.62
C TYR C 198 1.89 27.03 5.20
N TYR C 199 0.86 27.59 4.54
CA TYR C 199 0.98 28.10 3.18
C TYR C 199 1.18 29.62 3.08
N LEU C 200 0.65 30.39 4.05
CA LEU C 200 0.85 31.83 4.07
C LEU C 200 2.26 32.14 4.55
N TRP C 201 2.67 31.52 5.67
CA TRP C 201 3.96 31.71 6.33
C TRP C 201 5.15 31.04 5.65
N SER C 202 4.96 29.87 5.01
CA SER C 202 6.09 29.17 4.41
C SER C 202 6.11 29.17 2.85
N PHE C 203 5.14 29.82 2.18
CA PHE C 203 5.11 29.82 0.71
C PHE C 203 4.83 31.18 0.07
N ILE C 204 3.86 31.95 0.61
CA ILE C 204 3.51 33.26 0.03
C ILE C 204 4.42 34.34 0.59
N LEU C 205 4.62 34.34 1.94
CA LEU C 205 5.49 35.28 2.65
C LEU C 205 6.95 35.20 2.17
N PRO C 206 7.66 34.04 2.18
CA PRO C 206 9.06 34.05 1.70
C PRO C 206 9.18 34.38 0.21
N LEU C 207 8.19 33.94 -0.60
CA LEU C 207 8.11 34.22 -2.05
C LEU C 207 7.91 35.71 -2.31
N GLY C 208 7.14 36.37 -1.44
CA GLY C 208 6.89 37.80 -1.49
C GLY C 208 8.16 38.59 -1.21
N LEU C 209 8.92 38.16 -0.16
CA LEU C 209 10.20 38.74 0.27
C LEU C 209 11.27 38.61 -0.81
N ILE C 210 11.19 37.53 -1.64
CA ILE C 210 12.12 37.28 -2.74
C ILE C 210 11.76 38.16 -3.96
N ILE C 211 10.45 38.20 -4.35
CA ILE C 211 9.97 39.03 -5.46
C ILE C 211 10.18 40.52 -5.12
N ALA C 212 10.07 40.91 -3.83
CA ALA C 212 10.33 42.27 -3.36
C ALA C 212 11.82 42.59 -3.46
N ALA C 213 12.69 41.65 -3.02
CA ALA C 213 14.16 41.79 -3.06
C ALA C 213 14.73 41.70 -4.48
N SER C 214 13.96 41.13 -5.44
CA SER C 214 14.36 40.98 -6.84
C SER C 214 14.51 42.33 -7.56
N TRP C 215 13.73 43.34 -7.15
CA TRP C 215 13.77 44.68 -7.73
C TRP C 215 14.91 45.55 -7.15
N SER C 216 15.57 45.07 -6.07
CA SER C 216 16.67 45.77 -5.42
C SER C 216 18.06 45.46 -6.02
N VAL C 217 18.09 44.94 -7.27
CA VAL C 217 19.33 44.66 -8.01
C VAL C 217 19.76 45.88 -8.84
N PHE C 218 18.79 46.76 -9.17
CA PHE C 218 18.99 47.99 -9.94
C PHE C 218 19.76 49.06 -9.17
N TRP C 219 19.80 48.94 -7.84
CA TRP C 219 20.50 49.89 -6.97
C TRP C 219 22.00 49.56 -6.83
N LEU C 220 22.47 48.48 -7.51
CA LEU C 220 23.88 48.09 -7.55
C LEU C 220 24.61 49.06 -8.50
N GLU C 221 25.90 49.34 -8.20
CA GLU C 221 26.72 50.31 -8.91
C GLU C 221 27.03 49.94 -10.38
N SER C 222 27.68 48.79 -10.62
CA SER C 222 28.06 48.37 -11.98
C SER C 222 27.10 47.37 -12.63
N PHE C 223 27.18 47.25 -13.97
CA PHE C 223 26.40 46.34 -14.81
C PHE C 223 26.75 44.88 -14.50
N SER C 224 28.05 44.63 -14.17
CA SER C 224 28.60 43.31 -13.80
C SER C 224 27.96 42.79 -12.52
N GLU C 225 27.69 43.70 -11.55
CA GLU C 225 27.07 43.41 -10.26
C GLU C 225 25.57 43.14 -10.41
N ARG C 226 24.84 44.02 -11.16
CA ARG C 226 23.39 43.94 -11.41
C ARG C 226 22.98 42.63 -12.07
N LEU C 227 23.75 42.20 -13.10
CA LEU C 227 23.49 40.99 -13.87
C LEU C 227 23.73 39.71 -13.08
N GLN C 228 24.93 39.57 -12.47
CA GLN C 228 25.32 38.39 -11.69
C GLN C 228 24.41 38.13 -10.48
N THR C 229 23.75 39.19 -9.95
CA THR C 229 22.82 39.10 -8.83
C THR C 229 21.42 38.67 -9.34
N SER C 230 21.07 39.06 -10.59
CA SER C 230 19.80 38.70 -11.24
C SER C 230 19.74 37.19 -11.54
N PHE C 231 20.90 36.58 -11.87
CA PHE C 231 21.03 35.15 -12.14
C PHE C 231 20.95 34.36 -10.84
N THR C 232 21.39 34.97 -9.72
CA THR C 232 21.37 34.40 -8.37
C THR C 232 19.91 34.31 -7.90
N CYS C 233 19.12 35.37 -8.18
CA CYS C 233 17.67 35.46 -7.87
C CYS C 233 16.90 34.46 -8.72
N MET C 234 17.32 34.28 -10.00
CA MET C 234 16.75 33.34 -10.96
C MET C 234 16.91 31.92 -10.41
N LEU C 235 18.12 31.60 -9.89
CA LEU C 235 18.49 30.32 -9.27
C LEU C 235 17.66 30.08 -8.01
N THR C 236 17.37 31.17 -7.25
CA THR C 236 16.55 31.15 -6.03
C THR C 236 15.09 30.83 -6.35
N VAL C 237 14.53 31.42 -7.45
CA VAL C 237 13.14 31.18 -7.87
C VAL C 237 12.98 29.73 -8.36
N VAL C 238 14.04 29.16 -9.00
CA VAL C 238 14.07 27.75 -9.44
C VAL C 238 14.16 26.85 -8.19
N ALA C 239 15.01 27.23 -7.21
CA ALA C 239 15.20 26.50 -5.94
C ALA C 239 13.91 26.54 -5.11
N TYR C 240 13.15 27.66 -5.20
CA TYR C 240 11.88 27.85 -4.52
C TYR C 240 10.79 27.08 -5.25
N ALA C 241 10.86 27.00 -6.59
CA ALA C 241 9.92 26.27 -7.44
C ALA C 241 10.03 24.78 -7.12
N PHE C 242 11.25 24.29 -6.82
CA PHE C 242 11.44 22.89 -6.41
C PHE C 242 10.81 22.70 -5.03
N TYR C 243 11.14 23.58 -4.06
CA TYR C 243 10.65 23.53 -2.68
C TYR C 243 9.13 23.38 -2.62
N THR C 244 8.40 24.12 -3.48
CA THR C 244 6.95 24.05 -3.58
C THR C 244 6.54 22.68 -4.14
N SER C 245 7.10 22.28 -5.30
CA SER C 245 6.85 21.00 -5.97
C SER C 245 7.04 19.79 -5.04
N ASN C 246 8.06 19.85 -4.17
CA ASN C 246 8.43 18.83 -3.18
C ASN C 246 7.38 18.67 -2.07
N ILE C 247 6.60 19.73 -1.76
CA ILE C 247 5.61 19.73 -0.67
C ILE C 247 4.16 19.79 -1.19
N LEU C 248 3.83 20.81 -2.01
CA LEU C 248 2.52 21.09 -2.61
C LEU C 248 1.88 19.88 -3.30
N PRO C 249 0.53 19.83 -3.41
CA PRO C 249 -0.11 18.66 -4.04
C PRO C 249 0.00 18.61 -5.57
N ARG C 250 -0.02 17.37 -6.11
CA ARG C 250 0.05 17.13 -7.55
C ARG C 250 -1.29 17.47 -8.21
N LEU C 251 -1.25 18.36 -9.23
CA LEU C 251 -2.45 18.84 -9.92
C LEU C 251 -2.27 18.97 -11.44
N PRO C 252 -3.35 18.84 -12.25
CA PRO C 252 -3.21 19.00 -13.72
C PRO C 252 -3.33 20.45 -14.21
N TYR C 253 -3.35 21.40 -13.26
CA TYR C 253 -3.47 22.84 -13.51
C TYR C 253 -2.60 23.63 -12.53
N THR C 254 -2.62 24.98 -12.63
CA THR C 254 -1.84 25.88 -11.77
C THR C 254 -2.66 26.49 -10.64
N THR C 255 -2.05 26.59 -9.44
CA THR C 255 -2.66 27.16 -8.23
C THR C 255 -2.18 28.62 -8.08
N VAL C 256 -2.64 29.32 -7.01
CA VAL C 256 -2.26 30.70 -6.67
C VAL C 256 -0.73 30.76 -6.49
N ILE C 257 -0.16 29.76 -5.79
CA ILE C 257 1.28 29.62 -5.52
C ILE C 257 2.05 29.40 -6.84
N ASP C 258 1.51 28.55 -7.75
CA ASP C 258 2.12 28.28 -9.06
C ASP C 258 2.18 29.55 -9.91
N GLN C 259 1.11 30.37 -9.86
CA GLN C 259 0.99 31.65 -10.58
C GLN C 259 2.00 32.67 -10.05
N MET C 260 2.28 32.62 -8.74
CA MET C 260 3.24 33.48 -8.05
C MET C 260 4.67 33.14 -8.47
N ILE C 261 4.94 31.85 -8.73
CA ILE C 261 6.25 31.35 -9.17
C ILE C 261 6.51 31.83 -10.60
N ILE C 262 5.48 31.74 -11.48
CA ILE C 262 5.53 32.21 -12.87
C ILE C 262 5.73 33.73 -12.86
N ALA C 263 5.08 34.43 -11.91
CA ALA C 263 5.22 35.88 -11.70
C ALA C 263 6.67 36.20 -11.29
N GLY C 264 7.26 35.34 -10.46
CA GLY C 264 8.65 35.42 -10.00
C GLY C 264 9.64 35.27 -11.14
N TYR C 265 9.32 34.37 -12.09
CA TYR C 265 10.12 34.12 -13.29
C TYR C 265 9.99 35.31 -14.24
N GLY C 266 8.77 35.82 -14.37
CA GLY C 266 8.43 36.97 -15.21
C GLY C 266 9.09 38.25 -14.75
N SER C 267 9.05 38.51 -13.42
CA SER C 267 9.64 39.69 -12.75
C SER C 267 11.15 39.75 -12.96
N ILE C 268 11.84 38.59 -12.87
CA ILE C 268 13.29 38.49 -13.07
C ILE C 268 13.64 38.68 -14.55
N PHE C 269 12.89 38.02 -15.46
CA PHE C 269 13.08 38.14 -16.91
C PHE C 269 12.83 39.57 -17.37
N ALA C 270 11.84 40.27 -16.75
CA ALA C 270 11.54 41.67 -17.05
C ALA C 270 12.72 42.53 -16.57
N ALA C 271 13.16 42.34 -15.29
CA ALA C 271 14.31 43.04 -14.68
C ALA C 271 15.59 42.85 -15.49
N ILE C 272 15.82 41.64 -16.04
CA ILE C 272 16.98 41.30 -16.88
C ILE C 272 16.93 42.08 -18.20
N LEU C 273 15.73 42.17 -18.83
CA LEU C 273 15.53 42.93 -20.07
C LEU C 273 15.75 44.43 -19.85
N LEU C 274 15.46 44.92 -18.63
CA LEU C 274 15.61 46.32 -18.21
C LEU C 274 17.09 46.68 -18.01
N ILE C 275 17.90 45.75 -17.41
CA ILE C 275 19.35 45.91 -17.18
C ILE C 275 20.09 46.00 -18.53
N ILE C 276 19.74 45.12 -19.49
CA ILE C 276 20.30 45.08 -20.84
C ILE C 276 19.93 46.37 -21.62
N PHE C 277 18.70 46.88 -21.42
CA PHE C 277 18.20 48.10 -22.06
C PHE C 277 18.80 49.41 -21.47
N ALA C 278 19.97 49.31 -20.85
CA ALA C 278 20.69 50.45 -20.28
C ALA C 278 22.16 50.47 -20.73
N HIS C 279 22.81 49.30 -20.72
CA HIS C 279 24.22 49.08 -21.08
C HIS C 279 24.46 49.19 -22.60
N HIS C 280 24.07 48.16 -23.39
CA HIS C 280 24.24 48.14 -24.84
C HIS C 280 23.04 48.79 -25.54
N ARG D 1 -28.83 -7.35 36.64
CA ARG D 1 -29.17 -7.84 35.31
C ARG D 1 -28.12 -7.53 34.18
N PRO D 2 -27.45 -6.33 34.09
CA PRO D 2 -26.46 -6.14 33.00
C PRO D 2 -25.28 -7.07 33.20
N VAL D 3 -24.68 -7.54 32.10
CA VAL D 3 -23.55 -8.46 32.12
C VAL D 3 -22.24 -7.69 32.39
N ASP D 4 -21.52 -8.07 33.45
CA ASP D 4 -20.26 -7.43 33.79
C ASP D 4 -19.16 -8.06 32.97
N VAL D 5 -18.48 -7.21 32.18
CA VAL D 5 -17.39 -7.64 31.33
C VAL D 5 -16.12 -7.02 31.91
N SER D 6 -15.13 -7.88 32.17
CA SER D 6 -13.82 -7.47 32.69
C SER D 6 -12.83 -7.50 31.51
N VAL D 7 -12.12 -6.38 31.27
CA VAL D 7 -11.22 -6.31 30.12
C VAL D 7 -9.75 -6.11 30.52
N SER D 8 -8.84 -6.77 29.79
CA SER D 8 -7.40 -6.64 29.93
C SER D 8 -6.84 -6.33 28.53
N ILE D 9 -6.05 -5.25 28.41
CA ILE D 9 -5.44 -4.84 27.15
C ILE D 9 -3.93 -4.90 27.32
N PHE D 10 -3.26 -5.56 26.35
CA PHE D 10 -1.81 -5.73 26.32
C PHE D 10 -1.29 -4.92 25.14
N ILE D 11 -0.45 -3.89 25.40
CA ILE D 11 0.06 -3.06 24.31
C ILE D 11 1.52 -3.45 24.00
N ASN D 12 1.70 -4.21 22.91
CA ASN D 12 2.99 -4.70 22.44
C ASN D 12 3.79 -3.62 21.73
N LYS D 13 3.12 -2.78 20.91
CA LYS D 13 3.81 -1.79 20.11
C LYS D 13 2.91 -0.63 19.74
N ILE D 14 3.46 0.60 19.78
CA ILE D 14 2.85 1.85 19.33
C ILE D 14 3.91 2.41 18.37
N TYR D 15 3.54 2.52 17.10
CA TYR D 15 4.44 2.94 16.03
C TYR D 15 3.64 3.48 14.84
N GLY D 16 4.33 3.84 13.77
CA GLY D 16 3.73 4.31 12.52
C GLY D 16 2.81 5.51 12.63
N VAL D 17 3.25 6.53 13.38
CA VAL D 17 2.52 7.78 13.55
C VAL D 17 2.43 8.49 12.19
N ASN D 18 1.22 8.90 11.82
CA ASN D 18 0.96 9.66 10.61
C ASN D 18 0.44 11.00 11.10
N THR D 19 1.33 12.01 11.08
CA THR D 19 1.10 13.39 11.54
C THR D 19 -0.08 14.07 10.87
N LEU D 20 -0.16 13.97 9.52
CA LEU D 20 -1.23 14.62 8.77
C LEU D 20 -2.58 13.99 8.99
N GLU D 21 -2.64 12.64 9.06
CA GLU D 21 -3.89 11.92 9.30
C GLU D 21 -4.30 11.86 10.78
N GLN D 22 -3.36 12.20 11.71
CA GLN D 22 -3.50 12.13 13.16
C GLN D 22 -3.86 10.70 13.61
N THR D 23 -3.07 9.73 13.12
CA THR D 23 -3.22 8.29 13.40
C THR D 23 -1.90 7.66 13.84
N TYR D 24 -1.98 6.47 14.43
CA TYR D 24 -0.86 5.66 14.95
C TYR D 24 -1.27 4.19 14.96
N LYS D 25 -0.30 3.30 14.78
CA LYS D 25 -0.54 1.86 14.78
C LYS D 25 -0.32 1.26 16.16
N VAL D 26 -1.21 0.36 16.58
CA VAL D 26 -1.13 -0.32 17.86
C VAL D 26 -1.25 -1.83 17.64
N ASP D 27 -0.28 -2.58 18.17
CA ASP D 27 -0.31 -4.03 18.17
C ASP D 27 -0.48 -4.45 19.63
N GLY D 28 -1.38 -5.40 19.85
CA GLY D 28 -1.65 -5.90 21.19
C GLY D 28 -2.61 -7.07 21.25
N TYR D 29 -3.11 -7.33 22.48
CA TYR D 29 -4.08 -8.37 22.78
C TYR D 29 -5.18 -7.77 23.59
N ILE D 30 -6.40 -8.23 23.31
CA ILE D 30 -7.59 -7.85 24.05
C ILE D 30 -8.12 -9.11 24.74
N VAL D 31 -8.40 -9.01 26.05
CA VAL D 31 -8.94 -10.10 26.87
C VAL D 31 -10.25 -9.59 27.47
N ALA D 32 -11.37 -10.27 27.17
CA ALA D 32 -12.69 -9.92 27.68
C ALA D 32 -13.27 -11.10 28.45
N GLN D 33 -13.77 -10.85 29.66
CA GLN D 33 -14.28 -11.91 30.51
C GLN D 33 -15.63 -11.60 31.12
N TRP D 34 -16.55 -12.57 31.07
CA TRP D 34 -17.88 -12.47 31.67
C TRP D 34 -18.41 -13.84 32.07
N THR D 35 -19.43 -13.85 32.93
CA THR D 35 -20.09 -15.08 33.35
C THR D 35 -21.41 -15.12 32.59
N GLY D 36 -21.59 -16.18 31.82
CA GLY D 36 -22.81 -16.37 31.03
C GLY D 36 -23.64 -17.53 31.55
N LYS D 37 -24.42 -18.13 30.64
CA LYS D 37 -25.29 -19.27 30.93
C LYS D 37 -24.46 -20.54 31.12
N PRO D 38 -24.63 -21.27 32.26
CA PRO D 38 -23.86 -22.51 32.48
C PRO D 38 -23.96 -23.50 31.32
N ARG D 39 -22.90 -24.29 31.13
CA ARG D 39 -22.78 -25.24 30.04
C ARG D 39 -22.22 -26.58 30.47
N LYS D 40 -22.23 -27.51 29.50
CA LYS D 40 -21.65 -28.82 29.59
C LYS D 40 -20.44 -28.77 28.65
N THR D 41 -19.26 -29.08 29.20
CA THR D 41 -18.01 -29.04 28.45
C THR D 41 -17.38 -30.45 28.45
N PRO D 42 -16.66 -30.88 27.37
CA PRO D 42 -16.04 -32.22 27.38
C PRO D 42 -15.19 -32.51 28.63
N GLY D 43 -15.58 -33.56 29.35
CA GLY D 43 -14.94 -33.99 30.59
C GLY D 43 -15.18 -33.10 31.79
N ASP D 44 -16.16 -32.17 31.66
CA ASP D 44 -16.59 -31.16 32.65
C ASP D 44 -15.42 -30.22 33.05
N LYS D 45 -14.49 -29.99 32.10
CA LYS D 45 -13.28 -29.18 32.22
C LYS D 45 -13.38 -27.92 31.36
N PRO D 46 -12.61 -26.81 31.63
CA PRO D 46 -12.67 -25.64 30.73
C PRO D 46 -12.37 -26.03 29.28
N LEU D 47 -13.00 -25.35 28.32
CA LEU D 47 -12.84 -25.71 26.91
C LEU D 47 -12.30 -24.59 26.03
N ILE D 48 -11.15 -24.86 25.36
CA ILE D 48 -10.51 -23.95 24.41
C ILE D 48 -11.17 -24.13 23.04
N VAL D 49 -11.76 -23.04 22.50
CA VAL D 49 -12.41 -22.99 21.18
C VAL D 49 -11.64 -21.93 20.36
N GLU D 50 -10.84 -22.36 19.37
CA GLU D 50 -10.04 -21.41 18.59
C GLU D 50 -10.62 -21.05 17.24
N ASN D 51 -10.22 -19.86 16.78
CA ASN D 51 -10.43 -19.20 15.52
C ASN D 51 -11.80 -19.48 14.84
N THR D 52 -11.83 -20.35 13.81
CA THR D 52 -13.00 -20.74 13.02
C THR D 52 -14.01 -21.60 13.78
N GLN D 53 -13.61 -22.27 14.88
CA GLN D 53 -14.49 -23.10 15.69
C GLN D 53 -15.51 -22.30 16.48
N ILE D 54 -15.12 -21.06 16.88
CA ILE D 54 -15.95 -20.09 17.59
C ILE D 54 -17.21 -19.79 16.80
N GLU D 55 -17.05 -19.53 15.48
CA GLU D 55 -18.17 -19.21 14.59
C GLU D 55 -19.25 -20.29 14.67
N ARG D 56 -18.84 -21.57 14.82
CA ARG D 56 -19.74 -22.71 14.99
C ARG D 56 -20.53 -22.63 16.32
N TRP D 57 -19.86 -22.21 17.41
CA TRP D 57 -20.48 -22.02 18.73
C TRP D 57 -21.48 -20.86 18.72
N ILE D 58 -21.16 -19.76 17.99
CA ILE D 58 -22.03 -18.58 17.88
C ILE D 58 -23.32 -18.95 17.14
N ASN D 59 -23.21 -19.64 15.98
CA ASN D 59 -24.35 -20.12 15.18
C ASN D 59 -25.27 -21.02 16.05
N ASN D 60 -24.65 -21.79 16.95
CA ASN D 60 -25.31 -22.72 17.86
C ASN D 60 -25.89 -22.05 19.13
N GLY D 61 -25.79 -20.73 19.22
CA GLY D 61 -26.39 -19.98 20.32
C GLY D 61 -25.51 -19.32 21.36
N LEU D 62 -24.16 -19.48 21.27
CA LEU D 62 -23.27 -18.84 22.24
C LEU D 62 -23.22 -17.33 22.03
N TRP D 63 -23.42 -16.57 23.13
CA TRP D 63 -23.42 -15.12 23.14
C TRP D 63 -22.00 -14.57 23.28
N VAL D 64 -21.50 -13.97 22.19
CA VAL D 64 -20.17 -13.33 22.13
C VAL D 64 -20.46 -11.92 21.60
N PRO D 65 -20.60 -10.91 22.50
CA PRO D 65 -20.91 -9.55 22.03
C PRO D 65 -19.78 -8.87 21.27
N ALA D 66 -20.15 -8.05 20.28
CA ALA D 66 -19.21 -7.30 19.48
C ALA D 66 -18.78 -6.06 20.23
N LEU D 67 -17.48 -5.97 20.53
CA LEU D 67 -16.91 -4.81 21.20
C LEU D 67 -16.13 -4.04 20.14
N GLU D 68 -16.48 -2.76 19.99
CA GLU D 68 -15.90 -1.92 18.96
C GLU D 68 -14.85 -0.98 19.50
N PHE D 69 -13.75 -0.83 18.73
CA PHE D 69 -12.70 0.15 19.01
C PHE D 69 -13.24 1.41 18.37
N ILE D 70 -13.70 2.35 19.20
CA ILE D 70 -14.31 3.61 18.78
C ILE D 70 -13.38 4.45 17.88
N ASN D 71 -12.11 4.60 18.27
CA ASN D 71 -11.13 5.38 17.54
C ASN D 71 -10.26 4.57 16.56
N VAL D 72 -10.74 3.39 16.10
CA VAL D 72 -10.01 2.62 15.09
C VAL D 72 -10.32 3.19 13.70
N VAL D 73 -9.34 3.16 12.80
CA VAL D 73 -9.46 3.67 11.43
C VAL D 73 -9.44 2.44 10.52
N GLY D 74 -10.63 2.03 10.11
CA GLY D 74 -10.81 0.81 9.31
C GLY D 74 -10.81 -0.41 10.20
N SER D 75 -11.21 -1.57 9.67
CA SER D 75 -11.26 -2.79 10.49
C SER D 75 -9.87 -3.21 10.98
N PRO D 76 -9.68 -3.48 12.29
CA PRO D 76 -8.37 -3.92 12.75
C PRO D 76 -8.04 -5.31 12.22
N ASP D 77 -6.74 -5.59 12.03
CA ASP D 77 -6.25 -6.88 11.58
C ASP D 77 -6.23 -7.77 12.81
N THR D 78 -7.22 -8.67 12.89
CA THR D 78 -7.35 -9.62 13.98
C THR D 78 -6.60 -10.88 13.63
N GLY D 79 -5.64 -11.24 14.48
CA GLY D 79 -4.87 -12.46 14.28
C GLY D 79 -5.62 -13.62 14.90
N ASN D 80 -4.91 -14.40 15.72
CA ASN D 80 -5.50 -15.54 16.41
C ASN D 80 -6.51 -15.01 17.45
N LYS D 81 -7.57 -15.78 17.63
CA LYS D 81 -8.63 -15.50 18.57
C LYS D 81 -9.14 -16.80 19.14
N ARG D 82 -9.55 -16.75 20.41
CA ARG D 82 -10.03 -17.93 21.09
C ARG D 82 -10.98 -17.63 22.22
N LEU D 83 -11.80 -18.64 22.54
CA LEU D 83 -12.69 -18.65 23.69
C LEU D 83 -12.19 -19.72 24.65
N MET D 84 -12.53 -19.53 25.94
CA MET D 84 -12.33 -20.48 27.01
C MET D 84 -13.70 -20.56 27.71
N LEU D 85 -14.38 -21.70 27.53
CA LEU D 85 -15.70 -21.90 28.09
C LEU D 85 -15.69 -22.81 29.30
N PHE D 86 -16.20 -22.27 30.41
CA PHE D 86 -16.27 -22.97 31.69
C PHE D 86 -17.68 -23.51 31.91
N PRO D 87 -17.83 -24.64 32.64
CA PRO D 87 -19.17 -25.19 32.86
C PRO D 87 -20.07 -24.31 33.72
N ASP D 88 -19.47 -23.52 34.62
CA ASP D 88 -20.17 -22.57 35.50
C ASP D 88 -20.72 -21.35 34.73
N GLY D 89 -20.40 -21.27 33.45
CA GLY D 89 -20.87 -20.20 32.57
C GLY D 89 -19.81 -19.18 32.20
N ARG D 90 -18.68 -19.13 32.96
CA ARG D 90 -17.57 -18.20 32.71
C ARG D 90 -17.06 -18.33 31.28
N VAL D 91 -16.87 -17.18 30.62
CA VAL D 91 -16.39 -17.04 29.24
C VAL D 91 -15.17 -16.11 29.22
N ILE D 92 -14.09 -16.54 28.56
CA ILE D 92 -12.91 -15.73 28.36
C ILE D 92 -12.65 -15.65 26.86
N TYR D 93 -12.75 -14.43 26.31
CA TYR D 93 -12.45 -14.19 24.92
C TYR D 93 -11.10 -13.47 24.88
N ASN D 94 -10.19 -13.97 24.05
CA ASN D 94 -8.87 -13.40 23.88
C ASN D 94 -8.54 -13.36 22.41
N ALA D 95 -7.96 -12.24 21.94
CA ALA D 95 -7.59 -12.07 20.53
C ALA D 95 -6.43 -11.13 20.37
N ARG D 96 -5.63 -11.37 19.33
CA ARG D 96 -4.50 -10.53 18.92
C ARG D 96 -5.05 -9.52 17.91
N PHE D 97 -4.61 -8.27 18.02
CA PHE D 97 -5.05 -7.22 17.12
C PHE D 97 -3.93 -6.29 16.71
N LEU D 98 -4.13 -5.65 15.55
CA LEU D 98 -3.27 -4.62 14.99
C LEU D 98 -4.21 -3.69 14.28
N GLY D 99 -4.26 -2.45 14.73
CA GLY D 99 -5.14 -1.47 14.13
C GLY D 99 -4.50 -0.10 14.09
N SER D 100 -5.03 0.74 13.18
CA SER D 100 -4.64 2.13 13.03
C SER D 100 -5.65 2.89 13.87
N PHE D 101 -5.16 3.65 14.87
CA PHE D 101 -6.00 4.41 15.79
C PHE D 101 -5.78 5.90 15.64
N SER D 102 -6.87 6.66 15.68
CA SER D 102 -6.87 8.10 15.58
C SER D 102 -7.08 8.74 16.93
N ASN D 103 -6.56 9.96 17.09
CA ASN D 103 -6.67 10.80 18.28
C ASN D 103 -6.16 12.20 17.93
N ASP D 104 -6.53 13.23 18.75
CA ASP D 104 -6.10 14.62 18.57
C ASP D 104 -4.60 14.73 18.84
N MET D 105 -3.86 15.02 17.78
CA MET D 105 -2.41 15.09 17.87
C MET D 105 -1.91 16.46 17.47
N ASP D 106 -1.34 17.18 18.45
CA ASP D 106 -0.77 18.52 18.29
C ASP D 106 0.74 18.44 18.13
N PHE D 107 1.22 18.67 16.90
CA PHE D 107 2.64 18.62 16.59
C PHE D 107 3.29 20.00 16.49
N ARG D 108 2.62 21.06 16.98
CA ARG D 108 3.14 22.44 16.93
C ARG D 108 4.48 22.62 17.67
N LEU D 109 4.75 21.80 18.70
CA LEU D 109 5.97 21.87 19.50
C LEU D 109 7.08 20.91 19.04
N PHE D 110 6.87 20.26 17.88
CA PHE D 110 7.82 19.34 17.25
C PHE D 110 9.22 19.97 17.14
N PRO D 111 10.33 19.26 17.44
CA PRO D 111 10.45 17.84 17.84
C PRO D 111 10.29 17.58 19.36
N PHE D 112 9.83 18.57 20.11
CA PHE D 112 9.68 18.48 21.57
C PHE D 112 8.23 18.23 22.00
N ASP D 113 7.42 17.67 21.10
CA ASP D 113 6.01 17.39 21.32
C ASP D 113 5.76 16.12 22.13
N ARG D 114 4.72 16.19 22.97
CA ARG D 114 4.23 15.11 23.82
C ARG D 114 2.90 14.61 23.24
N GLN D 115 2.70 13.29 23.21
CA GLN D 115 1.47 12.69 22.68
C GLN D 115 0.77 11.76 23.67
N GLN D 116 -0.55 11.68 23.55
CA GLN D 116 -1.37 10.78 24.36
C GLN D 116 -1.98 9.78 23.38
N PHE D 117 -1.52 8.52 23.42
CA PHE D 117 -2.02 7.47 22.53
C PHE D 117 -3.17 6.76 23.23
N VAL D 118 -4.40 6.95 22.71
CA VAL D 118 -5.58 6.38 23.35
C VAL D 118 -6.20 5.21 22.57
N LEU D 119 -6.93 4.37 23.31
CA LEU D 119 -7.73 3.27 22.80
C LEU D 119 -9.07 3.33 23.53
N GLU D 120 -10.14 3.42 22.74
CA GLU D 120 -11.49 3.49 23.27
C GLU D 120 -12.25 2.26 22.83
N LEU D 121 -12.78 1.51 23.81
CA LEU D 121 -13.54 0.28 23.60
C LEU D 121 -14.95 0.42 24.13
N GLU D 122 -15.94 0.04 23.29
CA GLU D 122 -17.36 0.16 23.62
C GLU D 122 -18.18 -0.95 22.92
N PRO D 123 -19.20 -1.56 23.60
CA PRO D 123 -20.03 -2.56 22.90
C PRO D 123 -20.78 -1.90 21.76
N PHE D 124 -20.82 -2.58 20.59
CA PHE D 124 -21.44 -2.05 19.39
C PHE D 124 -22.97 -1.99 19.43
N SER D 125 -23.61 -2.92 20.15
CA SER D 125 -25.08 -3.00 20.15
C SER D 125 -25.73 -2.98 21.52
N TYR D 126 -25.01 -3.45 22.55
CA TYR D 126 -25.54 -3.58 23.91
C TYR D 126 -25.28 -2.38 24.80
N ASN D 127 -26.37 -1.75 25.27
CA ASN D 127 -26.30 -0.61 26.19
C ASN D 127 -25.88 -1.11 27.59
N ASN D 128 -25.59 -0.20 28.55
CA ASN D 128 -25.12 -0.59 29.89
C ASN D 128 -26.20 -1.22 30.80
N GLN D 129 -27.43 -1.41 30.29
CA GLN D 129 -28.51 -2.08 31.03
C GLN D 129 -28.42 -3.58 30.68
N GLN D 130 -27.67 -3.89 29.61
CA GLN D 130 -27.43 -5.22 29.06
C GLN D 130 -25.98 -5.64 29.24
N LEU D 131 -25.01 -4.73 28.97
CA LEU D 131 -23.58 -5.01 29.06
C LEU D 131 -22.83 -3.80 29.57
N ARG D 132 -22.10 -3.98 30.68
CA ARG D 132 -21.30 -2.91 31.29
C ARG D 132 -19.89 -3.43 31.60
N PHE D 133 -18.89 -2.55 31.44
CA PHE D 133 -17.52 -2.89 31.76
C PHE D 133 -17.31 -2.71 33.25
N SER D 134 -16.92 -3.79 33.94
CA SER D 134 -16.71 -3.77 35.39
C SER D 134 -15.32 -3.26 35.77
N ASP D 135 -14.30 -3.54 34.93
CA ASP D 135 -12.91 -3.11 35.13
C ASP D 135 -12.05 -3.21 33.89
N ILE D 136 -10.90 -2.52 33.91
CA ILE D 136 -9.89 -2.49 32.86
C ILE D 136 -8.48 -2.54 33.46
N GLN D 137 -7.66 -3.43 32.92
CA GLN D 137 -6.25 -3.59 33.31
C GLN D 137 -5.43 -3.44 32.03
N VAL D 138 -4.33 -2.67 32.10
CA VAL D 138 -3.46 -2.45 30.95
C VAL D 138 -2.04 -2.89 31.26
N TYR D 139 -1.45 -3.66 30.35
CA TYR D 139 -0.09 -4.15 30.47
C TYR D 139 0.68 -3.63 29.26
N THR D 140 1.78 -2.93 29.53
CA THR D 140 2.58 -2.36 28.45
C THR D 140 3.97 -3.02 28.37
N GLU D 141 4.65 -2.81 27.24
CA GLU D 141 5.97 -3.34 26.95
C GLU D 141 7.04 -2.88 27.95
N ASN D 142 7.92 -3.82 28.37
CA ASN D 142 9.09 -3.62 29.24
C ASN D 142 10.23 -3.22 28.31
N ILE D 143 10.66 -1.95 28.41
CA ILE D 143 11.71 -1.38 27.56
C ILE D 143 13.08 -1.46 28.24
N ASP D 144 14.07 -1.92 27.48
CA ASP D 144 15.45 -2.03 27.96
C ASP D 144 16.12 -0.66 27.78
N ASN D 145 16.16 -0.15 26.53
CA ASN D 145 16.77 1.14 26.20
C ASN D 145 15.92 1.93 25.21
N GLU D 146 15.47 3.13 25.63
CA GLU D 146 14.63 4.04 24.85
C GLU D 146 15.43 4.93 23.88
N GLU D 147 16.78 4.92 24.01
CA GLU D 147 17.71 5.68 23.16
C GLU D 147 17.49 5.32 21.69
N ILE D 148 17.28 4.02 21.43
CA ILE D 148 17.06 3.45 20.09
C ILE D 148 15.60 3.61 19.60
N ASP D 149 14.69 4.14 20.46
CA ASP D 149 13.27 4.34 20.15
C ASP D 149 12.90 5.80 19.79
N GLU D 150 11.93 5.94 18.85
CA GLU D 150 11.40 7.22 18.36
C GLU D 150 10.57 7.95 19.43
N TRP D 151 9.78 7.19 20.21
CA TRP D 151 8.93 7.69 21.28
C TRP D 151 9.41 7.19 22.63
N TRP D 152 9.24 8.05 23.66
CA TRP D 152 9.62 7.76 25.03
C TRP D 152 8.40 7.75 25.92
N ILE D 153 7.95 6.54 26.29
CA ILE D 153 6.77 6.32 27.13
C ILE D 153 6.99 6.91 28.52
N ARG D 154 6.06 7.75 28.97
CA ARG D 154 6.14 8.43 30.25
C ARG D 154 4.98 8.05 31.17
N GLY D 155 5.33 7.35 32.25
CA GLY D 155 4.38 6.88 33.26
C GLY D 155 3.66 5.59 32.92
N LYS D 156 2.72 5.21 33.79
CA LYS D 156 1.87 4.04 33.62
C LYS D 156 0.71 4.42 32.71
N ALA D 157 0.00 3.41 32.20
CA ALA D 157 -1.17 3.61 31.36
C ALA D 157 -2.32 4.15 32.23
N SER D 158 -3.03 5.17 31.72
CA SER D 158 -4.17 5.76 32.41
C SER D 158 -5.42 5.09 31.87
N THR D 159 -6.35 4.70 32.75
CA THR D 159 -7.57 4.03 32.32
C THR D 159 -8.80 4.73 32.86
N HIS D 160 -9.93 4.60 32.14
CA HIS D 160 -11.22 5.18 32.54
C HIS D 160 -12.35 4.27 32.15
N ILE D 161 -13.44 4.32 32.92
CA ILE D 161 -14.71 3.67 32.62
C ILE D 161 -15.76 4.75 32.73
N SER D 162 -16.35 5.08 31.58
CA SER D 162 -17.36 6.10 31.44
C SER D 162 -18.62 5.53 30.79
N ASP D 163 -19.71 6.30 30.81
CA ASP D 163 -20.99 5.97 30.18
C ASP D 163 -21.28 7.02 29.12
N ILE D 164 -21.50 6.58 27.87
CA ILE D 164 -21.77 7.48 26.75
C ILE D 164 -23.27 7.57 26.50
N ARG D 165 -23.87 8.74 26.79
CA ARG D 165 -25.29 8.96 26.57
C ARG D 165 -25.50 9.56 25.18
N TYR D 166 -26.30 8.88 24.35
CA TYR D 166 -26.59 9.32 22.98
C TYR D 166 -27.96 9.97 22.95
N ASP D 167 -28.07 11.17 22.33
CA ASP D 167 -29.35 11.87 22.24
C ASP D 167 -30.19 11.33 21.10
N HIS D 168 -29.54 10.80 20.05
CA HIS D 168 -30.23 10.03 19.03
C HIS D 168 -30.42 8.69 19.80
N LEU D 169 -31.37 7.83 19.41
CA LEU D 169 -31.70 6.58 20.13
C LEU D 169 -32.07 6.83 21.64
N SER D 170 -32.54 8.06 21.98
CA SER D 170 -33.05 8.40 23.31
C SER D 170 -34.54 8.11 23.25
N SER D 171 -35.10 8.28 22.03
CA SER D 171 -36.49 8.08 21.63
C SER D 171 -36.73 6.61 21.22
N VAL D 172 -35.65 5.87 20.87
CA VAL D 172 -35.73 4.45 20.49
C VAL D 172 -36.32 3.66 21.68
N GLN D 173 -35.89 3.98 22.94
CA GLN D 173 -36.36 3.42 24.22
C GLN D 173 -35.87 4.24 25.46
N PRO D 174 -36.68 4.43 26.54
CA PRO D 174 -36.20 5.23 27.68
C PRO D 174 -35.21 4.52 28.59
N ASN D 175 -34.12 5.24 28.99
CA ASN D 175 -33.00 4.77 29.83
C ASN D 175 -32.19 3.65 29.15
N GLN D 176 -32.27 3.56 27.81
CA GLN D 176 -31.60 2.57 26.98
C GLN D 176 -30.60 3.20 26.00
N ASN D 177 -30.21 4.47 26.22
CA ASN D 177 -29.31 5.21 25.32
C ASN D 177 -27.85 5.38 25.83
N GLU D 178 -27.52 4.81 27.00
CA GLU D 178 -26.18 4.88 27.57
C GLU D 178 -25.34 3.64 27.28
N PHE D 179 -24.08 3.84 26.88
CA PHE D 179 -23.17 2.74 26.56
C PHE D 179 -21.93 2.77 27.43
N SER D 180 -21.41 1.58 27.80
CA SER D 180 -20.20 1.50 28.62
C SER D 180 -18.96 1.70 27.77
N ARG D 181 -18.08 2.65 28.14
CA ARG D 181 -16.82 2.88 27.41
C ARG D 181 -15.59 2.74 28.27
N ILE D 182 -14.59 1.99 27.76
CA ILE D 182 -13.26 1.87 28.34
C ILE D 182 -12.37 2.81 27.53
N THR D 183 -11.50 3.56 28.23
CA THR D 183 -10.53 4.47 27.66
C THR D 183 -9.16 4.14 28.25
N VAL D 184 -8.18 3.83 27.40
CA VAL D 184 -6.81 3.56 27.83
C VAL D 184 -5.90 4.59 27.16
N ARG D 185 -4.99 5.19 27.94
CA ARG D 185 -4.12 6.24 27.44
C ARG D 185 -2.64 5.97 27.78
N ILE D 186 -1.77 6.16 26.78
CA ILE D 186 -0.32 5.98 26.88
C ILE D 186 0.34 7.33 26.56
N ASP D 187 1.05 7.90 27.54
CA ASP D 187 1.71 9.19 27.33
C ASP D 187 3.13 8.96 26.84
N ALA D 188 3.53 9.71 25.81
CA ALA D 188 4.87 9.60 25.25
C ALA D 188 5.46 10.94 24.81
N VAL D 189 6.79 11.07 24.90
CA VAL D 189 7.59 12.24 24.51
C VAL D 189 8.38 11.83 23.25
N ARG D 190 8.56 12.75 22.29
CA ARG D 190 9.36 12.43 21.11
C ARG D 190 10.84 12.48 21.47
N ASN D 191 11.64 11.58 20.88
CA ASN D 191 13.09 11.54 21.01
C ASN D 191 13.61 12.65 20.07
N PRO D 192 14.10 13.79 20.59
CA PRO D 192 14.52 14.88 19.69
C PRO D 192 15.99 14.86 19.27
N SER D 193 16.75 13.77 19.58
CA SER D 193 18.18 13.64 19.29
C SER D 193 18.55 13.86 17.83
N TYR D 194 17.78 13.32 16.88
CA TYR D 194 18.09 13.52 15.47
C TYR D 194 17.89 14.97 15.04
N TYR D 195 16.82 15.63 15.50
CA TYR D 195 16.49 17.01 15.15
C TYR D 195 17.34 18.05 15.86
N LEU D 196 17.90 17.71 17.03
CA LEU D 196 18.77 18.61 17.78
C LEU D 196 20.11 18.77 17.06
N TRP D 197 20.78 17.64 16.79
CA TRP D 197 22.09 17.55 16.15
C TRP D 197 22.09 17.82 14.64
N SER D 198 21.02 17.42 13.92
CA SER D 198 20.97 17.56 12.47
C SER D 198 20.17 18.76 11.95
N PHE D 199 19.35 19.42 12.80
CA PHE D 199 18.52 20.53 12.31
C PHE D 199 18.75 21.83 13.08
N ILE D 200 18.59 21.82 14.40
CA ILE D 200 18.72 23.01 15.25
C ILE D 200 20.18 23.48 15.31
N LEU D 201 21.13 22.56 15.57
CA LEU D 201 22.56 22.87 15.63
C LEU D 201 23.11 23.43 14.30
N PRO D 202 22.98 22.76 13.11
CA PRO D 202 23.52 23.34 11.87
C PRO D 202 22.85 24.67 11.47
N LEU D 203 21.53 24.81 11.71
CA LEU D 203 20.76 26.03 11.43
C LEU D 203 21.26 27.18 12.29
N GLY D 204 21.65 26.86 13.53
CA GLY D 204 22.22 27.81 14.48
C GLY D 204 23.56 28.34 14.00
N LEU D 205 24.41 27.43 13.49
CA LEU D 205 25.74 27.73 12.94
C LEU D 205 25.64 28.58 11.66
N ILE D 206 24.51 28.46 10.93
CA ILE D 206 24.22 29.22 9.71
C ILE D 206 23.72 30.63 10.09
N ILE D 207 22.73 30.72 11.02
CA ILE D 207 22.18 31.99 11.52
C ILE D 207 23.30 32.80 12.22
N ALA D 208 24.25 32.11 12.88
CA ALA D 208 25.42 32.74 13.53
C ALA D 208 26.39 33.28 12.48
N ALA D 209 26.66 32.49 11.41
CA ALA D 209 27.54 32.86 10.29
C ALA D 209 26.93 33.92 9.37
N SER D 210 25.59 34.10 9.43
CA SER D 210 24.86 35.08 8.61
C SER D 210 25.19 36.53 9.00
N TRP D 211 25.56 36.77 10.28
CA TRP D 211 25.93 38.10 10.79
C TRP D 211 27.39 38.45 10.53
N SER D 212 28.20 37.45 10.08
CA SER D 212 29.62 37.63 9.77
C SER D 212 29.86 38.43 8.47
N VAL D 213 28.78 38.71 7.71
CA VAL D 213 28.81 39.48 6.46
C VAL D 213 29.20 40.96 6.68
N PHE D 214 28.88 41.50 7.88
CA PHE D 214 29.17 42.88 8.26
C PHE D 214 30.67 43.17 8.41
N TRP D 215 31.47 42.10 8.66
CA TRP D 215 32.92 42.17 8.80
C TRP D 215 33.63 42.47 7.46
N LEU D 216 32.88 42.41 6.34
CA LEU D 216 33.38 42.70 4.99
C LEU D 216 33.67 44.19 4.81
N GLU D 217 34.65 44.50 3.94
CA GLU D 217 35.14 45.85 3.68
C GLU D 217 34.18 46.71 2.84
N SER D 218 33.81 46.23 1.64
CA SER D 218 32.95 46.98 0.71
C SER D 218 31.49 46.54 0.68
N PHE D 219 30.61 47.42 0.14
CA PHE D 219 29.17 47.24 -0.03
C PHE D 219 28.87 46.14 -1.04
N SER D 220 29.68 46.05 -2.12
CA SER D 220 29.59 45.04 -3.19
C SER D 220 29.78 43.62 -2.63
N GLU D 221 30.69 43.49 -1.64
CA GLU D 221 31.00 42.24 -0.95
C GLU D 221 29.89 41.85 0.03
N ARG D 222 29.42 42.81 0.87
CA ARG D 222 28.37 42.64 1.88
C ARG D 222 27.03 42.17 1.31
N LEU D 223 26.63 42.74 0.17
CA LEU D 223 25.36 42.41 -0.49
C LEU D 223 25.39 41.05 -1.18
N GLN D 224 26.39 40.78 -2.05
CA GLN D 224 26.55 39.52 -2.79
C GLN D 224 26.67 38.28 -1.89
N THR D 225 27.21 38.46 -0.67
CA THR D 225 27.35 37.39 0.33
C THR D 225 26.02 37.16 1.06
N SER D 226 25.19 38.23 1.21
CA SER D 226 23.87 38.16 1.86
C SER D 226 22.87 37.35 1.00
N PHE D 227 23.01 37.42 -0.35
CA PHE D 227 22.18 36.67 -1.30
C PHE D 227 22.59 35.21 -1.31
N THR D 228 23.89 34.94 -1.03
CA THR D 228 24.48 33.60 -0.95
C THR D 228 23.92 32.89 0.30
N CYS D 229 23.82 33.62 1.42
CA CYS D 229 23.27 33.13 2.69
C CYS D 229 21.76 32.91 2.55
N MET D 230 21.09 33.78 1.75
CA MET D 230 19.65 33.70 1.45
C MET D 230 19.38 32.38 0.72
N LEU D 231 20.23 32.05 -0.27
CA LEU D 231 20.20 30.82 -1.08
C LEU D 231 20.44 29.61 -0.18
N THR D 232 21.32 29.74 0.84
CA THR D 232 21.65 28.70 1.82
C THR D 232 20.45 28.41 2.73
N VAL D 233 19.73 29.45 3.18
CA VAL D 233 18.54 29.31 4.05
C VAL D 233 17.42 28.66 3.25
N VAL D 234 17.29 28.99 1.94
CA VAL D 234 16.31 28.35 1.05
C VAL D 234 16.74 26.88 0.90
N ALA D 235 18.07 26.63 0.70
CA ALA D 235 18.68 25.29 0.58
C ALA D 235 18.46 24.42 1.81
N TYR D 236 18.50 25.06 2.98
CA TYR D 236 18.28 24.42 4.25
C TYR D 236 16.79 24.19 4.48
N ALA D 237 15.94 25.12 3.99
CA ALA D 237 14.48 25.02 4.08
C ALA D 237 13.99 23.88 3.20
N PHE D 238 14.62 23.66 2.02
CA PHE D 238 14.24 22.53 1.15
C PHE D 238 14.85 21.22 1.63
N TYR D 239 15.91 21.28 2.48
CA TYR D 239 16.54 20.12 3.11
C TYR D 239 15.62 19.59 4.22
N THR D 240 15.12 20.52 5.03
CA THR D 240 14.23 20.36 6.16
C THR D 240 12.90 19.72 5.71
N SER D 241 12.19 20.38 4.77
CA SER D 241 10.91 19.97 4.17
C SER D 241 10.90 18.51 3.70
N ASN D 242 12.02 18.06 3.08
CA ASN D 242 12.24 16.71 2.54
C ASN D 242 12.25 15.63 3.65
N ILE D 243 12.54 16.02 4.91
CA ILE D 243 12.61 15.11 6.06
C ILE D 243 11.40 15.27 6.98
N LEU D 244 11.10 16.51 7.37
CA LEU D 244 10.02 16.92 8.27
C LEU D 244 8.65 16.34 7.91
N PRO D 245 7.84 15.96 8.93
CA PRO D 245 6.51 15.39 8.62
C PRO D 245 5.56 16.43 8.03
N ARG D 246 4.58 15.98 7.24
CA ARG D 246 3.61 16.88 6.61
C ARG D 246 2.56 17.36 7.60
N LEU D 247 2.48 18.70 7.77
CA LEU D 247 1.59 19.35 8.72
C LEU D 247 0.84 20.59 8.18
N PRO D 248 -0.41 20.87 8.67
CA PRO D 248 -1.14 22.06 8.18
C PRO D 248 -0.78 23.36 8.92
N TYR D 249 0.25 23.30 9.78
CA TYR D 249 0.77 24.41 10.60
C TYR D 249 2.31 24.40 10.66
N THR D 250 2.90 25.34 11.41
CA THR D 250 4.36 25.48 11.58
C THR D 250 4.86 24.93 12.91
N THR D 251 6.03 24.26 12.88
CA THR D 251 6.70 23.67 14.04
C THR D 251 7.81 24.62 14.53
N VAL D 252 8.52 24.23 15.61
CA VAL D 252 9.65 24.98 16.20
C VAL D 252 10.73 25.17 15.12
N ILE D 253 11.01 24.10 14.35
CA ILE D 253 11.99 24.07 13.26
C ILE D 253 11.56 25.03 12.13
N ASP D 254 10.27 25.03 11.76
CA ASP D 254 9.71 25.91 10.73
C ASP D 254 9.85 27.39 11.13
N GLN D 255 9.65 27.69 12.44
CA GLN D 255 9.78 29.03 13.02
C GLN D 255 11.23 29.51 13.02
N MET D 256 12.19 28.58 13.17
CA MET D 256 13.62 28.83 13.15
C MET D 256 14.09 29.19 11.73
N ILE D 257 13.45 28.58 10.71
CA ILE D 257 13.74 28.84 9.29
C ILE D 257 13.23 30.24 8.93
N ILE D 258 12.01 30.60 9.40
CA ILE D 258 11.40 31.92 9.22
C ILE D 258 12.30 32.96 9.92
N ALA D 259 12.88 32.60 11.09
CA ALA D 259 13.82 33.43 11.84
C ALA D 259 15.11 33.64 11.03
N GLY D 260 15.53 32.59 10.32
CA GLY D 260 16.68 32.60 9.42
C GLY D 260 16.46 33.52 8.22
N TYR D 261 15.21 33.55 7.70
CA TYR D 261 14.79 34.41 6.58
C TYR D 261 14.71 35.85 7.08
N GLY D 262 14.18 36.01 8.29
CA GLY D 262 14.03 37.30 8.97
C GLY D 262 15.36 37.96 9.25
N SER D 263 16.33 37.18 9.77
CA SER D 263 17.70 37.61 10.10
C SER D 263 18.44 38.15 8.87
N ILE D 264 18.29 37.47 7.71
CA ILE D 264 18.91 37.86 6.45
C ILE D 264 18.23 39.10 5.88
N PHE D 265 16.87 39.10 5.86
CA PHE D 265 16.08 40.25 5.38
C PHE D 265 16.33 41.49 6.23
N ALA D 266 16.58 41.31 7.55
CA ALA D 266 16.92 42.40 8.47
C ALA D 266 18.31 42.90 8.11
N ALA D 267 19.32 41.99 8.01
CA ALA D 267 20.70 42.31 7.64
C ALA D 267 20.78 43.03 6.29
N ILE D 268 19.93 42.65 5.31
CA ILE D 268 19.84 43.25 3.97
C ILE D 268 19.30 44.70 4.08
N LEU D 269 18.27 44.92 4.92
CA LEU D 269 17.69 46.25 5.14
C LEU D 269 18.71 47.18 5.82
N LEU D 270 19.60 46.61 6.65
CA LEU D 270 20.66 47.30 7.38
C LEU D 270 21.78 47.79 6.44
N ILE D 271 22.19 46.93 5.46
CA ILE D 271 23.22 47.23 4.47
C ILE D 271 22.73 48.35 3.53
N ILE D 272 21.45 48.30 3.10
CA ILE D 272 20.83 49.31 2.24
C ILE D 272 20.72 50.66 2.99
N PHE D 273 20.43 50.61 4.31
CA PHE D 273 20.31 51.80 5.17
C PHE D 273 21.69 52.42 5.54
N ALA D 274 22.71 52.21 4.69
CA ALA D 274 24.04 52.76 4.87
C ALA D 274 24.52 53.45 3.58
N HIS D 275 24.26 52.82 2.42
CA HIS D 275 24.64 53.28 1.09
C HIS D 275 23.80 54.48 0.61
N HIS D 276 22.54 54.24 0.17
CA HIS D 276 21.64 55.29 -0.30
C HIS D 276 20.81 55.89 0.85
N ASP E 1 0.84 -36.54 36.09
CA ASP E 1 -0.43 -36.86 35.48
C ASP E 1 -0.70 -35.97 34.27
N ALA E 2 -1.41 -36.55 33.27
CA ALA E 2 -1.84 -35.94 31.99
C ALA E 2 -0.74 -35.16 31.26
N ARG E 3 0.32 -35.89 30.86
CA ARG E 3 1.51 -35.40 30.14
C ARG E 3 1.18 -34.44 28.98
N PRO E 4 1.92 -33.29 28.85
CA PRO E 4 1.67 -32.38 27.74
C PRO E 4 2.10 -33.00 26.40
N VAL E 5 1.54 -32.50 25.30
CA VAL E 5 1.86 -32.96 23.96
C VAL E 5 3.20 -32.33 23.53
N ASP E 6 4.20 -33.17 23.20
CA ASP E 6 5.49 -32.69 22.73
C ASP E 6 5.35 -32.36 21.26
N VAL E 7 5.62 -31.09 20.92
CA VAL E 7 5.56 -30.61 19.54
C VAL E 7 6.99 -30.33 19.06
N SER E 8 7.37 -30.92 17.92
CA SER E 8 8.68 -30.76 17.28
C SER E 8 8.54 -29.78 16.12
N VAL E 9 9.35 -28.70 16.12
CA VAL E 9 9.24 -27.66 15.10
C VAL E 9 10.51 -27.52 14.24
N SER E 10 10.29 -27.27 12.93
CA SER E 10 11.30 -26.97 11.93
C SER E 10 10.88 -25.68 11.22
N ILE E 11 11.79 -24.70 11.17
CA ILE E 11 11.54 -23.41 10.53
C ILE E 11 12.56 -23.21 9.42
N PHE E 12 12.05 -22.98 8.20
CA PHE E 12 12.84 -22.75 7.00
C PHE E 12 12.78 -21.27 6.68
N ILE E 13 13.95 -20.60 6.64
CA ILE E 13 13.98 -19.17 6.36
C ILE E 13 14.48 -18.94 4.92
N ASN E 14 13.54 -18.61 4.01
CA ASN E 14 13.81 -18.39 2.60
C ASN E 14 14.38 -17.03 2.30
N LYS E 15 13.92 -15.99 3.04
CA LYS E 15 14.29 -14.61 2.78
C LYS E 15 14.08 -13.74 4.00
N ILE E 16 15.03 -12.82 4.26
CA ILE E 16 14.97 -11.77 5.29
C ILE E 16 15.24 -10.50 4.49
N TYR E 17 14.24 -9.63 4.39
CA TYR E 17 14.31 -8.42 3.58
C TYR E 17 13.34 -7.36 4.11
N GLY E 18 13.22 -6.25 3.38
CA GLY E 18 12.31 -5.15 3.67
C GLY E 18 12.41 -4.57 5.06
N VAL E 19 13.66 -4.34 5.55
CA VAL E 19 13.91 -3.74 6.87
C VAL E 19 13.34 -2.33 6.86
N ASN E 20 12.56 -2.01 7.90
CA ASN E 20 11.99 -0.69 8.11
C ASN E 20 12.63 -0.18 9.41
N THR E 21 13.64 0.68 9.26
CA THR E 21 14.44 1.28 10.34
C THR E 21 13.60 1.99 11.41
N LEU E 22 12.65 2.85 11.00
CA LEU E 22 11.82 3.60 11.95
C LEU E 22 10.79 2.75 12.67
N GLU E 23 10.21 1.76 11.97
CA GLU E 23 9.23 0.86 12.57
C GLU E 23 9.89 -0.31 13.32
N GLN E 24 11.21 -0.51 13.12
CA GLN E 24 12.01 -1.60 13.70
C GLN E 24 11.40 -2.97 13.37
N THR E 25 11.06 -3.15 12.07
CA THR E 25 10.48 -4.36 11.50
C THR E 25 11.31 -4.85 10.30
N TYR E 26 11.11 -6.11 9.92
CA TYR E 26 11.75 -6.81 8.80
C TYR E 26 10.81 -7.90 8.30
N LYS E 27 10.85 -8.22 7.02
CA LYS E 27 9.99 -9.22 6.41
C LYS E 27 10.72 -10.54 6.30
N VAL E 28 10.03 -11.62 6.70
CA VAL E 28 10.55 -12.99 6.66
C VAL E 28 9.60 -13.89 5.85
N ASP E 29 10.14 -14.58 4.83
CA ASP E 29 9.42 -15.56 4.03
C ASP E 29 10.03 -16.91 4.38
N GLY E 30 9.17 -17.89 4.65
CA GLY E 30 9.64 -19.23 4.99
C GLY E 30 8.56 -20.27 5.12
N TYR E 31 8.93 -21.39 5.76
CA TYR E 31 8.02 -22.51 6.04
C TYR E 31 8.12 -22.87 7.51
N ILE E 32 6.98 -23.29 8.06
CA ILE E 32 6.88 -23.76 9.43
C ILE E 32 6.38 -25.19 9.40
N VAL E 33 7.12 -26.09 10.05
CA VAL E 33 6.78 -27.50 10.16
C VAL E 33 6.65 -27.81 11.63
N ALA E 34 5.49 -28.33 12.03
CA ALA E 34 5.23 -28.71 13.42
C ALA E 34 4.71 -30.14 13.44
N GLN E 35 5.25 -30.95 14.35
CA GLN E 35 4.87 -32.34 14.44
C GLN E 35 4.63 -32.78 15.87
N TRP E 36 3.59 -33.59 16.05
CA TRP E 36 3.22 -34.16 17.33
C TRP E 36 2.55 -35.51 17.11
N THR E 37 2.42 -36.32 18.18
CA THR E 37 1.78 -37.62 18.08
C THR E 37 0.38 -37.54 18.68
N GLY E 38 -0.61 -37.90 17.87
CA GLY E 38 -2.01 -37.93 18.30
C GLY E 38 -2.47 -39.36 18.44
N LYS E 39 -3.80 -39.57 18.44
CA LYS E 39 -4.39 -40.91 18.54
C LYS E 39 -4.28 -41.67 17.20
N PRO E 40 -3.85 -42.95 17.20
CA PRO E 40 -3.76 -43.70 15.93
C PRO E 40 -5.09 -43.72 15.16
N ARG E 41 -5.01 -43.75 13.82
CA ARG E 41 -6.22 -43.76 12.99
C ARG E 41 -6.12 -44.67 11.77
N LYS E 42 -7.28 -44.88 11.11
CA LYS E 42 -7.37 -45.64 9.87
C LYS E 42 -7.24 -44.62 8.74
N THR E 43 -6.22 -44.81 7.90
CA THR E 43 -5.92 -43.96 6.76
C THR E 43 -6.09 -44.82 5.50
N PRO E 44 -6.50 -44.25 4.33
CA PRO E 44 -6.67 -45.09 3.13
C PRO E 44 -5.40 -45.86 2.73
N GLY E 45 -5.52 -47.19 2.70
CA GLY E 45 -4.46 -48.12 2.36
C GLY E 45 -3.37 -48.28 3.42
N ASP E 46 -3.64 -47.77 4.64
CA ASP E 46 -2.74 -47.74 5.81
C ASP E 46 -1.40 -47.05 5.50
N LYS E 47 -1.46 -46.04 4.64
CA LYS E 47 -0.37 -45.17 4.20
C LYS E 47 -0.68 -43.77 4.74
N PRO E 48 0.28 -42.83 4.89
CA PRO E 48 -0.08 -41.49 5.39
C PRO E 48 -1.14 -40.79 4.53
N LEU E 49 -1.91 -39.91 5.16
CA LEU E 49 -2.98 -39.16 4.52
C LEU E 49 -2.65 -37.67 4.43
N ILE E 50 -2.76 -37.11 3.21
CA ILE E 50 -2.48 -35.70 2.96
C ILE E 50 -3.80 -34.93 2.86
N VAL E 51 -3.96 -33.94 3.75
CA VAL E 51 -5.13 -33.05 3.80
C VAL E 51 -4.56 -31.64 3.66
N GLU E 52 -5.01 -30.89 2.67
CA GLU E 52 -4.45 -29.56 2.52
C GLU E 52 -5.46 -28.46 2.31
N ASN E 53 -5.07 -27.25 2.73
CA ASN E 53 -5.74 -25.96 2.64
C ASN E 53 -7.14 -25.95 3.32
N THR E 54 -8.21 -25.71 2.58
CA THR E 54 -9.58 -25.60 3.10
C THR E 54 -10.12 -26.92 3.72
N GLN E 55 -9.53 -28.09 3.35
CA GLN E 55 -9.94 -29.40 3.87
C GLN E 55 -9.53 -29.62 5.32
N ILE E 56 -8.47 -28.90 5.80
CA ILE E 56 -7.95 -28.93 7.18
C ILE E 56 -9.08 -28.50 8.11
N GLU E 57 -9.80 -27.42 7.70
CA GLU E 57 -10.95 -26.86 8.41
C GLU E 57 -12.05 -27.88 8.59
N ARG E 58 -12.30 -28.72 7.56
CA ARG E 58 -13.29 -29.79 7.60
C ARG E 58 -12.93 -30.85 8.64
N TRP E 59 -11.63 -31.17 8.78
CA TRP E 59 -11.11 -32.12 9.76
C TRP E 59 -11.19 -31.58 11.17
N ILE E 60 -10.97 -30.26 11.35
CA ILE E 60 -11.03 -29.58 12.65
C ILE E 60 -12.48 -29.56 13.15
N ASN E 61 -13.45 -29.21 12.27
CA ASN E 61 -14.89 -29.19 12.59
C ASN E 61 -15.32 -30.60 13.06
N ASN E 62 -14.72 -31.65 12.45
CA ASN E 62 -14.99 -33.04 12.76
C ASN E 62 -14.20 -33.57 13.98
N GLY E 63 -13.47 -32.70 14.67
CA GLY E 63 -12.78 -33.08 15.91
C GLY E 63 -11.27 -33.21 15.92
N LEU E 64 -10.57 -32.94 14.80
CA LEU E 64 -9.11 -33.04 14.77
C LEU E 64 -8.45 -31.86 15.51
N TRP E 65 -7.51 -32.19 16.41
CA TRP E 65 -6.78 -31.21 17.21
C TRP E 65 -5.56 -30.65 16.46
N VAL E 66 -5.68 -29.39 16.01
CA VAL E 66 -4.61 -28.67 15.32
C VAL E 66 -4.42 -27.38 16.12
N PRO E 67 -3.45 -27.34 17.08
CA PRO E 67 -3.29 -26.13 17.90
C PRO E 67 -2.81 -24.93 17.09
N ALA E 68 -3.22 -23.72 17.50
CA ALA E 68 -2.80 -22.47 16.85
C ALA E 68 -1.49 -22.02 17.45
N LEU E 69 -0.45 -21.96 16.61
CA LEU E 69 0.89 -21.54 17.04
C LEU E 69 1.10 -20.13 16.55
N GLU E 70 1.29 -19.21 17.49
CA GLU E 70 1.43 -17.79 17.22
C GLU E 70 2.86 -17.29 17.15
N PHE E 71 3.13 -16.44 16.14
CA PHE E 71 4.39 -15.74 16.02
C PHE E 71 4.23 -14.51 16.91
N ILE E 72 4.86 -14.54 18.10
CA ILE E 72 4.79 -13.51 19.13
C ILE E 72 5.21 -12.13 18.62
N ASN E 73 6.30 -12.07 17.84
CA ASN E 73 6.85 -10.82 17.34
C ASN E 73 6.43 -10.48 15.88
N VAL E 74 5.32 -11.09 15.39
CA VAL E 74 4.79 -10.76 14.06
C VAL E 74 4.01 -9.44 14.22
N VAL E 75 3.99 -8.61 13.16
CA VAL E 75 3.29 -7.34 13.14
C VAL E 75 2.15 -7.47 12.13
N GLY E 76 0.99 -7.82 12.65
CA GLY E 76 -0.20 -8.09 11.84
C GLY E 76 -0.25 -9.55 11.47
N SER E 77 -1.37 -10.02 10.91
CA SER E 77 -1.52 -11.43 10.53
C SER E 77 -0.53 -11.82 9.42
N PRO E 78 0.32 -12.86 9.60
CA PRO E 78 1.23 -13.24 8.51
C PRO E 78 0.43 -13.79 7.34
N ASP E 79 0.90 -13.50 6.12
CA ASP E 79 0.31 -13.98 4.89
C ASP E 79 0.67 -15.46 4.77
N THR E 80 -0.29 -16.34 5.09
CA THR E 80 -0.12 -17.79 5.01
C THR E 80 -0.50 -18.26 3.61
N GLY E 81 0.43 -18.97 2.96
CA GLY E 81 0.20 -19.57 1.65
C GLY E 81 -0.47 -20.92 1.84
N ASN E 82 0.03 -21.95 1.13
CA ASN E 82 -0.46 -23.32 1.22
C ASN E 82 -0.11 -23.91 2.58
N LYS E 83 -0.97 -24.83 3.02
CA LYS E 83 -0.84 -25.55 4.31
C LYS E 83 -1.42 -26.93 4.17
N ARG E 84 -0.78 -27.88 4.82
CA ARG E 84 -1.18 -29.23 4.70
C ARG E 84 -1.13 -29.88 6.11
N LEU E 85 -1.56 -31.15 6.19
CA LEU E 85 -1.56 -32.08 7.32
C LEU E 85 -1.25 -33.45 6.80
N MET E 86 -0.26 -34.10 7.41
CA MET E 86 0.10 -35.47 7.09
C MET E 86 -0.26 -36.22 8.33
N LEU E 87 -1.31 -37.04 8.20
CA LEU E 87 -1.82 -37.85 9.29
C LEU E 87 -1.38 -39.29 9.03
N PHE E 88 -0.61 -39.83 9.96
CA PHE E 88 -0.08 -41.20 9.87
C PHE E 88 -1.00 -42.20 10.58
N PRO E 89 -1.04 -43.49 10.14
CA PRO E 89 -1.87 -44.46 10.88
C PRO E 89 -1.38 -44.62 12.33
N ASP E 90 -0.03 -44.52 12.54
CA ASP E 90 0.64 -44.62 13.85
C ASP E 90 0.23 -43.54 14.87
N GLY E 91 -0.50 -42.52 14.41
CA GLY E 91 -1.00 -41.44 15.26
C GLY E 91 -0.40 -40.08 15.00
N ARG E 92 0.83 -40.05 14.43
CA ARG E 92 1.59 -38.83 14.12
C ARG E 92 0.81 -37.85 13.25
N VAL E 93 1.06 -36.54 13.49
CA VAL E 93 0.45 -35.43 12.77
C VAL E 93 1.56 -34.44 12.41
N ILE E 94 1.69 -34.11 11.11
CA ILE E 94 2.67 -33.13 10.64
C ILE E 94 1.95 -31.99 9.92
N TYR E 95 2.15 -30.76 10.44
CA TYR E 95 1.59 -29.54 9.89
C TYR E 95 2.69 -28.71 9.23
N ASN E 96 2.56 -28.46 7.93
CA ASN E 96 3.47 -27.64 7.16
C ASN E 96 2.68 -26.49 6.56
N ALA E 97 3.26 -25.29 6.58
CA ALA E 97 2.65 -24.07 6.04
C ALA E 97 3.68 -23.08 5.58
N ARG E 98 3.39 -22.41 4.45
CA ARG E 98 4.24 -21.35 3.91
C ARG E 98 3.75 -20.03 4.53
N PHE E 99 4.69 -19.19 4.96
CA PHE E 99 4.35 -17.90 5.56
C PHE E 99 5.21 -16.75 5.04
N LEU E 100 4.68 -15.54 5.17
CA LEU E 100 5.31 -14.26 4.91
C LEU E 100 4.77 -13.30 5.95
N GLY E 101 5.65 -12.76 6.77
CA GLY E 101 5.23 -11.83 7.82
C GLY E 101 6.23 -10.75 8.09
N SER E 102 5.74 -9.67 8.71
CA SER E 102 6.55 -8.54 9.12
C SER E 102 6.85 -8.79 10.60
N PHE E 103 8.11 -8.96 10.95
CA PHE E 103 8.52 -9.26 12.32
C PHE E 103 9.23 -8.08 12.93
N SER E 104 8.89 -7.77 14.19
CA SER E 104 9.52 -6.70 14.94
C SER E 104 10.55 -7.27 15.89
N ASN E 105 11.54 -6.43 16.24
CA ASN E 105 12.64 -6.71 17.16
C ASN E 105 13.40 -5.41 17.43
N ASP E 106 14.23 -5.39 18.50
CA ASP E 106 15.02 -4.22 18.86
C ASP E 106 16.13 -4.05 17.85
N MET E 107 16.10 -2.94 17.14
CA MET E 107 17.09 -2.67 16.11
C MET E 107 17.77 -1.33 16.34
N ASP E 108 19.08 -1.39 16.62
CA ASP E 108 19.93 -0.24 16.87
C ASP E 108 20.76 0.07 15.61
N PHE E 109 20.46 1.19 14.96
CA PHE E 109 21.11 1.61 13.72
C PHE E 109 22.12 2.77 13.93
N ARG E 110 22.55 3.03 15.19
CA ARG E 110 23.47 4.11 15.51
C ARG E 110 24.86 3.98 14.85
N LEU E 111 25.27 2.75 14.48
CA LEU E 111 26.55 2.48 13.84
C LEU E 111 26.46 2.38 12.32
N PHE E 112 25.26 2.66 11.75
CA PHE E 112 25.00 2.63 10.31
C PHE E 112 26.07 3.42 9.55
N PRO E 113 26.60 2.92 8.40
CA PRO E 113 26.26 1.67 7.68
C PRO E 113 26.97 0.41 8.17
N PHE E 114 27.67 0.49 9.30
CA PHE E 114 28.46 -0.62 9.87
C PHE E 114 27.73 -1.35 11.02
N ASP E 115 26.38 -1.29 11.01
CA ASP E 115 25.53 -1.91 12.03
C ASP E 115 25.28 -3.41 11.82
N ARG E 116 25.21 -4.14 12.96
CA ARG E 116 24.94 -5.58 13.04
C ARG E 116 23.54 -5.76 13.61
N GLN E 117 22.77 -6.73 13.06
CA GLN E 117 21.41 -7.00 13.50
C GLN E 117 21.19 -8.46 13.82
N GLN E 118 20.24 -8.71 14.74
CA GLN E 118 19.83 -10.05 15.10
C GLN E 118 18.35 -10.15 14.72
N PHE E 119 18.03 -10.94 13.69
CA PHE E 119 16.66 -11.11 13.20
C PHE E 119 16.07 -12.30 13.92
N VAL E 120 15.05 -12.04 14.75
CA VAL E 120 14.46 -13.10 15.56
C VAL E 120 13.02 -13.49 15.14
N LEU E 121 12.67 -14.74 15.41
CA LEU E 121 11.34 -15.30 15.25
C LEU E 121 10.99 -15.94 16.58
N GLU E 122 9.82 -15.58 17.12
CA GLU E 122 9.36 -16.12 18.39
C GLU E 122 8.04 -16.83 18.17
N LEU E 123 8.00 -18.12 18.49
CA LEU E 123 6.82 -18.94 18.31
C LEU E 123 6.33 -19.45 19.65
N GLU E 124 5.00 -19.40 19.84
CA GLU E 124 4.37 -19.82 21.08
C GLU E 124 2.93 -20.27 20.82
N PRO E 125 2.45 -21.35 21.48
CA PRO E 125 1.03 -21.74 21.30
C PRO E 125 0.15 -20.61 21.82
N PHE E 126 -0.89 -20.27 21.04
CA PHE E 126 -1.81 -19.19 21.37
C PHE E 126 -2.67 -19.44 22.62
N SER E 127 -3.10 -20.69 22.86
CA SER E 127 -4.00 -21.01 23.95
C SER E 127 -3.55 -22.10 24.93
N TYR E 128 -2.66 -22.99 24.49
CA TYR E 128 -2.23 -24.11 25.32
C TYR E 128 -0.94 -23.87 26.10
N ASN E 129 -1.04 -23.96 27.44
CA ASN E 129 0.09 -23.81 28.36
C ASN E 129 1.02 -25.03 28.25
N ASN E 130 2.22 -24.99 28.88
CA ASN E 130 3.18 -26.09 28.79
C ASN E 130 2.79 -27.36 29.57
N GLN E 131 1.60 -27.38 30.20
CA GLN E 131 1.07 -28.56 30.89
C GLN E 131 0.23 -29.32 29.88
N GLN E 132 -0.11 -28.65 28.77
CA GLN E 132 -0.94 -29.17 27.68
C GLN E 132 -0.13 -29.34 26.39
N LEU E 133 0.76 -28.37 26.08
CA LEU E 133 1.57 -28.36 24.86
C LEU E 133 2.93 -27.73 25.14
N ARG E 134 3.99 -28.50 24.92
CA ARG E 134 5.37 -28.04 25.07
C ARG E 134 6.20 -28.33 23.83
N PHE E 135 7.15 -27.43 23.51
CA PHE E 135 8.01 -27.62 22.35
C PHE E 135 9.20 -28.50 22.74
N SER E 136 9.30 -29.68 22.11
CA SER E 136 10.36 -30.65 22.42
C SER E 136 11.70 -30.29 21.81
N ASP E 137 11.69 -29.70 20.60
CA ASP E 137 12.88 -29.28 19.84
C ASP E 137 12.56 -28.32 18.70
N ILE E 138 13.61 -27.61 18.23
CA ILE E 138 13.57 -26.67 17.13
C ILE E 138 14.78 -26.86 16.21
N GLN E 139 14.52 -26.96 14.90
CA GLN E 139 15.51 -27.10 13.85
C GLN E 139 15.33 -25.93 12.89
N VAL E 140 16.43 -25.26 12.51
CA VAL E 140 16.38 -24.10 11.60
C VAL E 140 17.23 -24.33 10.36
N TYR E 141 16.60 -24.14 9.21
CA TYR E 141 17.24 -24.28 7.91
C TYR E 141 17.18 -22.92 7.26
N THR E 142 18.33 -22.41 6.83
CA THR E 142 18.42 -21.10 6.20
C THR E 142 18.88 -21.23 4.75
N GLU E 143 18.76 -20.13 3.98
CA GLU E 143 19.14 -20.06 2.57
C GLU E 143 20.63 -20.32 2.32
N ASN E 144 20.94 -21.01 1.21
CA ASN E 144 22.29 -21.32 0.71
C ASN E 144 22.65 -20.17 -0.22
N ILE E 145 23.59 -19.31 0.21
CA ILE E 145 24.00 -18.13 -0.55
C ILE E 145 25.24 -18.41 -1.40
N ASP E 146 25.18 -17.95 -2.66
CA ASP E 146 26.28 -18.09 -3.61
C ASP E 146 27.22 -16.90 -3.42
N ASN E 147 26.68 -15.68 -3.65
CA ASN E 147 27.43 -14.43 -3.54
C ASN E 147 26.64 -13.37 -2.77
N GLU E 148 27.21 -12.93 -1.65
CA GLU E 148 26.64 -11.92 -0.75
C GLU E 148 26.90 -10.47 -1.21
N GLU E 149 27.80 -10.29 -2.22
CA GLU E 149 28.15 -8.99 -2.82
C GLU E 149 26.90 -8.25 -3.30
N ILE E 150 25.98 -9.00 -3.96
CA ILE E 150 24.72 -8.50 -4.53
C ILE E 150 23.61 -8.36 -3.45
N ASP E 151 23.88 -8.79 -2.20
CA ASP E 151 22.94 -8.73 -1.07
C ASP E 151 23.17 -7.57 -0.12
N GLU E 152 22.06 -7.02 0.42
CA GLU E 152 22.04 -5.91 1.37
C GLU E 152 22.58 -6.31 2.74
N TRP E 153 22.25 -7.54 3.18
CA TRP E 153 22.67 -8.07 4.47
C TRP E 153 23.60 -9.27 4.30
N TRP E 154 24.55 -9.41 5.22
CA TRP E 154 25.52 -10.51 5.22
C TRP E 154 25.36 -11.35 6.48
N ILE E 155 24.75 -12.54 6.33
CA ILE E 155 24.47 -13.49 7.40
C ILE E 155 25.78 -14.02 7.99
N ARG E 156 25.93 -13.89 9.32
CA ARG E 156 27.12 -14.32 10.05
C ARG E 156 26.80 -15.40 11.07
N GLY E 157 27.33 -16.59 10.79
CA GLY E 157 27.18 -17.78 11.63
C GLY E 157 25.90 -18.56 11.36
N LYS E 158 25.66 -19.60 12.17
CA LYS E 158 24.48 -20.43 12.07
C LYS E 158 23.34 -19.79 12.85
N ALA E 159 22.11 -20.30 12.65
CA ALA E 159 20.94 -19.83 13.36
C ALA E 159 21.01 -20.27 14.81
N SER E 160 20.73 -19.35 15.73
CA SER E 160 20.73 -19.62 17.16
C SER E 160 19.28 -19.92 17.57
N THR E 161 19.06 -20.96 18.38
CA THR E 161 17.72 -21.33 18.83
C THR E 161 17.62 -21.44 20.34
N HIS E 162 16.40 -21.29 20.87
CA HIS E 162 16.12 -21.42 22.29
C HIS E 162 14.72 -21.97 22.50
N ILE E 163 14.51 -22.67 23.63
CA ILE E 163 13.22 -23.16 24.10
C ILE E 163 13.15 -22.75 25.55
N SER E 164 12.27 -21.80 25.84
CA SER E 164 12.05 -21.24 27.16
C SER E 164 10.59 -21.41 27.58
N ASP E 165 10.26 -20.94 28.80
CA ASP E 165 8.91 -20.93 29.36
C ASP E 165 8.58 -19.51 29.77
N ILE E 166 7.42 -19.03 29.33
CA ILE E 166 6.95 -17.66 29.60
C ILE E 166 5.86 -17.70 30.67
N ARG E 167 6.17 -17.17 31.87
CA ARG E 167 5.20 -17.14 32.96
C ARG E 167 4.47 -15.81 32.93
N TYR E 168 3.13 -15.86 32.81
CA TYR E 168 2.27 -14.67 32.72
C TYR E 168 1.55 -14.39 34.03
N ASP E 169 1.82 -13.21 34.62
CA ASP E 169 1.27 -12.73 35.88
C ASP E 169 -0.23 -12.50 35.85
N HIS E 170 -0.81 -12.18 34.67
CA HIS E 170 -2.26 -11.97 34.53
C HIS E 170 -3.01 -13.31 34.62
N LEU E 171 -2.30 -14.44 34.43
CA LEU E 171 -2.84 -15.79 34.46
C LEU E 171 -2.65 -16.56 35.78
N SER E 172 -1.94 -15.97 36.78
CA SER E 172 -1.70 -16.57 38.11
C SER E 172 -3.03 -16.71 38.87
N SER E 173 -3.89 -15.68 38.75
CA SER E 173 -5.21 -15.59 39.37
C SER E 173 -6.21 -16.54 38.70
N VAL E 174 -5.97 -16.89 37.42
CA VAL E 174 -6.85 -17.75 36.63
C VAL E 174 -6.81 -19.24 37.10
N GLN E 175 -5.60 -19.88 37.20
CA GLN E 175 -5.47 -21.30 37.63
C GLN E 175 -4.03 -21.66 38.16
N PRO E 176 -3.88 -22.55 39.19
CA PRO E 176 -2.51 -22.86 39.70
C PRO E 176 -1.64 -23.70 38.76
N ASN E 177 -0.42 -23.18 38.47
CA ASN E 177 0.64 -23.76 37.61
C ASN E 177 0.18 -23.95 36.15
N GLN E 178 -0.81 -23.14 35.72
CA GLN E 178 -1.37 -23.14 34.37
C GLN E 178 -1.07 -21.80 33.67
N ASN E 179 -0.10 -21.03 34.20
CA ASN E 179 0.25 -19.71 33.68
C ASN E 179 1.61 -19.66 32.96
N GLU E 180 2.13 -20.82 32.48
CA GLU E 180 3.41 -20.87 31.79
C GLU E 180 3.22 -21.38 30.36
N PHE E 181 3.91 -20.75 29.40
CA PHE E 181 3.80 -21.12 27.97
C PHE E 181 5.15 -21.46 27.36
N SER E 182 5.17 -22.50 26.52
CA SER E 182 6.38 -22.95 25.83
C SER E 182 6.74 -21.98 24.69
N ARG E 183 8.00 -21.52 24.60
CA ARG E 183 8.38 -20.60 23.52
C ARG E 183 9.68 -20.96 22.80
N ILE E 184 9.59 -21.02 21.46
CA ILE E 184 10.71 -21.21 20.56
C ILE E 184 11.18 -19.82 20.13
N THR E 185 12.50 -19.61 20.18
CA THR E 185 13.16 -18.38 19.74
C THR E 185 14.18 -18.79 18.69
N VAL E 186 14.21 -18.08 17.55
CA VAL E 186 15.12 -18.34 16.43
C VAL E 186 15.81 -17.02 16.12
N ARG E 187 17.15 -17.03 16.00
CA ARG E 187 17.92 -15.81 15.75
C ARG E 187 18.90 -15.95 14.60
N ILE E 188 18.89 -14.96 13.69
CA ILE E 188 19.77 -14.88 12.53
C ILE E 188 20.61 -13.61 12.69
N ASP E 189 21.93 -13.76 12.80
CA ASP E 189 22.84 -12.63 12.93
C ASP E 189 23.33 -12.17 11.56
N ALA E 190 23.29 -10.85 11.31
CA ALA E 190 23.70 -10.29 10.03
C ALA E 190 24.41 -8.94 10.17
N VAL E 191 25.31 -8.63 9.23
CA VAL E 191 26.10 -7.39 9.15
C VAL E 191 25.66 -6.68 7.86
N ARG E 192 25.47 -5.36 7.90
CA ARG E 192 25.08 -4.62 6.70
C ARG E 192 26.23 -4.53 5.70
N ASN E 193 25.89 -4.54 4.40
CA ASN E 193 26.82 -4.38 3.29
C ASN E 193 27.06 -2.85 3.18
N PRO E 194 28.26 -2.35 3.59
CA PRO E 194 28.47 -0.90 3.58
C PRO E 194 29.08 -0.33 2.29
N SER E 195 29.24 -1.16 1.24
CA SER E 195 29.84 -0.78 -0.05
C SER E 195 29.25 0.48 -0.67
N TYR E 196 27.92 0.60 -0.77
CA TYR E 196 27.29 1.78 -1.35
C TYR E 196 27.57 3.05 -0.56
N TYR E 197 27.53 2.97 0.76
CA TYR E 197 27.75 4.13 1.65
C TYR E 197 29.20 4.54 1.80
N LEU E 198 30.14 3.60 1.59
CA LEU E 198 31.58 3.87 1.66
C LEU E 198 32.01 4.73 0.47
N TRP E 199 31.70 4.26 -0.75
CA TRP E 199 32.06 4.89 -2.01
C TRP E 199 31.20 6.10 -2.39
N SER E 200 29.92 6.13 -2.00
CA SER E 200 29.02 7.22 -2.36
C SER E 200 28.76 8.27 -1.27
N PHE E 201 29.12 7.98 0.01
CA PHE E 201 28.89 8.97 1.08
C PHE E 201 30.14 9.36 1.85
N ILE E 202 30.86 8.40 2.45
CA ILE E 202 32.05 8.66 3.27
C ILE E 202 33.20 9.20 2.41
N LEU E 203 33.50 8.57 1.26
CA LEU E 203 34.56 9.00 0.34
C LEU E 203 34.30 10.42 -0.24
N PRO E 204 33.14 10.75 -0.89
CA PRO E 204 32.96 12.11 -1.42
C PRO E 204 32.95 13.20 -0.34
N LEU E 205 32.37 12.89 0.85
CA LEU E 205 32.32 13.80 2.00
C LEU E 205 33.72 14.08 2.52
N GLY E 206 34.58 13.06 2.47
CA GLY E 206 35.99 13.16 2.85
C GLY E 206 36.76 14.09 1.94
N LEU E 207 36.53 13.97 0.61
CA LEU E 207 37.12 14.81 -0.44
C LEU E 207 36.66 16.27 -0.32
N ILE E 208 35.45 16.50 0.23
CA ILE E 208 34.89 17.84 0.46
C ILE E 208 35.51 18.45 1.72
N ILE E 209 35.53 17.69 2.85
CA ILE E 209 36.12 18.13 4.13
C ILE E 209 37.65 18.38 3.94
N ALA E 210 38.30 17.60 3.06
CA ALA E 210 39.72 17.78 2.71
C ALA E 210 39.91 19.06 1.91
N ALA E 211 39.03 19.32 0.91
CA ALA E 211 39.05 20.51 0.06
C ALA E 211 38.60 21.78 0.80
N SER E 212 37.91 21.63 1.95
CA SER E 212 37.43 22.76 2.77
C SER E 212 38.59 23.55 3.40
N TRP E 213 39.70 22.87 3.72
CA TRP E 213 40.89 23.50 4.33
C TRP E 213 41.79 24.21 3.30
N SER E 214 41.57 23.94 2.00
CA SER E 214 42.34 24.55 0.89
C SER E 214 42.05 26.04 0.68
N VAL E 215 41.05 26.61 1.38
CA VAL E 215 40.67 28.03 1.29
C VAL E 215 41.76 28.94 1.87
N PHE E 216 42.52 28.45 2.88
CA PHE E 216 43.61 29.16 3.56
C PHE E 216 44.77 29.50 2.62
N TRP E 217 44.81 28.86 1.44
CA TRP E 217 45.81 29.08 0.39
C TRP E 217 45.45 30.24 -0.54
N LEU E 218 44.25 30.85 -0.36
CA LEU E 218 43.81 32.01 -1.14
C LEU E 218 44.50 33.27 -0.61
N GLU E 219 44.85 34.18 -1.52
CA GLU E 219 45.63 35.38 -1.25
C GLU E 219 45.00 36.38 -0.28
N SER E 220 43.77 36.82 -0.54
CA SER E 220 43.10 37.83 0.26
C SER E 220 41.99 37.28 1.13
N PHE E 221 41.53 38.12 2.07
CA PHE E 221 40.45 37.88 3.01
C PHE E 221 39.10 37.78 2.27
N SER E 222 38.86 38.65 1.26
CA SER E 222 37.62 38.66 0.45
C SER E 222 37.42 37.35 -0.30
N GLU E 223 38.52 36.73 -0.76
CA GLU E 223 38.53 35.46 -1.49
C GLU E 223 38.28 34.28 -0.54
N ARG E 224 38.99 34.24 0.61
CA ARG E 224 38.91 33.20 1.64
C ARG E 224 37.51 33.04 2.25
N LEU E 225 36.82 34.16 2.50
CA LEU E 225 35.48 34.17 3.11
C LEU E 225 34.41 33.73 2.16
N GLN E 226 34.35 34.35 0.96
CA GLN E 226 33.36 34.05 -0.08
C GLN E 226 33.41 32.58 -0.53
N THR E 227 34.59 31.95 -0.42
CA THR E 227 34.78 30.53 -0.77
C THR E 227 34.34 29.63 0.40
N SER E 228 34.47 30.10 1.65
CA SER E 228 34.06 29.37 2.85
C SER E 228 32.52 29.25 2.92
N PHE E 229 31.80 30.27 2.42
CA PHE E 229 30.33 30.28 2.35
C PHE E 229 29.84 29.33 1.25
N THR E 230 30.66 29.17 0.19
CA THR E 230 30.40 28.29 -0.96
C THR E 230 30.51 26.83 -0.48
N CYS E 231 31.53 26.53 0.35
CA CYS E 231 31.77 25.21 0.96
C CYS E 231 30.66 24.87 1.95
N MET E 232 30.15 25.90 2.68
CA MET E 232 29.05 25.83 3.65
C MET E 232 27.80 25.38 2.90
N LEU E 233 27.52 26.00 1.73
CA LEU E 233 26.40 25.70 0.83
C LEU E 233 26.53 24.27 0.29
N THR E 234 27.77 23.81 0.04
CA THR E 234 28.08 22.46 -0.45
C THR E 234 27.78 21.41 0.60
N VAL E 235 28.14 21.69 1.89
CA VAL E 235 27.89 20.78 3.01
C VAL E 235 26.36 20.66 3.26
N VAL E 236 25.61 21.77 3.07
CA VAL E 236 24.14 21.81 3.19
C VAL E 236 23.54 21.00 2.02
N ALA E 237 24.08 21.18 0.79
CA ALA E 237 23.65 20.47 -0.42
C ALA E 237 23.94 18.97 -0.29
N TYR E 238 25.06 18.62 0.40
CA TYR E 238 25.44 17.24 0.65
C TYR E 238 24.56 16.66 1.73
N ALA E 239 24.20 17.47 2.76
CA ALA E 239 23.31 17.07 3.86
C ALA E 239 21.92 16.77 3.32
N PHE E 240 21.47 17.55 2.31
CA PHE E 240 20.18 17.37 1.64
C PHE E 240 20.21 16.13 0.73
N TYR E 241 21.40 15.83 0.16
CA TYR E 241 21.62 14.66 -0.68
C TYR E 241 21.54 13.38 0.14
N THR E 242 22.23 13.35 1.30
CA THR E 242 22.26 12.20 2.22
C THR E 242 20.87 11.91 2.78
N SER E 243 20.15 12.96 3.23
CA SER E 243 18.80 12.88 3.81
C SER E 243 17.78 12.20 2.90
N ASN E 244 17.85 12.51 1.59
CA ASN E 244 16.97 11.96 0.56
C ASN E 244 17.19 10.45 0.31
N ILE E 245 18.36 9.90 0.75
CA ILE E 245 18.73 8.50 0.59
C ILE E 245 18.69 7.72 1.91
N LEU E 246 19.41 8.21 2.95
CA LEU E 246 19.53 7.59 4.28
C LEU E 246 18.19 7.24 4.93
N PRO E 247 18.13 6.12 5.69
CA PRO E 247 16.86 5.72 6.32
C PRO E 247 16.42 6.66 7.44
N ARG E 248 15.08 6.76 7.65
CA ARG E 248 14.49 7.59 8.70
C ARG E 248 14.77 7.00 10.07
N LEU E 249 15.44 7.80 10.94
CA LEU E 249 15.82 7.39 12.28
C LEU E 249 15.62 8.49 13.34
N PRO E 250 15.36 8.12 14.61
CA PRO E 250 15.17 9.15 15.65
C PRO E 250 16.48 9.62 16.29
N TYR E 251 17.64 9.14 15.77
CA TYR E 251 18.99 9.46 16.25
C TYR E 251 19.95 9.72 15.07
N THR E 252 21.25 9.99 15.39
CA THR E 252 22.29 10.25 14.38
C THR E 252 23.19 9.04 14.14
N THR E 253 23.53 8.80 12.87
CA THR E 253 24.40 7.72 12.41
C THR E 253 25.83 8.25 12.25
N VAL E 254 26.77 7.37 11.84
CA VAL E 254 28.18 7.68 11.57
C VAL E 254 28.24 8.77 10.47
N ILE E 255 27.39 8.61 9.43
CA ILE E 255 27.27 9.55 8.30
C ILE E 255 26.76 10.91 8.79
N ASP E 256 25.75 10.92 9.68
CA ASP E 256 25.17 12.15 10.25
C ASP E 256 26.21 12.93 11.05
N GLN E 257 27.05 12.21 11.84
CA GLN E 257 28.13 12.78 12.65
C GLN E 257 29.21 13.40 11.76
N MET E 258 29.47 12.80 10.57
CA MET E 258 30.43 13.27 9.58
C MET E 258 29.99 14.60 8.95
N ILE E 259 28.65 14.78 8.76
CA ILE E 259 28.05 15.99 8.21
C ILE E 259 28.19 17.12 9.23
N ILE E 260 27.94 16.82 10.52
CA ILE E 260 28.08 17.76 11.65
C ILE E 260 29.55 18.17 11.76
N ALA E 261 30.49 17.20 11.52
CA ALA E 261 31.93 17.43 11.50
C ALA E 261 32.30 18.37 10.35
N GLY E 262 31.60 18.21 9.22
CA GLY E 262 31.75 19.05 8.02
C GLY E 262 31.31 20.48 8.27
N TYR E 263 30.23 20.65 9.07
CA TYR E 263 29.70 21.96 9.46
C TYR E 263 30.66 22.61 10.46
N GLY E 264 31.18 21.79 11.38
CA GLY E 264 32.12 22.20 12.42
C GLY E 264 33.44 22.67 11.85
N SER E 265 33.98 21.92 10.86
CA SER E 265 35.24 22.21 10.15
C SER E 265 35.17 23.56 9.44
N ILE E 266 34.03 23.87 8.79
CA ILE E 266 33.81 25.13 8.08
C ILE E 266 33.68 26.27 9.08
N PHE E 267 32.87 26.08 10.14
CA PHE E 267 32.68 27.08 11.20
C PHE E 267 34.00 27.37 11.92
N ALA E 268 34.87 26.34 12.08
CA ALA E 268 36.19 26.48 12.69
C ALA E 268 37.11 27.27 11.76
N ALA E 269 37.10 26.92 10.44
CA ALA E 269 37.88 27.60 9.39
C ALA E 269 37.48 29.06 9.25
N ILE E 270 36.16 29.37 9.40
CA ILE E 270 35.61 30.73 9.34
C ILE E 270 36.13 31.54 10.54
N LEU E 271 36.15 30.94 11.75
CA LEU E 271 36.64 31.59 12.97
C LEU E 271 38.16 31.86 12.87
N LEU E 272 38.90 30.99 12.15
CA LEU E 272 40.34 31.12 11.94
C LEU E 272 40.65 32.26 10.99
N ILE E 273 39.83 32.42 9.92
CA ILE E 273 39.97 33.46 8.91
C ILE E 273 39.75 34.85 9.54
N ILE E 274 38.69 34.99 10.38
CA ILE E 274 38.35 36.23 11.10
C ILE E 274 39.48 36.59 12.10
N PHE E 275 40.09 35.56 12.74
CA PHE E 275 41.17 35.74 13.70
C PHE E 275 42.54 36.09 13.05
N ALA E 276 42.51 36.63 11.82
CA ALA E 276 43.70 37.04 11.09
C ALA E 276 43.56 38.48 10.55
N HIS E 277 42.37 38.84 10.04
CA HIS E 277 42.05 40.14 9.47
C HIS E 277 41.90 41.24 10.55
N HIS E 278 40.77 41.25 11.29
CA HIS E 278 40.52 42.24 12.35
C HIS E 278 41.09 41.78 13.70
N GLN F 1 38.45 -15.94 -10.31
CA GLN F 1 39.79 -16.51 -10.52
C GLN F 1 40.02 -17.81 -9.72
N VAL F 2 39.20 -18.84 -10.02
CA VAL F 2 39.30 -20.15 -9.41
C VAL F 2 39.72 -21.24 -10.42
N GLN F 3 40.21 -22.36 -9.88
CA GLN F 3 40.64 -23.55 -10.61
C GLN F 3 39.85 -24.74 -10.08
N LEU F 4 39.20 -25.49 -10.98
CA LEU F 4 38.41 -26.66 -10.60
C LEU F 4 39.03 -27.96 -11.12
N GLN F 5 39.07 -29.00 -10.27
CA GLN F 5 39.69 -30.28 -10.62
C GLN F 5 38.86 -31.52 -10.24
N GLU F 6 38.33 -32.22 -11.27
CA GLU F 6 37.55 -33.45 -11.12
C GLU F 6 38.45 -34.67 -11.07
N SER F 7 37.97 -35.71 -10.39
CA SER F 7 38.60 -37.03 -10.23
C SER F 7 37.53 -38.04 -9.79
N GLY F 8 37.88 -39.33 -9.81
CA GLY F 8 36.97 -40.39 -9.39
C GLY F 8 36.29 -41.14 -10.52
N GLY F 9 36.47 -40.66 -11.74
CA GLY F 9 35.89 -41.29 -12.94
C GLY F 9 36.58 -42.57 -13.34
N GLY F 10 35.99 -43.26 -14.31
CA GLY F 10 36.56 -44.49 -14.81
C GLY F 10 35.57 -45.46 -15.42
N LEU F 11 36.07 -46.68 -15.66
CA LEU F 11 35.32 -47.78 -16.26
C LEU F 11 34.65 -48.61 -15.19
N VAL F 12 33.34 -48.77 -15.34
CA VAL F 12 32.50 -49.49 -14.41
C VAL F 12 31.48 -50.33 -15.18
N GLN F 13 31.03 -51.44 -14.59
CA GLN F 13 30.02 -52.29 -15.20
C GLN F 13 28.64 -51.73 -14.86
N ALA F 14 27.63 -52.00 -15.71
CA ALA F 14 26.25 -51.54 -15.48
C ALA F 14 25.74 -52.10 -14.16
N GLY F 15 25.25 -51.20 -13.32
CA GLY F 15 24.77 -51.52 -11.97
C GLY F 15 25.77 -51.07 -10.93
N GLY F 16 26.98 -50.78 -11.40
CA GLY F 16 28.11 -50.34 -10.59
C GLY F 16 28.00 -48.93 -10.03
N SER F 17 29.02 -48.56 -9.24
CA SER F 17 29.11 -47.27 -8.57
C SER F 17 30.45 -46.58 -8.79
N LEU F 18 30.43 -45.24 -8.64
CA LEU F 18 31.59 -44.37 -8.73
C LEU F 18 31.37 -43.20 -7.79
N ARG F 19 32.45 -42.58 -7.32
CA ARG F 19 32.35 -41.42 -6.46
C ARG F 19 33.26 -40.36 -7.03
N LEU F 20 32.65 -39.37 -7.70
CA LEU F 20 33.38 -38.28 -8.29
C LEU F 20 33.71 -37.25 -7.24
N SER F 21 34.85 -36.57 -7.41
CA SER F 21 35.31 -35.55 -6.48
C SER F 21 35.74 -34.32 -7.25
N CYS F 22 35.42 -33.14 -6.72
CA CYS F 22 35.81 -31.88 -7.32
C CYS F 22 36.51 -31.02 -6.29
N ALA F 23 37.74 -30.62 -6.60
CA ALA F 23 38.54 -29.78 -5.72
C ALA F 23 38.58 -28.36 -6.25
N ALA F 24 38.17 -27.39 -5.41
CA ALA F 24 38.15 -25.97 -5.76
C ALA F 24 39.31 -25.26 -5.07
N SER F 25 40.01 -24.40 -5.83
CA SER F 25 41.16 -23.63 -5.33
C SER F 25 41.20 -22.23 -5.94
N GLY F 26 41.15 -21.23 -5.07
CA GLY F 26 41.17 -19.83 -5.47
C GLY F 26 40.18 -18.95 -4.72
N ARG F 27 39.71 -17.89 -5.41
CA ARG F 27 38.75 -16.89 -4.90
C ARG F 27 37.32 -17.46 -4.82
N ILE F 28 37.18 -18.58 -4.07
CA ILE F 28 35.91 -19.29 -3.84
C ILE F 28 35.50 -19.13 -2.38
N PHE F 29 34.29 -18.59 -2.18
CA PHE F 29 33.68 -18.31 -0.88
C PHE F 29 32.97 -19.54 -0.31
N SER F 30 32.17 -20.22 -1.15
CA SER F 30 31.38 -21.39 -0.78
C SER F 30 31.33 -22.43 -1.89
N THR F 31 31.11 -23.70 -1.50
CA THR F 31 30.99 -24.85 -2.40
C THR F 31 29.57 -24.94 -3.00
N ASN F 32 28.63 -24.09 -2.52
CA ASN F 32 27.24 -24.02 -2.96
C ASN F 32 27.14 -23.62 -4.44
N VAL F 33 28.10 -22.80 -4.87
CA VAL F 33 28.31 -22.25 -6.21
C VAL F 33 28.66 -23.36 -7.23
N MET F 34 29.26 -24.47 -6.74
CA MET F 34 29.68 -25.62 -7.55
C MET F 34 28.54 -26.56 -7.99
N GLY F 35 28.59 -26.98 -9.24
CA GLY F 35 27.60 -27.88 -9.85
C GLY F 35 28.20 -28.86 -10.84
N TRP F 36 27.67 -30.10 -10.84
CA TRP F 36 28.07 -31.18 -11.73
C TRP F 36 27.26 -31.18 -13.01
N PHE F 37 27.95 -31.38 -14.13
CA PHE F 37 27.42 -31.43 -15.49
C PHE F 37 28.05 -32.61 -16.22
N ARG F 38 27.45 -33.04 -17.34
CA ARG F 38 27.99 -34.15 -18.13
C ARG F 38 27.86 -33.89 -19.63
N GLN F 39 28.80 -34.44 -20.42
CA GLN F 39 28.79 -34.25 -21.86
C GLN F 39 29.23 -35.52 -22.59
N ALA F 40 28.29 -36.21 -23.23
CA ALA F 40 28.53 -37.42 -24.02
C ALA F 40 28.98 -37.01 -25.44
N PRO F 41 29.84 -37.82 -26.14
CA PRO F 41 30.26 -37.44 -27.51
C PRO F 41 29.10 -37.07 -28.44
N GLY F 42 29.23 -35.91 -29.11
CA GLY F 42 28.24 -35.37 -30.04
C GLY F 42 26.91 -35.01 -29.42
N LYS F 43 26.93 -34.67 -28.12
CA LYS F 43 25.76 -34.27 -27.34
C LYS F 43 26.11 -33.04 -26.52
N GLU F 44 25.11 -32.21 -26.20
CA GLU F 44 25.27 -30.97 -25.43
C GLU F 44 25.60 -31.24 -23.97
N ARG F 45 26.24 -30.25 -23.31
CA ARG F 45 26.58 -30.32 -21.89
C ARG F 45 25.29 -30.16 -21.10
N GLU F 46 24.89 -31.23 -20.38
CA GLU F 46 23.67 -31.22 -19.58
C GLU F 46 23.94 -31.20 -18.09
N PHE F 47 23.02 -30.57 -17.33
CA PHE F 47 23.06 -30.44 -15.87
C PHE F 47 22.87 -31.80 -15.21
N VAL F 48 23.63 -32.07 -14.13
CA VAL F 48 23.54 -33.32 -13.37
C VAL F 48 23.03 -33.05 -11.95
N ALA F 49 23.77 -32.22 -11.16
CA ALA F 49 23.43 -31.90 -9.76
C ALA F 49 24.08 -30.64 -9.24
N THR F 50 23.39 -29.95 -8.31
CA THR F 50 23.83 -28.76 -7.58
C THR F 50 23.01 -28.53 -6.31
N VAL F 51 23.48 -27.66 -5.40
CA VAL F 51 22.78 -27.33 -4.17
C VAL F 51 21.49 -26.54 -4.46
N GLY F 52 20.45 -26.85 -3.69
CA GLY F 52 19.18 -26.15 -3.77
C GLY F 52 19.29 -24.85 -2.99
N ARG F 53 18.34 -23.94 -3.18
CA ARG F 53 18.31 -22.64 -2.52
C ARG F 53 18.12 -22.74 -1.00
N ILE F 54 17.15 -23.54 -0.54
CA ILE F 54 16.89 -23.70 0.89
C ILE F 54 17.71 -24.86 1.50
N GLY F 55 18.13 -24.68 2.74
CA GLY F 55 18.92 -25.65 3.51
C GLY F 55 18.32 -27.03 3.51
N GLY F 56 19.16 -28.03 3.23
CA GLY F 56 18.76 -29.43 3.15
C GLY F 56 18.33 -29.86 1.76
N SER F 57 18.19 -28.91 0.81
CA SER F 57 17.76 -29.27 -0.55
C SER F 57 18.89 -29.33 -1.57
N THR F 58 18.76 -30.26 -2.53
CA THR F 58 19.69 -30.49 -3.63
C THR F 58 18.88 -30.69 -4.91
N VAL F 59 19.30 -30.01 -5.99
CA VAL F 59 18.67 -30.04 -7.31
C VAL F 59 19.34 -31.12 -8.14
N TYR F 60 18.54 -32.05 -8.68
CA TYR F 60 19.02 -33.14 -9.54
C TYR F 60 18.26 -33.16 -10.83
N ALA F 61 18.98 -33.47 -11.94
CA ALA F 61 18.41 -33.62 -13.27
C ALA F 61 17.41 -34.80 -13.26
N ASP F 62 16.44 -34.77 -14.17
CA ASP F 62 15.37 -35.78 -14.24
C ASP F 62 15.85 -37.23 -14.53
N PHE F 63 17.09 -37.41 -15.04
CA PHE F 63 17.65 -38.74 -15.33
C PHE F 63 18.30 -39.40 -14.10
N VAL F 64 18.67 -38.61 -13.08
CA VAL F 64 19.34 -39.05 -11.84
C VAL F 64 18.49 -40.12 -11.14
N LYS F 65 17.16 -39.88 -11.04
CA LYS F 65 16.13 -40.77 -10.48
C LYS F 65 16.58 -41.47 -9.17
N GLY F 66 17.07 -40.66 -8.24
CA GLY F 66 17.53 -41.09 -6.92
C GLY F 66 18.88 -41.78 -6.81
N ARG F 67 19.48 -42.14 -7.96
CA ARG F 67 20.75 -42.88 -8.08
C ARG F 67 22.00 -42.09 -7.67
N PHE F 68 22.04 -40.77 -7.94
CA PHE F 68 23.21 -39.95 -7.58
C PHE F 68 22.98 -39.07 -6.37
N THR F 69 24.04 -38.81 -5.58
CA THR F 69 23.95 -37.97 -4.40
C THR F 69 25.10 -36.98 -4.35
N LEU F 70 24.77 -35.69 -4.17
CA LEU F 70 25.75 -34.62 -4.05
C LEU F 70 26.03 -34.34 -2.57
N SER F 71 27.32 -34.40 -2.18
CA SER F 71 27.81 -34.15 -0.83
C SER F 71 28.84 -33.04 -0.89
N ARG F 72 29.15 -32.41 0.24
CA ARG F 72 30.16 -31.36 0.26
C ARG F 72 31.00 -31.34 1.55
N ASP F 73 32.22 -30.81 1.43
CA ASP F 73 33.19 -30.64 2.51
C ASP F 73 33.72 -29.20 2.38
N ASN F 74 32.92 -28.24 2.89
CA ASN F 74 33.20 -26.80 2.84
C ASN F 74 34.58 -26.41 3.41
N ALA F 75 35.11 -27.21 4.36
CA ALA F 75 36.44 -27.01 4.96
C ALA F 75 37.56 -27.33 3.97
N LYS F 76 37.42 -28.42 3.19
CA LYS F 76 38.40 -28.87 2.20
C LYS F 76 38.11 -28.28 0.79
N ASN F 77 36.99 -27.54 0.64
CA ASN F 77 36.50 -26.93 -0.62
C ASN F 77 36.22 -28.00 -1.67
N MET F 78 35.54 -29.07 -1.22
CA MET F 78 35.25 -30.26 -2.02
C MET F 78 33.77 -30.54 -2.17
N VAL F 79 33.38 -31.00 -3.37
CA VAL F 79 32.03 -31.49 -3.65
C VAL F 79 32.18 -32.89 -4.22
N TYR F 80 31.29 -33.80 -3.79
CA TYR F 80 31.37 -35.18 -4.25
C TYR F 80 30.08 -35.62 -4.89
N LEU F 81 30.19 -36.45 -5.93
CA LEU F 81 29.01 -37.00 -6.58
C LEU F 81 29.06 -38.51 -6.51
N GLN F 82 28.28 -39.06 -5.58
CA GLN F 82 28.17 -40.51 -5.41
C GLN F 82 27.20 -41.02 -6.46
N MET F 83 27.70 -41.79 -7.41
CA MET F 83 26.87 -42.34 -8.48
C MET F 83 26.66 -43.82 -8.29
N ASN F 84 25.41 -44.24 -8.12
CA ASN F 84 25.05 -45.64 -7.95
C ASN F 84 24.14 -46.07 -9.07
N SER F 85 23.90 -47.40 -9.20
CA SER F 85 23.04 -48.02 -10.21
C SER F 85 23.28 -47.40 -11.59
N LEU F 86 24.56 -47.32 -12.01
CA LEU F 86 24.99 -46.73 -13.28
C LEU F 86 24.51 -47.54 -14.48
N LYS F 87 23.90 -46.84 -15.46
CA LYS F 87 23.36 -47.39 -16.71
C LYS F 87 24.31 -46.93 -17.84
N PRO F 88 24.39 -47.63 -19.01
CA PRO F 88 25.30 -47.17 -20.07
C PRO F 88 25.05 -45.74 -20.56
N GLU F 89 23.79 -45.23 -20.36
CA GLU F 89 23.33 -43.88 -20.71
C GLU F 89 24.09 -42.80 -19.95
N ASP F 90 24.72 -43.18 -18.82
CA ASP F 90 25.49 -42.29 -17.95
C ASP F 90 26.92 -42.07 -18.44
N THR F 91 27.36 -42.81 -19.49
CA THR F 91 28.69 -42.69 -20.09
C THR F 91 28.83 -41.29 -20.68
N ALA F 92 29.75 -40.51 -20.10
CA ALA F 92 30.06 -39.14 -20.49
C ALA F 92 31.28 -38.65 -19.72
N VAL F 93 31.71 -37.42 -20.04
CA VAL F 93 32.78 -36.72 -19.35
C VAL F 93 32.03 -35.84 -18.35
N TYR F 94 32.27 -36.05 -17.05
CA TYR F 94 31.62 -35.29 -16.01
C TYR F 94 32.44 -34.09 -15.64
N TYR F 95 31.81 -32.93 -15.72
CA TYR F 95 32.39 -31.63 -15.44
C TYR F 95 31.86 -31.02 -14.16
N CYS F 96 32.72 -30.23 -13.53
CA CYS F 96 32.47 -29.48 -12.33
C CYS F 96 32.70 -28.02 -12.68
N GLY F 97 31.63 -27.24 -12.65
CA GLY F 97 31.62 -25.83 -12.96
C GLY F 97 31.20 -24.99 -11.77
N ALA F 98 31.49 -23.69 -11.81
CA ALA F 98 31.10 -22.79 -10.73
C ALA F 98 30.16 -21.71 -11.24
N ARG F 99 29.04 -21.50 -10.51
CA ARG F 99 27.99 -20.52 -10.81
C ARG F 99 28.57 -19.11 -10.85
N ILE F 100 28.85 -18.63 -12.07
CA ILE F 100 29.44 -17.32 -12.36
C ILE F 100 28.40 -16.19 -12.26
N GLY F 101 27.14 -16.52 -12.45
CA GLY F 101 26.09 -15.51 -12.38
C GLY F 101 24.71 -16.03 -12.73
N GLY F 102 23.92 -15.12 -13.30
CA GLY F 102 22.54 -15.39 -13.68
C GLY F 102 21.69 -15.73 -12.48
N SER F 103 20.56 -16.38 -12.74
CA SER F 103 19.67 -16.78 -11.67
C SER F 103 18.98 -18.09 -12.01
N ASP F 104 19.75 -19.02 -12.57
CA ASP F 104 19.28 -20.33 -12.96
C ASP F 104 20.44 -21.32 -12.75
N ARG F 105 20.39 -22.09 -11.64
CA ARG F 105 21.43 -23.06 -11.31
C ARG F 105 21.46 -24.26 -12.28
N LEU F 106 20.43 -24.44 -13.10
CA LEU F 106 20.32 -25.52 -14.07
C LEU F 106 20.95 -25.22 -15.44
N ALA F 107 21.15 -23.93 -15.76
CA ALA F 107 21.72 -23.50 -17.03
C ALA F 107 23.27 -23.49 -17.04
N PRO F 108 23.93 -24.24 -17.98
CA PRO F 108 25.41 -24.25 -18.00
C PRO F 108 26.06 -22.93 -18.35
N GLU F 109 25.30 -22.01 -18.99
CA GLU F 109 25.72 -20.64 -19.38
C GLU F 109 26.10 -19.85 -18.13
N ASN F 110 25.38 -20.09 -17.01
CA ASN F 110 25.58 -19.46 -15.71
C ASN F 110 26.76 -20.09 -14.95
N TYR F 111 27.59 -20.90 -15.63
CA TYR F 111 28.74 -21.58 -15.02
C TYR F 111 30.04 -21.32 -15.75
N GLY F 112 31.12 -21.26 -14.98
CA GLY F 112 32.46 -21.04 -15.49
C GLY F 112 33.50 -21.81 -14.71
N TYR F 113 34.78 -21.47 -14.94
CA TYR F 113 35.96 -22.06 -14.31
C TYR F 113 35.98 -23.59 -14.33
N TRP F 114 35.30 -24.16 -15.37
CA TRP F 114 35.15 -25.60 -15.64
C TRP F 114 36.48 -26.33 -15.52
N GLY F 115 36.40 -27.55 -15.02
CA GLY F 115 37.59 -28.40 -14.92
C GLY F 115 37.83 -29.12 -16.23
N GLN F 116 38.91 -29.92 -16.29
CA GLN F 116 39.25 -30.68 -17.49
C GLN F 116 38.25 -31.81 -17.77
N GLY F 117 37.58 -32.26 -16.72
CA GLY F 117 36.57 -33.30 -16.77
C GLY F 117 37.07 -34.65 -16.32
N THR F 118 36.13 -35.52 -15.91
CA THR F 118 36.45 -36.89 -15.49
C THR F 118 35.56 -37.83 -16.29
N GLN F 119 36.19 -38.69 -17.10
CA GLN F 119 35.49 -39.63 -17.95
C GLN F 119 34.93 -40.81 -17.18
N VAL F 120 33.62 -41.04 -17.31
CA VAL F 120 33.00 -42.21 -16.74
C VAL F 120 32.42 -43.04 -17.89
N THR F 121 32.80 -44.32 -17.93
CA THR F 121 32.39 -45.26 -18.95
C THR F 121 31.65 -46.42 -18.29
N VAL F 122 30.37 -46.60 -18.65
CA VAL F 122 29.51 -47.67 -18.12
C VAL F 122 29.32 -48.74 -19.21
N SER F 123 29.76 -49.99 -18.95
CA SER F 123 29.69 -51.10 -19.89
C SER F 123 28.46 -52.00 -19.70
N SER F 124 27.62 -52.11 -20.74
CA SER F 124 26.38 -52.89 -20.77
C SER F 124 26.56 -54.39 -20.47
N VAL G 1 8.56 1.24 -44.51
CA VAL G 1 8.20 -0.14 -44.86
C VAL G 1 7.08 -0.17 -45.94
N GLN G 2 7.11 -1.22 -46.79
CA GLN G 2 6.15 -1.44 -47.88
C GLN G 2 5.45 -2.78 -47.71
N LEU G 3 4.12 -2.81 -47.95
CA LEU G 3 3.33 -4.04 -47.85
C LEU G 3 2.73 -4.43 -49.20
N GLN G 4 2.74 -5.75 -49.53
CA GLN G 4 2.23 -6.22 -50.82
C GLN G 4 1.39 -7.49 -50.72
N GLU G 5 0.09 -7.37 -51.05
CA GLU G 5 -0.89 -8.47 -51.05
C GLU G 5 -0.94 -9.18 -52.39
N SER G 6 -1.35 -10.47 -52.35
CA SER G 6 -1.51 -11.37 -53.49
C SER G 6 -2.38 -12.56 -53.06
N GLY G 7 -2.86 -13.33 -54.03
CA GLY G 7 -3.68 -14.52 -53.74
C GLY G 7 -5.17 -14.37 -53.98
N GLY G 8 -5.62 -13.15 -54.26
CA GLY G 8 -7.02 -12.86 -54.52
C GLY G 8 -7.46 -13.32 -55.90
N GLY G 9 -8.77 -13.26 -56.14
CA GLY G 9 -9.34 -13.65 -57.43
C GLY G 9 -10.79 -14.09 -57.40
N LEU G 10 -11.24 -14.67 -58.51
CA LEU G 10 -12.61 -15.16 -58.67
C LEU G 10 -12.76 -16.58 -58.16
N VAL G 11 -13.71 -16.78 -57.24
CA VAL G 11 -14.03 -18.07 -56.63
C VAL G 11 -15.55 -18.26 -56.52
N GLN G 12 -16.00 -19.52 -56.59
CA GLN G 12 -17.42 -19.86 -56.45
C GLN G 12 -17.74 -19.96 -54.96
N ALA G 13 -19.02 -19.76 -54.58
CA ALA G 13 -19.46 -19.86 -53.19
C ALA G 13 -19.20 -21.25 -52.63
N GLY G 14 -18.57 -21.30 -51.46
CA GLY G 14 -18.16 -22.54 -50.80
C GLY G 14 -16.68 -22.82 -51.04
N GLY G 15 -16.10 -22.08 -51.96
CA GLY G 15 -14.71 -22.17 -52.40
C GLY G 15 -13.68 -21.65 -51.41
N SER G 16 -12.41 -21.73 -51.82
CA SER G 16 -11.25 -21.32 -51.03
C SER G 16 -10.26 -20.44 -51.78
N LEU G 17 -9.51 -19.62 -51.02
CA LEU G 17 -8.45 -18.73 -51.48
C LEU G 17 -7.40 -18.63 -50.38
N ARG G 18 -6.15 -18.34 -50.74
CA ARG G 18 -5.08 -18.17 -49.78
C ARG G 18 -4.37 -16.86 -50.08
N LEU G 19 -4.65 -15.85 -49.25
CA LEU G 19 -4.04 -14.54 -49.42
C LEU G 19 -2.66 -14.52 -48.81
N SER G 20 -1.75 -13.74 -49.40
CA SER G 20 -0.38 -13.61 -48.94
C SER G 20 0.04 -12.15 -48.86
N CYS G 21 0.78 -11.79 -47.80
CA CYS G 21 1.27 -10.44 -47.61
C CYS G 21 2.77 -10.45 -47.39
N ALA G 22 3.49 -9.69 -48.22
CA ALA G 22 4.95 -9.58 -48.14
C ALA G 22 5.34 -8.21 -47.62
N ALA G 23 6.22 -8.18 -46.62
CA ALA G 23 6.70 -6.91 -46.07
C ALA G 23 8.13 -6.70 -46.47
N SER G 24 8.52 -5.43 -46.68
CA SER G 24 9.88 -5.07 -47.06
C SER G 24 10.24 -3.70 -46.50
N GLY G 25 11.20 -3.70 -45.58
CA GLY G 25 11.67 -2.48 -44.92
C GLY G 25 11.85 -2.64 -43.43
N ARG G 26 11.57 -1.53 -42.68
CA ARG G 26 11.68 -1.46 -41.22
C ARG G 26 10.62 -2.32 -40.53
N ILE G 27 10.91 -3.64 -40.46
CA ILE G 27 10.01 -4.65 -39.86
C ILE G 27 10.85 -5.77 -39.23
N PHE G 28 10.65 -5.99 -37.91
CA PHE G 28 11.38 -7.00 -37.14
C PHE G 28 10.46 -8.20 -36.76
N SER G 29 9.13 -8.07 -36.99
CA SER G 29 8.17 -9.12 -36.68
C SER G 29 6.91 -9.04 -37.55
N THR G 30 6.34 -10.20 -37.88
CA THR G 30 5.13 -10.32 -38.69
C THR G 30 3.87 -10.13 -37.81
N ASN G 31 4.06 -9.96 -36.48
CA ASN G 31 3.02 -9.79 -35.46
C ASN G 31 2.21 -8.50 -35.67
N VAL G 32 2.90 -7.43 -36.05
CA VAL G 32 2.39 -6.07 -36.30
C VAL G 32 1.40 -6.06 -37.50
N MET G 33 1.47 -7.09 -38.37
CA MET G 33 0.61 -7.24 -39.56
C MET G 33 -0.82 -7.65 -39.23
N GLY G 34 -1.76 -7.12 -40.01
CA GLY G 34 -3.19 -7.40 -39.87
C GLY G 34 -3.95 -7.30 -41.18
N TRP G 35 -4.91 -8.22 -41.39
CA TRP G 35 -5.76 -8.26 -42.57
C TRP G 35 -7.06 -7.48 -42.35
N PHE G 36 -7.44 -6.71 -43.37
CA PHE G 36 -8.62 -5.86 -43.41
C PHE G 36 -9.31 -6.04 -44.76
N ARG G 37 -10.58 -5.65 -44.87
CA ARG G 37 -11.32 -5.73 -46.13
C ARG G 37 -12.19 -4.51 -46.35
N GLN G 38 -12.45 -4.18 -47.62
CA GLN G 38 -13.26 -3.02 -47.98
C GLN G 38 -14.08 -3.27 -49.24
N ALA G 39 -15.40 -3.46 -49.05
CA ALA G 39 -16.36 -3.65 -50.13
C ALA G 39 -16.75 -2.26 -50.68
N PRO G 40 -17.07 -2.10 -52.00
CA PRO G 40 -17.42 -0.77 -52.52
C PRO G 40 -18.53 -0.06 -51.73
N GLY G 41 -18.28 1.21 -51.39
CA GLY G 41 -19.20 2.05 -50.63
C GLY G 41 -19.40 1.64 -49.18
N LYS G 42 -18.46 0.85 -48.63
CA LYS G 42 -18.47 0.37 -47.25
C LYS G 42 -17.12 0.62 -46.58
N GLU G 43 -17.13 0.81 -45.25
CA GLU G 43 -15.95 1.08 -44.42
C GLU G 43 -14.94 -0.06 -44.45
N ARG G 44 -13.66 0.28 -44.19
CA ARG G 44 -12.58 -0.69 -44.11
C ARG G 44 -12.74 -1.41 -42.76
N GLU G 45 -13.09 -2.70 -42.80
CA GLU G 45 -13.31 -3.48 -41.59
C GLU G 45 -12.20 -4.49 -41.33
N PHE G 46 -11.93 -4.74 -40.04
CA PHE G 46 -10.92 -5.69 -39.55
C PHE G 46 -11.32 -7.12 -39.93
N VAL G 47 -10.32 -7.95 -40.28
CA VAL G 47 -10.55 -9.35 -40.65
C VAL G 47 -9.83 -10.28 -39.66
N ALA G 48 -8.48 -10.15 -39.55
CA ALA G 48 -7.64 -10.98 -38.68
C ALA G 48 -6.29 -10.36 -38.36
N THR G 49 -5.77 -10.65 -37.14
CA THR G 49 -4.46 -10.27 -36.63
C THR G 49 -4.02 -11.20 -35.49
N VAL G 50 -2.72 -11.14 -35.11
CA VAL G 50 -2.20 -11.94 -34.00
C VAL G 50 -2.73 -11.41 -32.67
N GLY G 51 -3.01 -12.33 -31.75
CA GLY G 51 -3.45 -11.98 -30.42
C GLY G 51 -2.26 -11.56 -29.57
N ARG G 52 -2.51 -10.92 -28.42
CA ARG G 52 -1.46 -10.44 -27.52
C ARG G 52 -0.58 -11.57 -26.98
N ILE G 53 -1.16 -12.68 -26.50
CA ILE G 53 -0.30 -13.78 -26.01
C ILE G 53 -0.12 -14.87 -27.09
N GLY G 54 1.00 -15.57 -27.00
CA GLY G 54 1.35 -16.67 -27.90
C GLY G 54 0.28 -17.74 -27.97
N GLY G 55 -0.01 -18.18 -29.19
CA GLY G 55 -1.02 -19.18 -29.47
C GLY G 55 -2.38 -18.57 -29.77
N SER G 56 -2.52 -17.24 -29.62
CA SER G 56 -3.81 -16.61 -29.88
C SER G 56 -3.83 -15.76 -31.16
N THR G 57 -4.98 -15.78 -31.85
CA THR G 57 -5.25 -15.02 -33.05
C THR G 57 -6.64 -14.38 -32.91
N VAL G 58 -6.75 -13.09 -33.25
CA VAL G 58 -7.97 -12.29 -33.19
C VAL G 58 -8.67 -12.30 -34.57
N TYR G 59 -9.93 -12.76 -34.62
CA TYR G 59 -10.71 -12.77 -35.86
C TYR G 59 -11.97 -11.96 -35.69
N ALA G 60 -12.41 -11.31 -36.78
CA ALA G 60 -13.65 -10.55 -36.82
C ALA G 60 -14.84 -11.51 -36.65
N ASP G 61 -15.98 -10.99 -36.16
CA ASP G 61 -17.18 -11.80 -35.86
C ASP G 61 -17.80 -12.52 -37.07
N PHE G 62 -17.50 -12.07 -38.30
CA PHE G 62 -18.00 -12.66 -39.55
C PHE G 62 -17.19 -13.86 -40.05
N VAL G 63 -15.93 -14.00 -39.58
CA VAL G 63 -14.98 -15.06 -39.96
C VAL G 63 -15.58 -16.45 -39.65
N LYS G 64 -16.24 -16.58 -38.48
CA LYS G 64 -16.93 -17.79 -37.98
C LYS G 64 -16.19 -19.12 -38.32
N GLY G 65 -14.92 -19.17 -37.94
CA GLY G 65 -14.03 -20.32 -38.11
C GLY G 65 -13.52 -20.64 -39.50
N ARG G 66 -14.01 -19.93 -40.52
CA ARG G 66 -13.69 -20.15 -41.94
C ARG G 66 -12.29 -19.70 -42.35
N PHE G 67 -11.79 -18.56 -41.81
CA PHE G 67 -10.45 -18.06 -42.18
C PHE G 67 -9.40 -18.37 -41.14
N THR G 68 -8.13 -18.54 -41.57
CA THR G 68 -7.00 -18.83 -40.69
C THR G 68 -5.79 -17.99 -41.06
N LEU G 69 -5.22 -17.29 -40.06
CA LEU G 69 -4.03 -16.48 -40.21
C LEU G 69 -2.81 -17.30 -39.78
N SER G 70 -1.84 -17.40 -40.70
CA SER G 70 -0.57 -18.11 -40.51
C SER G 70 0.57 -17.14 -40.82
N ARG G 71 1.78 -17.45 -40.33
CA ARG G 71 2.94 -16.60 -40.56
C ARG G 71 4.23 -17.37 -40.80
N ASP G 72 5.13 -16.76 -41.58
CA ASP G 72 6.45 -17.27 -41.92
C ASP G 72 7.43 -16.13 -41.65
N ASN G 73 7.81 -15.97 -40.35
CA ASN G 73 8.71 -14.93 -39.84
C ASN G 73 10.07 -14.87 -40.55
N ALA G 74 10.51 -16.00 -41.15
CA ALA G 74 11.76 -16.10 -41.91
C ALA G 74 11.63 -15.42 -43.28
N LYS G 75 10.47 -15.60 -43.96
CA LYS G 75 10.16 -15.01 -45.27
C LYS G 75 9.47 -13.64 -45.14
N ASN G 76 9.24 -13.18 -43.88
CA ASN G 76 8.59 -11.91 -43.51
C ASN G 76 7.18 -11.84 -44.12
N MET G 77 6.42 -12.94 -43.96
CA MET G 77 5.10 -13.06 -44.58
C MET G 77 4.00 -13.58 -43.67
N VAL G 78 2.78 -13.09 -43.92
CA VAL G 78 1.54 -13.53 -43.27
C VAL G 78 0.59 -14.04 -44.35
N TYR G 79 -0.17 -15.09 -44.03
CA TYR G 79 -1.10 -15.69 -44.98
C TYR G 79 -2.50 -15.79 -44.40
N LEU G 80 -3.51 -15.56 -45.23
CA LEU G 80 -4.90 -15.70 -44.81
C LEU G 80 -5.58 -16.79 -45.63
N GLN G 81 -5.71 -17.98 -45.02
CA GLN G 81 -6.38 -19.11 -45.65
C GLN G 81 -7.87 -18.91 -45.49
N MET G 82 -8.57 -18.63 -46.59
CA MET G 82 -10.01 -18.40 -46.58
C MET G 82 -10.74 -19.60 -47.15
N ASN G 83 -11.61 -20.21 -46.35
CA ASN G 83 -12.42 -21.37 -46.71
C ASN G 83 -13.90 -21.02 -46.58
N SER G 84 -14.81 -21.87 -47.15
CA SER G 84 -16.27 -21.72 -47.13
C SER G 84 -16.70 -20.26 -47.42
N LEU G 85 -16.16 -19.69 -48.52
CA LEU G 85 -16.41 -18.32 -48.93
C LEU G 85 -17.85 -18.07 -49.36
N LYS G 86 -18.43 -17.00 -48.84
CA LYS G 86 -19.81 -16.57 -49.11
C LYS G 86 -19.73 -15.30 -49.97
N PRO G 87 -20.76 -14.95 -50.79
CA PRO G 87 -20.67 -13.71 -51.59
C PRO G 87 -20.46 -12.43 -50.77
N GLU G 88 -20.79 -12.48 -49.46
CA GLU G 88 -20.64 -11.37 -48.49
C GLU G 88 -19.16 -11.03 -48.26
N ASP G 89 -18.25 -12.00 -48.54
CA ASP G 89 -16.81 -11.85 -48.40
C ASP G 89 -16.17 -11.09 -49.56
N THR G 90 -16.95 -10.78 -50.63
CA THR G 90 -16.46 -10.03 -51.80
C THR G 90 -16.06 -8.62 -51.35
N ALA G 91 -14.76 -8.34 -51.45
CA ALA G 91 -14.12 -7.08 -51.09
C ALA G 91 -12.66 -7.05 -51.55
N VAL G 92 -12.00 -5.90 -51.35
CA VAL G 92 -10.58 -5.72 -51.62
C VAL G 92 -9.92 -5.98 -50.26
N TYR G 93 -9.09 -7.02 -50.18
CA TYR G 93 -8.42 -7.39 -48.94
C TYR G 93 -7.09 -6.68 -48.80
N TYR G 94 -6.97 -5.92 -47.72
CA TYR G 94 -5.79 -5.13 -47.39
C TYR G 94 -4.96 -5.72 -46.26
N CYS G 95 -3.66 -5.46 -46.33
CA CYS G 95 -2.67 -5.86 -45.34
C CYS G 95 -2.02 -4.58 -44.82
N GLY G 96 -2.23 -4.32 -43.55
CA GLY G 96 -1.73 -3.15 -42.86
C GLY G 96 -0.84 -3.52 -41.69
N ALA G 97 0.07 -2.61 -41.33
CA ALA G 97 0.98 -2.81 -40.19
C ALA G 97 0.55 -1.88 -39.07
N ARG G 98 0.38 -2.43 -37.83
CA ARG G 98 -0.02 -1.68 -36.64
C ARG G 98 1.00 -0.58 -36.35
N ILE G 99 0.74 0.61 -36.91
CA ILE G 99 1.56 1.81 -36.83
C ILE G 99 1.70 2.35 -35.40
N GLY G 100 0.91 1.79 -34.49
CA GLY G 100 0.95 2.17 -33.09
C GLY G 100 -0.37 1.92 -32.39
N GLY G 101 -0.83 2.92 -31.63
CA GLY G 101 -2.05 2.84 -30.85
C GLY G 101 -2.03 1.74 -29.82
N SER G 102 -3.21 1.25 -29.46
CA SER G 102 -3.35 0.18 -28.49
C SER G 102 -4.69 -0.54 -28.68
N ASP G 103 -5.03 -0.80 -29.96
CA ASP G 103 -6.24 -1.49 -30.40
C ASP G 103 -5.95 -2.18 -31.75
N ARG G 104 -5.81 -3.52 -31.69
CA ARG G 104 -5.55 -4.43 -32.80
C ARG G 104 -6.63 -4.44 -33.87
N LEU G 105 -7.86 -4.09 -33.47
CA LEU G 105 -9.07 -4.11 -34.29
C LEU G 105 -9.37 -2.81 -35.04
N ALA G 106 -8.79 -1.69 -34.59
CA ALA G 106 -9.02 -0.39 -35.21
C ALA G 106 -8.10 -0.11 -36.42
N PRO G 107 -8.65 0.17 -37.63
CA PRO G 107 -7.78 0.45 -38.80
C PRO G 107 -6.94 1.73 -38.66
N GLU G 108 -7.37 2.67 -37.78
CA GLU G 108 -6.67 3.95 -37.49
C GLU G 108 -5.25 3.68 -36.96
N ASN G 109 -5.10 2.61 -36.14
CA ASN G 109 -3.84 2.20 -35.55
C ASN G 109 -2.97 1.41 -36.54
N TYR G 110 -3.41 1.31 -37.79
CA TYR G 110 -2.68 0.61 -38.85
C TYR G 110 -2.27 1.58 -39.95
N GLY G 111 -1.11 1.31 -40.52
CA GLY G 111 -0.53 2.09 -41.61
C GLY G 111 0.24 1.22 -42.59
N TYR G 112 0.99 1.87 -43.51
CA TYR G 112 1.81 1.26 -44.55
C TYR G 112 1.05 0.25 -45.43
N TRP G 113 -0.27 0.47 -45.58
CA TRP G 113 -1.23 -0.34 -46.33
C TRP G 113 -0.73 -0.69 -47.71
N GLY G 114 -1.06 -1.90 -48.16
CA GLY G 114 -0.73 -2.36 -49.50
C GLY G 114 -1.76 -1.86 -50.48
N GLN G 115 -1.57 -2.20 -51.77
CA GLN G 115 -2.49 -1.80 -52.85
C GLN G 115 -3.83 -2.51 -52.75
N GLY G 116 -3.80 -3.71 -52.17
CA GLY G 116 -4.98 -4.55 -51.97
C GLY G 116 -5.09 -5.67 -52.96
N THR G 117 -5.80 -6.74 -52.58
CA THR G 117 -6.05 -7.91 -53.42
C THR G 117 -7.56 -8.15 -53.51
N GLN G 118 -8.12 -8.04 -54.73
CA GLN G 118 -9.55 -8.21 -54.97
C GLN G 118 -9.99 -9.68 -54.87
N VAL G 119 -10.99 -9.92 -54.01
CA VAL G 119 -11.60 -11.23 -53.78
C VAL G 119 -13.06 -11.13 -54.24
N THR G 120 -13.43 -11.97 -55.23
CA THR G 120 -14.78 -11.98 -55.78
C THR G 120 -15.42 -13.36 -55.61
N VAL G 121 -16.47 -13.43 -54.78
CA VAL G 121 -17.22 -14.67 -54.52
C VAL G 121 -18.55 -14.59 -55.27
N SER G 122 -18.75 -15.54 -56.21
CA SER G 122 -19.90 -15.63 -57.11
C SER G 122 -20.99 -16.63 -56.70
N SER G 123 -22.12 -16.63 -57.46
CA SER G 123 -23.28 -17.50 -57.27
C SER G 123 -23.88 -17.87 -58.63
N VAL H 1 -22.04 33.56 -20.99
CA VAL H 1 -23.15 32.78 -21.55
C VAL H 1 -24.51 33.28 -21.02
N GLN H 2 -25.45 33.54 -21.94
CA GLN H 2 -26.80 34.00 -21.63
C GLN H 2 -27.80 32.85 -21.83
N LEU H 3 -28.73 32.67 -20.88
CA LEU H 3 -29.76 31.62 -20.96
C LEU H 3 -31.14 32.20 -21.18
N GLN H 4 -31.96 31.54 -22.00
CA GLN H 4 -33.31 32.03 -22.29
C GLN H 4 -34.38 30.92 -22.30
N GLU H 5 -35.32 31.00 -21.35
CA GLU H 5 -36.43 30.05 -21.20
C GLU H 5 -37.63 30.49 -22.02
N SER H 6 -38.47 29.52 -22.41
CA SER H 6 -39.71 29.69 -23.18
C SER H 6 -40.57 28.43 -23.03
N GLY H 7 -41.82 28.51 -23.47
CA GLY H 7 -42.75 27.38 -23.42
C GLY H 7 -43.76 27.40 -22.30
N GLY H 8 -43.59 28.34 -21.36
CA GLY H 8 -44.50 28.51 -20.22
C GLY H 8 -45.84 29.09 -20.63
N GLY H 9 -46.82 28.94 -19.75
CA GLY H 9 -48.17 29.45 -19.98
C GLY H 9 -49.23 28.85 -19.08
N LEU H 10 -50.49 29.23 -19.34
CA LEU H 10 -51.65 28.75 -18.59
C LEU H 10 -52.05 27.36 -19.08
N VAL H 11 -52.21 26.42 -18.13
CA VAL H 11 -52.61 25.05 -18.39
C VAL H 11 -53.61 24.59 -17.30
N GLN H 12 -54.52 23.68 -17.68
CA GLN H 12 -55.50 23.12 -16.76
C GLN H 12 -54.85 21.94 -16.05
N ALA H 13 -55.31 21.60 -14.83
CA ALA H 13 -54.78 20.47 -14.07
C ALA H 13 -54.94 19.16 -14.84
N GLY H 14 -53.85 18.41 -14.94
CA GLY H 14 -53.77 17.17 -15.71
C GLY H 14 -53.12 17.39 -17.06
N GLY H 15 -53.01 18.66 -17.44
CA GLY H 15 -52.45 19.13 -18.71
C GLY H 15 -50.95 18.95 -18.85
N SER H 16 -50.41 19.44 -19.98
CA SER H 16 -49.00 19.34 -20.33
C SER H 16 -48.42 20.65 -20.88
N LEU H 17 -47.10 20.82 -20.76
CA LEU H 17 -46.32 21.97 -21.24
C LEU H 17 -44.89 21.53 -21.53
N ARG H 18 -44.28 22.08 -22.59
CA ARG H 18 -42.90 21.75 -22.94
C ARG H 18 -42.04 23.00 -22.85
N LEU H 19 -41.20 23.07 -21.80
CA LEU H 19 -40.31 24.21 -21.61
C LEU H 19 -39.06 24.02 -22.44
N SER H 20 -38.47 25.14 -22.89
CA SER H 20 -37.27 25.12 -23.71
C SER H 20 -36.26 26.13 -23.19
N CYS H 21 -34.97 25.77 -23.20
CA CYS H 21 -33.91 26.67 -22.76
C CYS H 21 -32.83 26.78 -23.82
N ALA H 22 -32.57 28.00 -24.28
CA ALA H 22 -31.57 28.28 -25.30
C ALA H 22 -30.30 28.85 -24.67
N ALA H 23 -29.15 28.21 -24.92
CA ALA H 23 -27.86 28.67 -24.39
C ALA H 23 -27.07 29.36 -25.48
N SER H 24 -26.69 30.62 -25.20
CA SER H 24 -25.93 31.43 -26.13
C SER H 24 -24.68 31.99 -25.45
N GLY H 25 -23.51 31.45 -25.81
CA GLY H 25 -22.24 31.89 -25.26
C GLY H 25 -21.22 30.79 -25.05
N ARG H 26 -20.25 31.04 -24.13
CA ARG H 26 -19.14 30.14 -23.77
C ARG H 26 -19.66 28.88 -23.05
N ILE H 27 -20.13 27.91 -23.85
CA ILE H 27 -20.70 26.64 -23.39
C ILE H 27 -20.26 25.49 -24.33
N PHE H 28 -19.71 24.40 -23.75
CA PHE H 28 -19.20 23.26 -24.50
C PHE H 28 -20.08 22.00 -24.43
N SER H 29 -21.17 22.03 -23.59
CA SER H 29 -22.12 20.93 -23.41
C SER H 29 -23.42 21.41 -22.74
N THR H 30 -24.55 20.73 -23.04
CA THR H 30 -25.85 21.06 -22.45
C THR H 30 -26.03 20.35 -21.09
N ASN H 31 -25.04 19.53 -20.68
CA ASN H 31 -25.02 18.74 -19.44
C ASN H 31 -25.01 19.65 -18.21
N VAL H 32 -24.29 20.77 -18.33
CA VAL H 32 -24.11 21.81 -17.32
C VAL H 32 -25.45 22.53 -16.98
N MET H 33 -26.43 22.49 -17.91
CA MET H 33 -27.76 23.09 -17.73
C MET H 33 -28.60 22.34 -16.71
N GLY H 34 -29.53 23.05 -16.08
CA GLY H 34 -30.44 22.51 -15.07
C GLY H 34 -31.67 23.37 -14.84
N TRP H 35 -32.83 22.72 -14.71
CA TRP H 35 -34.12 23.36 -14.47
C TRP H 35 -34.41 23.51 -12.99
N PHE H 36 -34.90 24.69 -12.62
CA PHE H 36 -35.27 25.10 -11.26
C PHE H 36 -36.63 25.80 -11.30
N ARG H 37 -37.29 25.92 -10.15
CA ARG H 37 -38.58 26.61 -10.06
C ARG H 37 -38.69 27.46 -8.80
N GLN H 38 -39.48 28.54 -8.87
CA GLN H 38 -39.67 29.45 -7.74
C GLN H 38 -41.09 30.01 -7.70
N ALA H 39 -41.89 29.51 -6.76
CA ALA H 39 -43.27 29.94 -6.53
C ALA H 39 -43.25 31.19 -5.61
N PRO H 40 -44.23 32.13 -5.72
CA PRO H 40 -44.20 33.33 -4.85
C PRO H 40 -44.08 33.03 -3.37
N GLY H 41 -43.14 33.70 -2.70
CA GLY H 41 -42.86 33.54 -1.28
C GLY H 41 -42.24 32.21 -0.90
N LYS H 42 -41.57 31.55 -1.86
CA LYS H 42 -40.90 30.26 -1.66
C LYS H 42 -39.51 30.27 -2.28
N GLU H 43 -38.60 29.42 -1.74
CA GLU H 43 -37.21 29.28 -2.19
C GLU H 43 -37.12 28.72 -3.61
N ARG H 44 -35.99 28.99 -4.30
CA ARG H 44 -35.73 28.45 -5.63
C ARG H 44 -35.33 26.98 -5.45
N GLU H 45 -36.18 26.07 -5.94
CA GLU H 45 -35.94 24.64 -5.78
C GLU H 45 -35.57 23.95 -7.08
N PHE H 46 -34.74 22.90 -6.96
CA PHE H 46 -34.27 22.07 -8.08
C PHE H 46 -35.43 21.30 -8.72
N VAL H 47 -35.43 21.16 -10.06
CA VAL H 47 -36.46 20.43 -10.79
C VAL H 47 -35.85 19.23 -11.53
N ALA H 48 -34.88 19.48 -12.44
CA ALA H 48 -34.22 18.45 -13.24
C ALA H 48 -32.86 18.87 -13.79
N THR H 49 -31.93 17.89 -13.90
CA THR H 49 -30.61 18.02 -14.50
C THR H 49 -30.09 16.64 -14.94
N VAL H 50 -28.99 16.62 -15.74
CA VAL H 50 -28.40 15.36 -16.20
C VAL H 50 -27.70 14.62 -15.04
N GLY H 51 -27.76 13.30 -15.06
CA GLY H 51 -27.09 12.45 -14.08
C GLY H 51 -25.62 12.31 -14.44
N ARG H 52 -24.77 11.90 -13.46
CA ARG H 52 -23.32 11.81 -13.66
C ARG H 52 -22.95 10.80 -14.74
N ILE H 53 -23.53 9.61 -14.64
CA ILE H 53 -23.29 8.55 -15.61
C ILE H 53 -24.30 8.64 -16.76
N GLY H 54 -23.84 8.25 -17.95
CA GLY H 54 -24.64 8.23 -19.19
C GLY H 54 -25.89 7.40 -19.03
N GLY H 55 -27.00 7.97 -19.49
CA GLY H 55 -28.32 7.35 -19.41
C GLY H 55 -29.08 7.76 -18.18
N SER H 56 -28.45 8.52 -17.27
CA SER H 56 -29.16 8.93 -16.06
C SER H 56 -29.51 10.41 -16.05
N THR H 57 -30.67 10.72 -15.45
CA THR H 57 -31.21 12.08 -15.26
C THR H 57 -31.72 12.17 -13.81
N VAL H 58 -31.31 13.25 -13.12
CA VAL H 58 -31.68 13.55 -11.72
C VAL H 58 -32.95 14.41 -11.70
N TYR H 59 -33.99 13.93 -11.02
CA TYR H 59 -35.25 14.64 -10.86
C TYR H 59 -35.56 14.85 -9.39
N ALA H 60 -36.18 16.00 -9.08
CA ALA H 60 -36.62 16.34 -7.74
C ALA H 60 -37.71 15.35 -7.31
N ASP H 61 -37.87 15.13 -5.99
CA ASP H 61 -38.83 14.18 -5.43
C ASP H 61 -40.31 14.46 -5.78
N PHE H 62 -40.66 15.69 -6.19
CA PHE H 62 -42.02 16.09 -6.56
C PHE H 62 -42.41 15.73 -8.00
N VAL H 63 -41.40 15.55 -8.88
CA VAL H 63 -41.52 15.23 -10.31
C VAL H 63 -42.36 13.96 -10.52
N LYS H 64 -42.13 12.92 -9.68
CA LYS H 64 -42.82 11.63 -9.61
C LYS H 64 -43.17 11.03 -11.00
N GLY H 65 -42.16 11.00 -11.87
CA GLY H 65 -42.25 10.44 -13.22
C GLY H 65 -42.89 11.31 -14.30
N ARG H 66 -43.58 12.39 -13.89
CA ARG H 66 -44.34 13.32 -14.75
C ARG H 66 -43.51 14.17 -15.71
N PHE H 67 -42.33 14.67 -15.27
CA PHE H 67 -41.50 15.53 -16.13
C PHE H 67 -40.33 14.77 -16.76
N THR H 68 -39.89 15.20 -17.96
CA THR H 68 -38.77 14.58 -18.67
C THR H 68 -37.84 15.62 -19.26
N LEU H 69 -36.54 15.46 -18.97
CA LEU H 69 -35.50 16.33 -19.48
C LEU H 69 -34.86 15.69 -20.72
N SER H 70 -34.87 16.44 -21.83
CA SER H 70 -34.30 16.07 -23.12
C SER H 70 -33.28 17.13 -23.53
N ARG H 71 -32.40 16.81 -24.49
CA ARG H 71 -31.40 17.77 -24.94
C ARG H 71 -31.10 17.66 -26.44
N ASP H 72 -30.70 18.80 -27.03
CA ASP H 72 -30.33 18.95 -28.42
C ASP H 72 -28.99 19.70 -28.42
N ASN H 73 -27.88 18.95 -28.18
CA ASN H 73 -26.50 19.46 -28.09
C ASN H 73 -26.04 20.25 -29.32
N ALA H 74 -26.66 20.01 -30.50
CA ALA H 74 -26.38 20.71 -31.74
C ALA H 74 -26.94 22.13 -31.72
N LYS H 75 -28.19 22.29 -31.20
CA LYS H 75 -28.88 23.58 -31.09
C LYS H 75 -28.59 24.29 -29.75
N ASN H 76 -27.74 23.67 -28.88
CA ASN H 76 -27.35 24.15 -27.54
C ASN H 76 -28.61 24.32 -26.67
N MET H 77 -29.51 23.33 -26.70
CA MET H 77 -30.79 23.39 -26.02
C MET H 77 -31.14 22.21 -25.12
N VAL H 78 -31.92 22.49 -24.06
CA VAL H 78 -32.50 21.51 -23.14
C VAL H 78 -34.01 21.75 -23.07
N TYR H 79 -34.78 20.67 -22.97
CA TYR H 79 -36.24 20.75 -22.93
C TYR H 79 -36.81 20.03 -21.72
N LEU H 80 -37.83 20.61 -21.12
CA LEU H 80 -38.51 19.98 -20.00
C LEU H 80 -39.96 19.71 -20.34
N GLN H 81 -40.24 18.44 -20.71
CA GLN H 81 -41.59 17.99 -21.02
C GLN H 81 -42.31 17.72 -19.72
N MET H 82 -43.29 18.56 -19.41
CA MET H 82 -44.07 18.45 -18.18
C MET H 82 -45.44 17.89 -18.51
N ASN H 83 -45.81 16.77 -17.86
CA ASN H 83 -47.10 16.10 -18.03
C ASN H 83 -47.77 15.97 -16.66
N SER H 84 -49.08 15.63 -16.64
CA SER H 84 -49.90 15.45 -15.43
C SER H 84 -49.67 16.57 -14.37
N LEU H 85 -49.74 17.84 -14.82
CA LEU H 85 -49.51 19.03 -14.00
C LEU H 85 -50.57 19.23 -12.94
N LYS H 86 -50.11 19.50 -11.71
CA LYS H 86 -50.94 19.73 -10.52
C LYS H 86 -50.81 21.20 -10.13
N PRO H 87 -51.82 21.86 -9.48
CA PRO H 87 -51.67 23.29 -9.10
C PRO H 87 -50.41 23.66 -8.32
N GLU H 88 -49.78 22.67 -7.64
CA GLU H 88 -48.55 22.78 -6.85
C GLU H 88 -47.34 23.12 -7.74
N ASP H 89 -47.43 22.82 -9.06
CA ASP H 89 -46.38 23.07 -10.04
C ASP H 89 -46.34 24.52 -10.54
N THR H 90 -47.33 25.37 -10.13
CA THR H 90 -47.39 26.80 -10.50
C THR H 90 -46.18 27.50 -9.89
N ALA H 91 -45.30 28.02 -10.77
CA ALA H 91 -44.07 28.74 -10.43
C ALA H 91 -43.43 29.32 -11.68
N VAL H 92 -42.34 30.08 -11.48
CA VAL H 92 -41.53 30.64 -12.55
C VAL H 92 -40.39 29.64 -12.70
N TYR H 93 -40.32 28.99 -13.88
CA TYR H 93 -39.30 28.00 -14.14
C TYR H 93 -38.05 28.62 -14.71
N TYR H 94 -36.93 28.40 -14.03
CA TYR H 94 -35.62 28.92 -14.39
C TYR H 94 -34.69 27.85 -14.93
N CYS H 95 -33.82 28.30 -15.82
CA CYS H 95 -32.79 27.49 -16.45
C CYS H 95 -31.45 28.12 -16.09
N GLY H 96 -30.65 27.35 -15.37
CA GLY H 96 -29.34 27.77 -14.91
C GLY H 96 -28.24 26.86 -15.40
N ALA H 97 -27.02 27.42 -15.54
CA ALA H 97 -25.85 26.66 -15.93
C ALA H 97 -25.01 26.43 -14.68
N ARG H 98 -24.58 25.18 -14.45
CA ARG H 98 -23.79 24.76 -13.30
C ARG H 98 -22.41 25.42 -13.31
N ILE H 99 -22.28 26.54 -12.57
CA ILE H 99 -21.04 27.33 -12.46
C ILE H 99 -19.91 26.51 -11.88
N GLY H 100 -20.23 25.63 -10.96
CA GLY H 100 -19.21 24.78 -10.36
C GLY H 100 -19.73 24.00 -9.18
N GLY H 101 -18.96 24.04 -8.09
CA GLY H 101 -19.24 23.29 -6.88
C GLY H 101 -19.18 21.82 -7.15
N SER H 102 -19.87 21.03 -6.34
CA SER H 102 -19.90 19.59 -6.56
C SER H 102 -21.20 18.96 -6.06
N ASP H 103 -22.31 19.66 -6.34
CA ASP H 103 -23.68 19.25 -6.00
C ASP H 103 -24.63 19.84 -7.04
N ARG H 104 -25.09 18.99 -7.94
CA ARG H 104 -26.00 19.32 -9.05
C ARG H 104 -27.37 19.78 -8.62
N LEU H 105 -27.73 19.46 -7.37
CA LEU H 105 -29.03 19.77 -6.78
C LEU H 105 -29.04 21.14 -6.09
N ALA H 106 -27.86 21.72 -5.83
CA ALA H 106 -27.72 23.01 -5.14
C ALA H 106 -27.80 24.25 -6.06
N PRO H 107 -28.82 25.15 -5.86
CA PRO H 107 -28.94 26.34 -6.70
C PRO H 107 -27.71 27.25 -6.67
N GLU H 108 -26.97 27.29 -5.53
CA GLU H 108 -25.72 28.05 -5.32
C GLU H 108 -24.66 27.69 -6.35
N ASN H 109 -24.66 26.41 -6.79
CA ASN H 109 -23.74 25.86 -7.78
C ASN H 109 -24.16 26.18 -9.23
N TYR H 110 -25.24 26.97 -9.39
CA TYR H 110 -25.78 27.39 -10.69
C TYR H 110 -25.85 28.89 -10.83
N GLY H 111 -25.65 29.36 -12.06
CA GLY H 111 -25.73 30.77 -12.40
C GLY H 111 -26.09 30.98 -13.85
N TYR H 112 -25.77 32.18 -14.39
CA TYR H 112 -26.10 32.64 -15.75
C TYR H 112 -27.60 32.45 -16.04
N TRP H 113 -28.41 32.43 -14.96
CA TRP H 113 -29.85 32.25 -14.91
C TRP H 113 -30.57 33.07 -15.96
N GLY H 114 -31.61 32.48 -16.50
CA GLY H 114 -32.46 33.17 -17.48
C GLY H 114 -33.48 34.02 -16.74
N GLN H 115 -34.32 34.74 -17.52
CA GLN H 115 -35.36 35.62 -16.97
C GLN H 115 -36.50 34.83 -16.31
N GLY H 116 -36.66 33.59 -16.76
CA GLY H 116 -37.67 32.68 -16.24
C GLY H 116 -38.90 32.59 -17.12
N THR H 117 -39.61 31.46 -17.03
CA THR H 117 -40.84 31.22 -17.78
C THR H 117 -41.95 30.85 -16.80
N GLN H 118 -43.01 31.69 -16.75
CA GLN H 118 -44.13 31.49 -15.84
C GLN H 118 -45.05 30.35 -16.28
N VAL H 119 -45.26 29.38 -15.38
CA VAL H 119 -46.14 28.23 -15.57
C VAL H 119 -47.27 28.38 -14.54
N THR H 120 -48.52 28.42 -15.02
CA THR H 120 -49.70 28.58 -14.18
C THR H 120 -50.65 27.41 -14.42
N VAL H 121 -50.86 26.61 -13.38
CA VAL H 121 -51.76 25.47 -13.49
C VAL H 121 -52.99 25.73 -12.62
N SER H 122 -54.16 25.70 -13.27
CA SER H 122 -55.47 26.05 -12.73
C SER H 122 -56.35 24.87 -12.28
N SER H 123 -57.53 25.21 -11.68
CA SER H 123 -58.56 24.29 -11.20
C SER H 123 -59.93 24.92 -11.36
N VAL I 1 -9.39 33.77 30.02
CA VAL I 1 -10.33 32.66 30.18
C VAL I 1 -10.59 32.40 31.67
N GLN I 2 -11.71 32.94 32.18
CA GLN I 2 -12.12 32.80 33.57
C GLN I 2 -13.39 31.93 33.69
N LEU I 3 -13.39 30.98 34.65
CA LEU I 3 -14.53 30.10 34.88
C LEU I 3 -15.10 30.29 36.27
N GLN I 4 -16.44 30.32 36.38
CA GLN I 4 -17.09 30.47 37.69
C GLN I 4 -18.30 29.59 37.90
N GLU I 5 -18.18 28.70 38.90
CA GLU I 5 -19.22 27.75 39.30
C GLU I 5 -20.13 28.37 40.33
N SER I 6 -21.39 27.89 40.35
CA SER I 6 -22.46 28.29 41.28
C SER I 6 -23.54 27.21 41.26
N GLY I 7 -24.44 27.27 42.24
CA GLY I 7 -25.55 26.33 42.34
C GLY I 7 -25.37 25.23 43.35
N GLY I 8 -24.25 25.26 44.05
CA GLY I 8 -23.94 24.27 45.09
C GLY I 8 -24.71 24.56 46.36
N GLY I 9 -24.53 23.70 47.35
CA GLY I 9 -25.20 23.89 48.63
C GLY I 9 -25.50 22.62 49.39
N LEU I 10 -26.29 22.80 50.45
CA LEU I 10 -26.70 21.71 51.34
C LEU I 10 -28.02 21.13 50.86
N VAL I 11 -28.02 19.82 50.61
CA VAL I 11 -29.18 19.08 50.13
C VAL I 11 -29.32 17.76 50.91
N GLN I 12 -30.56 17.28 51.06
CA GLN I 12 -30.88 16.03 51.73
C GLN I 12 -30.73 14.92 50.69
N ALA I 13 -30.42 13.67 51.12
CA ALA I 13 -30.29 12.51 50.22
C ALA I 13 -31.58 12.27 49.43
N GLY I 14 -31.43 12.13 48.12
CA GLY I 14 -32.54 11.96 47.19
C GLY I 14 -32.89 13.27 46.49
N GLY I 15 -32.37 14.37 47.05
CA GLY I 15 -32.57 15.73 46.56
C GLY I 15 -31.89 16.06 45.25
N SER I 16 -32.10 17.30 44.78
CA SER I 16 -31.56 17.81 43.52
C SER I 16 -30.85 19.15 43.68
N LEU I 17 -29.96 19.47 42.72
CA LEU I 17 -29.17 20.68 42.60
C LEU I 17 -28.87 20.91 41.14
N ARG I 18 -28.81 22.16 40.72
CA ARG I 18 -28.47 22.50 39.35
C ARG I 18 -27.23 23.38 39.40
N LEU I 19 -26.09 22.81 38.99
CA LEU I 19 -24.84 23.55 38.99
C LEU I 19 -24.74 24.32 37.70
N SER I 20 -24.10 25.51 37.75
CA SER I 20 -23.94 26.41 36.62
C SER I 20 -22.50 26.85 36.53
N CYS I 21 -21.97 26.94 35.30
CA CYS I 21 -20.62 27.41 35.07
C CYS I 21 -20.62 28.54 34.05
N ALA I 22 -20.17 29.71 34.47
CA ALA I 22 -20.09 30.89 33.62
C ALA I 22 -18.68 31.05 33.06
N ALA I 23 -18.56 31.05 31.73
CA ALA I 23 -17.29 31.19 31.03
C ALA I 23 -17.15 32.59 30.44
N SER I 24 -15.94 33.18 30.56
CA SER I 24 -15.65 34.52 30.04
C SER I 24 -14.20 34.65 29.59
N GLY I 25 -14.03 35.06 28.34
CA GLY I 25 -12.70 35.24 27.74
C GLY I 25 -12.57 34.60 26.37
N ARG I 26 -11.41 33.96 26.14
CA ARG I 26 -11.07 33.32 24.86
C ARG I 26 -11.73 31.93 24.69
N ILE I 27 -13.08 31.93 24.63
CA ILE I 27 -13.92 30.73 24.42
C ILE I 27 -14.92 31.03 23.31
N PHE I 28 -14.96 30.16 22.28
CA PHE I 28 -15.88 30.25 21.14
C PHE I 28 -16.94 29.15 21.19
N SER I 29 -16.78 28.16 22.11
CA SER I 29 -17.69 27.04 22.28
C SER I 29 -17.67 26.49 23.72
N THR I 30 -18.84 26.07 24.21
CA THR I 30 -18.99 25.50 25.55
C THR I 30 -18.61 24.01 25.57
N ASN I 31 -18.21 23.45 24.40
CA ASN I 31 -17.82 22.06 24.21
C ASN I 31 -16.57 21.65 25.00
N VAL I 32 -15.57 22.55 25.07
CA VAL I 32 -14.31 22.35 25.81
C VAL I 32 -14.53 22.24 27.33
N MET I 33 -15.73 22.58 27.80
CA MET I 33 -16.02 22.56 29.21
C MET I 33 -16.41 21.21 29.75
N GLY I 34 -15.92 20.93 30.96
CA GLY I 34 -16.17 19.70 31.69
C GLY I 34 -16.30 19.92 33.19
N TRP I 35 -17.14 19.09 33.84
CA TRP I 35 -17.37 19.09 35.28
C TRP I 35 -16.53 18.01 35.93
N PHE I 36 -15.94 18.35 37.09
CA PHE I 36 -15.08 17.47 37.88
C PHE I 36 -15.49 17.63 39.33
N ARG I 37 -15.06 16.71 40.20
CA ARG I 37 -15.36 16.82 41.63
C ARG I 37 -14.18 16.40 42.47
N GLN I 38 -14.08 16.93 43.69
CA GLN I 38 -12.97 16.61 44.58
C GLN I 38 -13.41 16.65 46.03
N ALA I 39 -13.52 15.45 46.65
CA ALA I 39 -13.87 15.31 48.05
C ALA I 39 -12.60 15.47 48.91
N PRO I 40 -12.67 15.99 50.17
CA PRO I 40 -11.44 16.14 50.96
C PRO I 40 -10.65 14.84 51.12
N GLY I 41 -9.34 14.93 50.89
CA GLY I 41 -8.44 13.78 50.96
C GLY I 41 -8.58 12.79 49.81
N LYS I 42 -9.22 13.21 48.71
CA LYS I 42 -9.44 12.40 47.52
C LYS I 42 -9.03 13.18 46.28
N GLU I 43 -8.68 12.45 45.20
CA GLU I 43 -8.26 13.03 43.93
C GLU I 43 -9.42 13.68 43.17
N ARG I 44 -9.09 14.60 42.25
CA ARG I 44 -10.06 15.28 41.39
C ARG I 44 -10.52 14.30 40.32
N GLU I 45 -11.78 13.90 40.37
CA GLU I 45 -12.32 12.92 39.43
C GLU I 45 -13.29 13.53 38.43
N PHE I 46 -13.26 13.04 37.18
CA PHE I 46 -14.14 13.44 36.10
C PHE I 46 -15.61 13.19 36.45
N VAL I 47 -16.51 14.10 36.02
CA VAL I 47 -17.95 13.96 36.27
C VAL I 47 -18.72 13.89 34.95
N ALA I 48 -18.59 14.93 34.08
CA ALA I 48 -19.29 15.02 32.80
C ALA I 48 -18.67 16.03 31.83
N THR I 49 -18.71 15.71 30.53
CA THR I 49 -18.28 16.56 29.41
C THR I 49 -18.99 16.17 28.11
N VAL I 50 -18.89 17.00 27.06
CA VAL I 50 -19.51 16.70 25.76
C VAL I 50 -18.75 15.56 25.07
N GLY I 51 -19.51 14.72 24.36
CA GLY I 51 -18.94 13.62 23.60
C GLY I 51 -18.43 14.13 22.26
N ARG I 52 -17.56 13.33 21.60
CA ARG I 52 -16.96 13.66 20.31
C ARG I 52 -17.99 13.84 19.19
N ILE I 53 -18.92 12.88 19.04
CA ILE I 53 -19.96 12.93 18.02
C ILE I 53 -21.23 13.64 18.54
N GLY I 54 -21.94 14.30 17.62
CA GLY I 54 -23.17 15.04 17.90
C GLY I 54 -24.23 14.21 18.60
N GLY I 55 -24.80 14.79 19.66
CA GLY I 55 -25.81 14.16 20.49
C GLY I 55 -25.24 13.39 21.66
N SER I 56 -23.91 13.15 21.70
CA SER I 56 -23.32 12.38 22.77
C SER I 56 -22.70 13.23 23.88
N THR I 57 -22.75 12.70 25.10
CA THR I 57 -22.20 13.27 26.33
C THR I 57 -21.56 12.12 27.10
N VAL I 58 -20.35 12.38 27.62
CA VAL I 58 -19.54 11.44 28.41
C VAL I 58 -19.85 11.68 29.89
N TYR I 59 -20.19 10.62 30.65
CA TYR I 59 -20.45 10.71 32.09
C TYR I 59 -19.61 9.70 32.85
N ALA I 60 -19.24 10.04 34.09
CA ALA I 60 -18.47 9.13 34.93
C ALA I 60 -19.34 7.94 35.33
N ASP I 61 -18.71 6.79 35.66
CA ASP I 61 -19.41 5.55 36.01
C ASP I 61 -20.34 5.65 37.25
N PHE I 62 -20.12 6.65 38.13
CA PHE I 62 -20.92 6.87 39.34
C PHE I 62 -22.22 7.65 39.12
N VAL I 63 -22.30 8.41 38.01
CA VAL I 63 -23.43 9.25 37.60
C VAL I 63 -24.72 8.43 37.53
N LYS I 64 -24.66 7.23 36.89
CA LYS I 64 -25.72 6.24 36.70
C LYS I 64 -27.10 6.87 36.35
N GLY I 65 -27.08 7.70 35.31
CA GLY I 65 -28.26 8.38 34.78
C GLY I 65 -28.82 9.55 35.57
N ARG I 66 -28.31 9.79 36.79
CA ARG I 66 -28.78 10.83 37.71
C ARG I 66 -28.44 12.27 37.30
N PHE I 67 -27.24 12.49 36.73
CA PHE I 67 -26.83 13.83 36.33
C PHE I 67 -26.96 14.06 34.83
N THR I 68 -27.24 15.31 34.43
CA THR I 68 -27.37 15.69 33.02
C THR I 68 -26.64 16.98 32.73
N LEU I 69 -25.79 16.95 31.70
CA LEU I 69 -25.05 18.12 31.26
C LEU I 69 -25.81 18.81 30.13
N SER I 70 -26.10 20.11 30.32
CA SER I 70 -26.78 20.95 29.34
C SER I 70 -25.91 22.18 29.06
N ARG I 71 -26.18 22.91 27.96
CA ARG I 71 -25.40 24.10 27.62
C ARG I 71 -26.23 25.22 27.01
N ASP I 72 -25.77 26.46 27.22
CA ASP I 72 -26.37 27.68 26.70
C ASP I 72 -25.25 28.44 26.00
N ASN I 73 -24.96 28.06 24.73
CA ASN I 73 -23.89 28.61 23.91
C ASN I 73 -23.97 30.14 23.71
N ALA I 74 -25.14 30.74 23.96
CA ALA I 74 -25.34 32.19 23.87
C ALA I 74 -24.70 32.92 25.05
N LYS I 75 -24.91 32.39 26.27
CA LYS I 75 -24.41 32.93 27.53
C LYS I 75 -23.08 32.31 27.96
N ASN I 76 -22.47 31.47 27.09
CA ASN I 76 -21.22 30.73 27.32
C ASN I 76 -21.31 30.05 28.69
N MET I 77 -22.31 29.15 28.82
CA MET I 77 -22.60 28.47 30.08
C MET I 77 -22.94 27.00 29.92
N VAL I 78 -22.49 26.22 30.91
CA VAL I 78 -22.80 24.80 31.02
C VAL I 78 -23.48 24.57 32.35
N TYR I 79 -24.42 23.64 32.38
CA TYR I 79 -25.16 23.32 33.60
C TYR I 79 -25.12 21.85 33.89
N LEU I 80 -25.04 21.50 35.17
CA LEU I 80 -25.08 20.11 35.58
C LEU I 80 -26.29 19.90 36.49
N GLN I 81 -27.34 19.29 35.92
CA GLN I 81 -28.55 18.99 36.68
C GLN I 81 -28.29 17.71 37.42
N MET I 82 -28.18 17.80 38.74
CA MET I 82 -27.91 16.65 39.58
C MET I 82 -29.17 16.23 40.32
N ASN I 83 -29.65 15.00 40.05
CA ASN I 83 -30.82 14.43 40.71
C ASN I 83 -30.41 13.21 41.53
N SER I 84 -31.33 12.71 42.39
CA SER I 84 -31.17 11.52 43.25
C SER I 84 -29.79 11.49 43.92
N LEU I 85 -29.39 12.62 44.53
CA LEU I 85 -28.10 12.80 45.19
C LEU I 85 -27.94 11.90 46.40
N LYS I 86 -26.80 11.22 46.46
CA LYS I 86 -26.42 10.30 47.54
C LYS I 86 -25.29 10.98 48.35
N PRO I 87 -25.07 10.64 49.65
CA PRO I 87 -23.98 11.28 50.40
C PRO I 87 -22.59 11.12 49.76
N GLU I 88 -22.40 10.11 48.90
CA GLU I 88 -21.15 9.81 48.17
C GLU I 88 -20.81 10.93 47.17
N ASP I 89 -21.83 11.73 46.76
CA ASP I 89 -21.69 12.85 45.83
C ASP I 89 -21.18 14.13 46.50
N THR I 90 -21.01 14.12 47.84
CA THR I 90 -20.48 15.26 48.60
C THR I 90 -19.04 15.49 48.18
N ALA I 91 -18.79 16.69 47.60
CA ALA I 91 -17.50 17.16 47.10
C ALA I 91 -17.61 18.61 46.63
N VAL I 92 -16.47 19.18 46.20
CA VAL I 92 -16.39 20.51 45.61
C VAL I 92 -16.41 20.27 44.11
N TYR I 93 -17.44 20.77 43.44
CA TYR I 93 -17.56 20.58 42.00
C TYR I 93 -16.89 21.69 41.23
N TYR I 94 -15.96 21.29 40.36
CA TYR I 94 -15.16 22.16 39.52
C TYR I 94 -15.59 22.11 38.06
N CYS I 95 -15.40 23.24 37.40
CA CYS I 95 -15.66 23.41 36.00
C CYS I 95 -14.34 23.85 35.35
N GLY I 96 -13.88 23.04 34.41
CA GLY I 96 -12.62 23.25 33.70
C GLY I 96 -12.83 23.36 32.21
N ALA I 97 -11.90 24.05 31.53
CA ALA I 97 -11.93 24.20 30.08
C ALA I 97 -10.74 23.43 29.50
N ARG I 98 -11.01 22.51 28.56
CA ARG I 98 -10.06 21.63 27.87
C ARG I 98 -9.12 22.53 27.05
N ILE I 99 -7.86 22.69 27.53
CA ILE I 99 -6.77 23.51 26.93
C ILE I 99 -6.22 22.81 25.67
N GLY I 100 -7.15 22.24 24.92
CA GLY I 100 -6.91 21.35 23.80
C GLY I 100 -6.90 19.95 24.42
N GLY I 101 -5.82 19.22 24.25
CA GLY I 101 -5.74 17.89 24.85
C GLY I 101 -6.34 16.81 23.97
N SER I 102 -6.13 15.53 24.36
CA SER I 102 -6.62 14.39 23.60
C SER I 102 -7.17 13.26 24.48
N ASP I 103 -7.68 13.65 25.66
CA ASP I 103 -8.34 12.79 26.65
C ASP I 103 -9.31 13.66 27.48
N ARG I 104 -10.59 13.62 27.10
CA ARG I 104 -11.70 14.36 27.70
C ARG I 104 -11.84 14.17 29.20
N LEU I 105 -11.46 12.98 29.69
CA LEU I 105 -11.65 12.58 31.09
C LEU I 105 -10.48 12.85 32.01
N ALA I 106 -9.31 13.18 31.45
CA ALA I 106 -8.13 13.45 32.25
C ALA I 106 -8.08 14.91 32.75
N PRO I 107 -8.07 15.15 34.09
CA PRO I 107 -8.01 16.55 34.58
C PRO I 107 -6.81 17.35 34.08
N GLU I 108 -5.66 16.66 33.82
CA GLU I 108 -4.41 17.23 33.30
C GLU I 108 -4.60 18.04 32.02
N ASN I 109 -5.55 17.63 31.16
CA ASN I 109 -5.86 18.27 29.87
C ASN I 109 -6.76 19.50 30.03
N TYR I 110 -7.06 19.88 31.27
CA TYR I 110 -7.91 21.02 31.56
C TYR I 110 -7.15 22.11 32.26
N GLY I 111 -7.50 23.34 31.91
CA GLY I 111 -6.97 24.55 32.52
C GLY I 111 -8.13 25.45 32.87
N TYR I 112 -7.83 26.71 33.24
CA TYR I 112 -8.78 27.77 33.57
C TYR I 112 -9.85 27.40 34.61
N TRP I 113 -9.57 26.39 35.46
CA TRP I 113 -10.45 25.89 36.53
C TRP I 113 -11.09 27.02 37.34
N GLY I 114 -12.31 26.78 37.80
CA GLY I 114 -12.98 27.74 38.67
C GLY I 114 -12.61 27.50 40.12
N GLN I 115 -13.16 28.33 41.01
CA GLN I 115 -12.94 28.27 42.47
C GLN I 115 -13.56 27.01 43.09
N GLY I 116 -14.62 26.52 42.45
CA GLY I 116 -15.36 25.34 42.87
C GLY I 116 -16.63 25.70 43.61
N THR I 117 -17.62 24.79 43.55
CA THR I 117 -18.90 24.94 44.23
C THR I 117 -19.14 23.71 45.10
N GLN I 118 -19.29 23.93 46.40
CA GLN I 118 -19.48 22.84 47.35
C GLN I 118 -20.89 22.29 47.36
N VAL I 119 -21.01 20.96 47.14
CA VAL I 119 -22.30 20.28 47.29
C VAL I 119 -22.18 19.30 48.45
N THR I 120 -23.05 19.47 49.45
CA THR I 120 -23.05 18.64 50.64
C THR I 120 -24.36 17.86 50.71
N VAL I 121 -24.27 16.53 50.61
CA VAL I 121 -25.43 15.65 50.67
C VAL I 121 -25.45 15.01 52.05
N SER I 122 -26.55 15.25 52.80
CA SER I 122 -26.74 14.79 54.18
C SER I 122 -27.63 13.53 54.33
N SER I 123 -27.79 13.03 55.58
CA SER I 123 -28.61 11.87 55.95
C SER I 123 -29.36 12.07 57.27
N GLN J 1 30.85 1.58 33.24
CA GLN J 1 29.53 2.10 33.59
C GLN J 1 29.03 1.60 34.97
N VAL J 2 28.16 0.58 34.97
CA VAL J 2 27.48 -0.03 36.11
C VAL J 2 28.31 -1.20 36.73
N GLN J 3 27.94 -1.62 37.97
CA GLN J 3 28.56 -2.71 38.74
C GLN J 3 27.44 -3.63 39.29
N LEU J 4 27.63 -4.96 39.19
CA LEU J 4 26.64 -5.92 39.67
C LEU J 4 27.17 -6.79 40.81
N GLN J 5 26.31 -7.07 41.81
CA GLN J 5 26.72 -7.85 42.99
C GLN J 5 25.65 -8.86 43.44
N GLU J 6 25.97 -10.17 43.29
CA GLU J 6 25.09 -11.28 43.71
C GLU J 6 25.33 -11.66 45.15
N SER J 7 24.30 -12.22 45.79
CA SER J 7 24.29 -12.70 47.18
C SER J 7 23.10 -13.66 47.38
N GLY J 8 23.09 -14.38 48.49
CA GLY J 8 22.00 -15.29 48.84
C GLY J 8 22.25 -16.76 48.58
N GLY J 9 23.39 -17.10 47.99
CA GLY J 9 23.76 -18.49 47.70
C GLY J 9 24.23 -19.24 48.93
N GLY J 10 24.42 -20.55 48.76
CA GLY J 10 24.89 -21.39 49.86
C GLY J 10 24.56 -22.86 49.75
N LEU J 11 24.80 -23.59 50.85
CA LEU J 11 24.54 -25.03 50.94
C LEU J 11 23.11 -25.29 51.41
N VAL J 12 22.39 -26.09 50.60
CA VAL J 12 21.00 -26.47 50.85
C VAL J 12 20.78 -27.96 50.55
N GLN J 13 19.82 -28.58 51.23
CA GLN J 13 19.46 -29.98 51.02
C GLN J 13 18.46 -30.01 49.87
N ALA J 14 18.35 -31.18 49.17
CA ALA J 14 17.41 -31.36 48.05
C ALA J 14 15.98 -31.20 48.53
N GLY J 15 15.22 -30.35 47.83
CA GLY J 15 13.85 -29.99 48.16
C GLY J 15 13.76 -28.63 48.83
N GLY J 16 14.93 -28.14 49.27
CA GLY J 16 15.10 -26.87 49.96
C GLY J 16 14.90 -25.63 49.11
N SER J 17 15.14 -24.46 49.73
CA SER J 17 14.97 -23.17 49.10
C SER J 17 16.13 -22.21 49.36
N LEU J 18 16.25 -21.18 48.49
CA LEU J 18 17.23 -20.11 48.54
C LEU J 18 16.66 -18.88 47.84
N ARG J 19 17.11 -17.70 48.23
CA ARG J 19 16.66 -16.46 47.59
C ARG J 19 17.89 -15.65 47.21
N LEU J 20 18.19 -15.64 45.91
CA LEU J 20 19.34 -14.90 45.40
C LEU J 20 18.96 -13.45 45.19
N SER J 21 19.92 -12.56 45.39
CA SER J 21 19.71 -11.13 45.25
C SER J 21 20.81 -10.53 44.41
N CYS J 22 20.47 -9.56 43.55
CA CYS J 22 21.45 -8.87 42.73
C CYS J 22 21.29 -7.37 42.90
N ALA J 23 22.38 -6.68 43.26
CA ALA J 23 22.38 -5.24 43.46
C ALA J 23 23.10 -4.54 42.31
N ALA J 24 22.41 -3.60 41.66
CA ALA J 24 22.93 -2.82 40.54
C ALA J 24 23.26 -1.40 41.00
N SER J 25 24.45 -0.91 40.65
CA SER J 25 24.92 0.44 41.02
C SER J 25 25.67 1.09 39.87
N GLY J 26 25.08 2.15 39.33
CA GLY J 26 25.62 2.91 38.21
C GLY J 26 24.56 3.59 37.36
N ARG J 27 24.91 3.87 36.08
CA ARG J 27 24.04 4.55 35.11
C ARG J 27 22.91 3.65 34.57
N ILE J 28 22.49 2.64 35.35
CA ILE J 28 21.39 1.73 35.05
C ILE J 28 20.05 2.50 35.12
N PHE J 29 19.25 2.42 34.04
CA PHE J 29 17.99 3.14 33.93
C PHE J 29 16.74 2.29 34.23
N SER J 30 16.91 0.95 34.30
CA SER J 30 15.84 -0.02 34.59
C SER J 30 16.40 -1.38 35.01
N THR J 31 15.63 -2.10 35.84
CA THR J 31 15.93 -3.42 36.37
C THR J 31 15.56 -4.53 35.36
N ASN J 32 15.06 -4.12 34.17
CA ASN J 32 14.61 -4.99 33.09
C ASN J 32 15.77 -5.66 32.38
N VAL J 33 16.88 -4.94 32.21
CA VAL J 33 18.11 -5.42 31.53
C VAL J 33 18.79 -6.57 32.29
N MET J 34 18.57 -6.66 33.62
CA MET J 34 19.16 -7.70 34.47
C MET J 34 18.60 -9.09 34.21
N GLY J 35 19.51 -10.07 34.16
CA GLY J 35 19.19 -11.47 33.91
C GLY J 35 20.07 -12.41 34.70
N TRP J 36 19.47 -13.51 35.18
CA TRP J 36 20.14 -14.57 35.94
C TRP J 36 20.62 -15.68 35.03
N PHE J 37 21.86 -16.10 35.26
CA PHE J 37 22.55 -17.16 34.53
C PHE J 37 23.22 -18.10 35.53
N ARG J 38 23.59 -19.32 35.09
CA ARG J 38 24.29 -20.27 35.94
C ARG J 38 25.40 -21.00 35.20
N GLN J 39 26.44 -21.42 35.94
CA GLN J 39 27.58 -22.12 35.37
C GLN J 39 28.13 -23.18 36.34
N ALA J 40 27.85 -24.45 36.05
CA ALA J 40 28.33 -25.59 36.84
C ALA J 40 29.76 -25.93 36.36
N PRO J 41 30.69 -26.41 37.24
CA PRO J 41 32.05 -26.73 36.77
C PRO J 41 32.09 -27.66 35.56
N GLY J 42 32.87 -27.29 34.56
CA GLY J 42 33.01 -28.05 33.32
C GLY J 42 31.79 -28.00 32.41
N LYS J 43 30.96 -26.94 32.55
CA LYS J 43 29.75 -26.73 31.76
C LYS J 43 29.62 -25.26 31.36
N GLU J 44 28.95 -24.99 30.22
CA GLU J 44 28.76 -23.64 29.67
C GLU J 44 27.83 -22.80 30.53
N ARG J 45 27.98 -21.45 30.44
CA ARG J 45 27.12 -20.50 31.16
C ARG J 45 25.75 -20.49 30.50
N GLU J 46 24.73 -21.00 31.21
CA GLU J 46 23.37 -21.10 30.69
C GLU J 46 22.41 -20.11 31.33
N PHE J 47 21.40 -19.66 30.54
CA PHE J 47 20.34 -18.74 30.95
C PHE J 47 19.44 -19.38 32.01
N VAL J 48 19.01 -18.59 33.00
CA VAL J 48 18.12 -19.04 34.08
C VAL J 48 16.77 -18.28 34.02
N ALA J 49 16.80 -16.93 34.14
CA ALA J 49 15.62 -16.06 34.17
C ALA J 49 15.92 -14.59 33.84
N THR J 50 14.96 -13.93 33.16
CA THR J 50 14.95 -12.49 32.81
C THR J 50 13.54 -12.00 32.53
N VAL J 51 13.37 -10.67 32.39
CA VAL J 51 12.03 -10.17 32.06
C VAL J 51 11.62 -10.47 30.65
N GLY J 52 10.32 -10.68 30.51
CA GLY J 52 9.67 -10.80 29.22
C GLY J 52 9.44 -9.43 28.60
N ARG J 53 9.24 -9.40 27.29
CA ARG J 53 9.00 -8.17 26.54
C ARG J 53 7.72 -7.45 26.97
N ILE J 54 6.59 -8.18 27.09
CA ILE J 54 5.32 -7.59 27.52
C ILE J 54 5.14 -7.66 29.05
N GLY J 55 4.48 -6.65 29.61
CA GLY J 55 4.18 -6.53 31.05
C GLY J 55 3.45 -7.74 31.59
N GLY J 56 3.94 -8.23 32.73
CA GLY J 56 3.40 -9.40 33.39
C GLY J 56 4.13 -10.68 33.01
N SER J 57 5.02 -10.61 31.99
CA SER J 57 5.75 -11.79 31.57
C SER J 57 7.21 -11.81 32.01
N THR J 58 7.69 -13.02 32.32
CA THR J 58 9.04 -13.36 32.74
C THR J 58 9.46 -14.60 31.93
N VAL J 59 10.69 -14.56 31.41
CA VAL J 59 11.27 -15.65 30.62
C VAL J 59 12.10 -16.54 31.56
N TYR J 60 11.76 -17.84 31.60
CA TYR J 60 12.47 -18.85 32.40
C TYR J 60 12.99 -19.94 31.52
N ALA J 61 14.16 -20.48 31.87
CA ALA J 61 14.79 -21.61 31.19
C ALA J 61 13.91 -22.85 31.37
N ASP J 62 14.00 -23.81 30.43
CA ASP J 62 13.18 -25.03 30.43
C ASP J 62 13.34 -25.94 31.67
N PHE J 63 14.46 -25.79 32.41
CA PHE J 63 14.77 -26.57 33.61
C PHE J 63 14.11 -26.03 34.90
N VAL J 64 13.74 -24.73 34.91
CA VAL J 64 13.11 -24.01 36.03
C VAL J 64 11.82 -24.72 36.48
N LYS J 65 11.00 -25.18 35.51
CA LYS J 65 9.73 -25.92 35.67
C LYS J 65 8.86 -25.42 36.87
N GLY J 66 8.63 -24.11 36.90
CA GLY J 66 7.82 -23.41 37.88
C GLY J 66 8.41 -23.19 39.27
N ARG J 67 9.58 -23.78 39.56
CA ARG J 67 10.27 -23.75 40.85
C ARG J 67 10.90 -22.40 41.21
N PHE J 68 11.47 -21.67 40.23
CA PHE J 68 12.10 -20.36 40.51
C PHE J 68 11.23 -19.18 40.10
N THR J 69 11.38 -18.03 40.80
CA THR J 69 10.62 -16.81 40.51
C THR J 69 11.52 -15.58 40.54
N LEU J 70 11.45 -14.77 39.46
CA LEU J 70 12.19 -13.52 39.36
C LEU J 70 11.32 -12.36 39.84
N SER J 71 11.88 -11.54 40.75
CA SER J 71 11.26 -10.35 41.35
C SER J 71 12.11 -9.10 41.03
N ARG J 72 11.65 -7.87 41.41
CA ARG J 72 12.40 -6.65 41.06
C ARG J 72 12.63 -5.56 42.07
N ASP J 73 11.61 -5.02 42.79
CA ASP J 73 11.86 -3.85 43.71
C ASP J 73 12.73 -2.74 42.99
N ASN J 74 12.15 -2.19 41.89
CA ASN J 74 12.72 -1.15 41.00
C ASN J 74 13.52 -0.04 41.70
N ALA J 75 12.93 0.56 42.76
CA ALA J 75 13.50 1.67 43.54
C ALA J 75 14.95 1.46 43.99
N LYS J 76 15.20 0.50 44.91
CA LYS J 76 16.53 0.15 45.44
C LYS J 76 17.47 -0.51 44.39
N ASN J 77 17.05 -0.53 43.09
CA ASN J 77 17.74 -1.07 41.91
C ASN J 77 18.23 -2.50 42.13
N MET J 78 17.31 -3.42 42.47
CA MET J 78 17.69 -4.80 42.78
C MET J 78 16.77 -5.85 42.19
N VAL J 79 17.30 -7.02 41.78
CA VAL J 79 16.44 -8.12 41.30
C VAL J 79 16.59 -9.29 42.29
N TYR J 80 15.64 -10.25 42.27
CA TYR J 80 15.68 -11.40 43.18
C TYR J 80 15.27 -12.69 42.51
N LEU J 81 15.95 -13.79 42.85
CA LEU J 81 15.59 -15.10 42.33
C LEU J 81 15.22 -16.05 43.46
N GLN J 82 13.92 -16.24 43.67
CA GLN J 82 13.41 -17.16 44.68
C GLN J 82 13.46 -18.56 44.12
N MET J 83 14.36 -19.39 44.65
CA MET J 83 14.55 -20.77 44.20
C MET J 83 13.95 -21.74 45.19
N ASN J 84 12.96 -22.52 44.74
CA ASN J 84 12.27 -23.52 45.55
C ASN J 84 12.45 -24.91 44.92
N SER J 85 12.10 -25.98 45.68
CA SER J 85 12.19 -27.39 45.27
C SER J 85 13.51 -27.67 44.52
N LEU J 86 14.65 -27.27 45.14
CA LEU J 86 15.99 -27.40 44.56
C LEU J 86 16.43 -28.85 44.42
N LYS J 87 16.95 -29.19 43.24
CA LYS J 87 17.44 -30.53 42.88
C LYS J 87 18.98 -30.45 42.78
N PRO J 88 19.73 -31.57 42.94
CA PRO J 88 21.20 -31.47 42.82
C PRO J 88 21.73 -30.91 41.50
N GLU J 89 20.90 -30.99 40.42
CA GLU J 89 21.20 -30.48 39.06
C GLU J 89 21.36 -28.96 39.06
N ASP J 90 20.73 -28.27 40.04
CA ASP J 90 20.76 -26.82 40.19
C ASP J 90 22.07 -26.30 40.78
N THR J 91 22.98 -27.21 41.20
CA THR J 91 24.29 -26.84 41.75
C THR J 91 25.12 -26.16 40.67
N ALA J 92 25.43 -24.86 40.90
CA ALA J 92 26.22 -24.01 40.00
C ALA J 92 26.51 -22.65 40.64
N VAL J 93 27.32 -21.84 39.96
CA VAL J 93 27.62 -20.48 40.37
C VAL J 93 26.60 -19.64 39.60
N TYR J 94 25.72 -18.94 40.33
CA TYR J 94 24.68 -18.11 39.73
C TYR J 94 25.16 -16.70 39.50
N TYR J 95 25.10 -16.27 38.25
CA TYR J 95 25.53 -14.96 37.79
C TYR J 95 24.37 -14.04 37.44
N CYS J 96 24.60 -12.75 37.63
CA CYS J 96 23.68 -11.67 37.34
C CYS J 96 24.38 -10.76 36.35
N GLY J 97 23.83 -10.72 35.14
CA GLY J 97 24.36 -9.92 34.05
C GLY J 97 23.35 -8.87 33.60
N ALA J 98 23.86 -7.73 33.12
CA ALA J 98 23.00 -6.66 32.61
C ALA J 98 23.07 -6.70 31.09
N ARG J 99 21.90 -6.79 30.42
CA ARG J 99 21.77 -6.83 28.96
C ARG J 99 22.43 -5.57 28.40
N ILE J 100 23.55 -5.72 27.68
CA ILE J 100 24.33 -4.62 27.09
C ILE J 100 23.65 -4.08 25.84
N GLY J 101 22.95 -4.96 25.16
CA GLY J 101 22.26 -4.62 23.93
C GLY J 101 21.81 -5.86 23.19
N GLY J 102 22.03 -5.84 21.88
CA GLY J 102 21.57 -6.90 20.99
C GLY J 102 20.07 -6.93 20.96
N SER J 103 19.51 -8.11 20.67
CA SER J 103 18.07 -8.29 20.63
C SER J 103 17.68 -9.73 20.97
N ASP J 104 18.36 -10.32 21.96
CA ASP J 104 18.09 -11.69 22.43
C ASP J 104 18.38 -11.77 23.93
N ARG J 105 17.28 -11.79 24.71
CA ARG J 105 17.22 -11.84 26.16
C ARG J 105 17.82 -13.14 26.76
N LEU J 106 17.92 -14.20 25.94
CA LEU J 106 18.41 -15.54 26.31
C LEU J 106 19.89 -15.81 26.02
N ALA J 107 20.47 -15.05 25.08
CA ALA J 107 21.86 -15.21 24.65
C ALA J 107 22.83 -14.56 25.64
N PRO J 108 23.75 -15.36 26.26
CA PRO J 108 24.70 -14.78 27.23
C PRO J 108 25.67 -13.73 26.66
N GLU J 109 25.86 -13.69 25.32
CA GLU J 109 26.77 -12.74 24.67
C GLU J 109 26.24 -11.30 24.66
N ASN J 110 24.90 -11.11 24.61
CA ASN J 110 24.24 -9.79 24.62
C ASN J 110 24.27 -9.16 26.01
N TYR J 111 24.93 -9.83 26.96
CA TYR J 111 25.01 -9.36 28.33
C TYR J 111 26.37 -8.75 28.64
N GLY J 112 26.50 -8.23 29.86
CA GLY J 112 27.71 -7.58 30.33
C GLY J 112 27.58 -7.07 31.75
N TYR J 113 28.69 -6.52 32.28
CA TYR J 113 28.82 -5.98 33.64
C TYR J 113 28.55 -7.03 34.72
N TRP J 114 28.77 -8.32 34.37
CA TRP J 114 28.58 -9.51 35.21
C TRP J 114 29.22 -9.36 36.59
N GLY J 115 28.55 -9.93 37.58
CA GLY J 115 29.03 -9.93 38.95
C GLY J 115 29.99 -11.09 39.18
N GLN J 116 30.52 -11.18 40.42
CA GLN J 116 31.46 -12.22 40.84
C GLN J 116 30.84 -13.61 40.88
N GLY J 117 29.54 -13.65 41.11
CA GLY J 117 28.75 -14.87 41.17
C GLY J 117 28.45 -15.31 42.59
N THR J 118 27.38 -16.10 42.75
CA THR J 118 26.97 -16.65 44.05
C THR J 118 26.81 -18.17 43.92
N GLN J 119 27.62 -18.92 44.67
CA GLN J 119 27.62 -20.38 44.63
C GLN J 119 26.41 -20.98 45.35
N VAL J 120 25.67 -21.85 44.64
CA VAL J 120 24.54 -22.59 45.19
C VAL J 120 24.86 -24.06 45.07
N THR J 121 24.88 -24.76 46.22
CA THR J 121 25.21 -26.16 46.32
C THR J 121 24.01 -26.97 46.86
N VAL J 122 23.44 -27.85 46.02
CA VAL J 122 22.31 -28.71 46.41
C VAL J 122 22.84 -30.13 46.65
N SER J 123 22.69 -30.61 47.90
CA SER J 123 23.19 -31.90 48.38
C SER J 123 22.14 -33.04 48.44
N SER J 124 22.55 -34.20 49.03
CA SER J 124 21.80 -35.45 49.23
C SER J 124 20.35 -35.24 49.67
#